data_1IM4
# 
_entry.id   1IM4 
# 
_audit_conform.dict_name       mmcif_pdbx.dic 
_audit_conform.dict_version    5.386 
_audit_conform.dict_location   http://mmcif.pdb.org/dictionaries/ascii/mmcif_pdbx.dic 
# 
loop_
_database_2.database_id 
_database_2.database_code 
_database_2.pdbx_database_accession 
_database_2.pdbx_DOI 
PDB   1IM4         pdb_00001im4 10.2210/pdb1im4/pdb 
RCSB  RCSB013403   ?            ?                   
WWPDB D_1000013403 ?            ?                   
# 
loop_
_pdbx_audit_revision_history.ordinal 
_pdbx_audit_revision_history.data_content_type 
_pdbx_audit_revision_history.major_revision 
_pdbx_audit_revision_history.minor_revision 
_pdbx_audit_revision_history.revision_date 
1 'Structure model' 1 0 2001-09-12 
2 'Structure model' 1 1 2008-04-27 
3 'Structure model' 1 2 2011-07-13 
4 'Structure model' 1 3 2024-02-07 
# 
_pdbx_audit_revision_details.ordinal             1 
_pdbx_audit_revision_details.revision_ordinal    1 
_pdbx_audit_revision_details.data_content_type   'Structure model' 
_pdbx_audit_revision_details.provider            repository 
_pdbx_audit_revision_details.type                'Initial release' 
_pdbx_audit_revision_details.description         ? 
_pdbx_audit_revision_details.details             ? 
# 
loop_
_pdbx_audit_revision_group.ordinal 
_pdbx_audit_revision_group.revision_ordinal 
_pdbx_audit_revision_group.data_content_type 
_pdbx_audit_revision_group.group 
1 2 'Structure model' 'Version format compliance' 
2 3 'Structure model' 'Version format compliance' 
3 4 'Structure model' 'Data collection'           
4 4 'Structure model' 'Database references'       
5 4 'Structure model' 'Derived calculations'      
# 
loop_
_pdbx_audit_revision_category.ordinal 
_pdbx_audit_revision_category.revision_ordinal 
_pdbx_audit_revision_category.data_content_type 
_pdbx_audit_revision_category.category 
1 4 'Structure model' chem_comp_atom     
2 4 'Structure model' chem_comp_bond     
3 4 'Structure model' database_2         
4 4 'Structure model' struct_ref_seq_dif 
5 4 'Structure model' struct_site        
# 
loop_
_pdbx_audit_revision_item.ordinal 
_pdbx_audit_revision_item.revision_ordinal 
_pdbx_audit_revision_item.data_content_type 
_pdbx_audit_revision_item.item 
1 4 'Structure model' '_database_2.pdbx_DOI'                
2 4 'Structure model' '_database_2.pdbx_database_accession' 
3 4 'Structure model' '_struct_ref_seq_dif.details'         
4 4 'Structure model' '_struct_site.pdbx_auth_asym_id'      
5 4 'Structure model' '_struct_site.pdbx_auth_comp_id'      
6 4 'Structure model' '_struct_site.pdbx_auth_seq_id'       
# 
_pdbx_database_status.status_code                     REL 
_pdbx_database_status.entry_id                        1IM4 
_pdbx_database_status.recvd_initial_deposition_date   2001-05-09 
_pdbx_database_status.deposit_site                    RCSB 
_pdbx_database_status.process_site                    RCSB 
_pdbx_database_status.status_code_sf                  REL 
_pdbx_database_status.SG_entry                        . 
_pdbx_database_status.pdb_format_compatible           Y 
_pdbx_database_status.status_code_mr                  ? 
_pdbx_database_status.status_code_cs                  ? 
_pdbx_database_status.status_code_nmr_data            ? 
_pdbx_database_status.methods_development_category    ? 
# 
loop_
_audit_author.name 
_audit_author.pdbx_ordinal 
'Pata, J.D.'   1 
'Zhou, B.L.'   2 
'Steitz, T.A.' 3 
# 
loop_
_citation.id 
_citation.title 
_citation.journal_abbrev 
_citation.journal_volume 
_citation.page_first 
_citation.page_last 
_citation.year 
_citation.journal_id_ASTM 
_citation.country 
_citation.journal_id_ISSN 
_citation.journal_id_CSD 
_citation.book_publisher 
_citation.pdbx_database_id_PubMed 
_citation.pdbx_database_id_DOI 
primary 
'Crystal structure of a DinB lesion bypass DNA polymerase catalytic fragment reveals a classic polymerase catalytic domain.' 
Mol.Cell   8   427 437 2001 MOCEFL US 1097-2765 2168 ? 11545744 '10.1016/S1097-2765(01)00310-0' 
1       'Identification of a DinB/UmuC Homolog in the Archeon Sulfolobus solfataricus' Mutat.Res. 357 245 253 1996 ?      NE 
0027-5107 ?    ? ?        '10.1016/0027-5107(96)00164-9'  
# 
loop_
_citation_author.citation_id 
_citation_author.name 
_citation_author.ordinal 
_citation_author.identifier_ORCID 
primary 'Zhou, B.L.'        1  ? 
primary 'Pata, J.D.'        2  ? 
primary 'Steitz, T.A.'      3  ? 
1       'Kulaeva, O.I.'     4  ? 
1       'Koonin, E.V.'      5  ? 
1       'McDonald, J.P.'    6  ? 
1       'Randall, S.K.'     7  ? 
1       'Rabinovich, N.'    8  ? 
1       'Connaughton, J.F.' 9  ? 
1       'Levine, A.S.'      10 ? 
1       'Woodgate, R.'      11 ? 
# 
loop_
_entity.id 
_entity.type 
_entity.src_method 
_entity.pdbx_description 
_entity.formula_weight 
_entity.pdbx_number_of_molecules 
_entity.pdbx_ec 
_entity.pdbx_mutation 
_entity.pdbx_fragment 
_entity.details 
1 polymer     man DBH           24836.789 1   2.7.7.7 ? 'N-terminal catalytic domain (residues 2-216)' ? 
2 non-polymer syn 'SULFATE ION' 96.063    3   ?       ? ?                                              ? 
3 water       nat water         18.015    110 ?       ? ?                                              ? 
# 
_entity_name_com.entity_id   1 
_entity_name_com.name        'DBH bypass polymerase' 
# 
_entity_poly.entity_id                      1 
_entity_poly.type                           'polypeptide(L)' 
_entity_poly.nstd_linkage                   no 
_entity_poly.nstd_monomer                   no 
_entity_poly.pdbx_seq_one_letter_code       
;HHHHHHIVIFVDFDYFFAQVEEVLNPQYKGKPLVVCVYSGRTKTSGAVATANYEARKLGVKAGMPIIKAMQIAPSAIYVP
MRKPIYEAFSNRIMNLLNKHADKIEVASIDEAYLDVTNKVEGNFENGIELARKIKQEILEKEKITVTVGVAPNKILAKII
ADKSKPNGLGVIRPTEVQDFLNELDIDEIPGIGSVLARRLNELGIQKLRDILSKNYNELEK
;
_entity_poly.pdbx_seq_one_letter_code_can   
;HHHHHHIVIFVDFDYFFAQVEEVLNPQYKGKPLVVCVYSGRTKTSGAVATANYEARKLGVKAGMPIIKAMQIAPSAIYVP
MRKPIYEAFSNRIMNLLNKHADKIEVASIDEAYLDVTNKVEGNFENGIELARKIKQEILEKEKITVTVGVAPNKILAKII
ADKSKPNGLGVIRPTEVQDFLNELDIDEIPGIGSVLARRLNELGIQKLRDILSKNYNELEK
;
_entity_poly.pdbx_strand_id                 A 
_entity_poly.pdbx_target_identifier         ? 
# 
loop_
_pdbx_entity_nonpoly.entity_id 
_pdbx_entity_nonpoly.name 
_pdbx_entity_nonpoly.comp_id 
2 'SULFATE ION' SO4 
3 water         HOH 
# 
loop_
_entity_poly_seq.entity_id 
_entity_poly_seq.num 
_entity_poly_seq.mon_id 
_entity_poly_seq.hetero 
1 1   HIS n 
1 2   HIS n 
1 3   HIS n 
1 4   HIS n 
1 5   HIS n 
1 6   HIS n 
1 7   ILE n 
1 8   VAL n 
1 9   ILE n 
1 10  PHE n 
1 11  VAL n 
1 12  ASP n 
1 13  PHE n 
1 14  ASP n 
1 15  TYR n 
1 16  PHE n 
1 17  PHE n 
1 18  ALA n 
1 19  GLN n 
1 20  VAL n 
1 21  GLU n 
1 22  GLU n 
1 23  VAL n 
1 24  LEU n 
1 25  ASN n 
1 26  PRO n 
1 27  GLN n 
1 28  TYR n 
1 29  LYS n 
1 30  GLY n 
1 31  LYS n 
1 32  PRO n 
1 33  LEU n 
1 34  VAL n 
1 35  VAL n 
1 36  CYS n 
1 37  VAL n 
1 38  TYR n 
1 39  SER n 
1 40  GLY n 
1 41  ARG n 
1 42  THR n 
1 43  LYS n 
1 44  THR n 
1 45  SER n 
1 46  GLY n 
1 47  ALA n 
1 48  VAL n 
1 49  ALA n 
1 50  THR n 
1 51  ALA n 
1 52  ASN n 
1 53  TYR n 
1 54  GLU n 
1 55  ALA n 
1 56  ARG n 
1 57  LYS n 
1 58  LEU n 
1 59  GLY n 
1 60  VAL n 
1 61  LYS n 
1 62  ALA n 
1 63  GLY n 
1 64  MET n 
1 65  PRO n 
1 66  ILE n 
1 67  ILE n 
1 68  LYS n 
1 69  ALA n 
1 70  MET n 
1 71  GLN n 
1 72  ILE n 
1 73  ALA n 
1 74  PRO n 
1 75  SER n 
1 76  ALA n 
1 77  ILE n 
1 78  TYR n 
1 79  VAL n 
1 80  PRO n 
1 81  MET n 
1 82  ARG n 
1 83  LYS n 
1 84  PRO n 
1 85  ILE n 
1 86  TYR n 
1 87  GLU n 
1 88  ALA n 
1 89  PHE n 
1 90  SER n 
1 91  ASN n 
1 92  ARG n 
1 93  ILE n 
1 94  MET n 
1 95  ASN n 
1 96  LEU n 
1 97  LEU n 
1 98  ASN n 
1 99  LYS n 
1 100 HIS n 
1 101 ALA n 
1 102 ASP n 
1 103 LYS n 
1 104 ILE n 
1 105 GLU n 
1 106 VAL n 
1 107 ALA n 
1 108 SER n 
1 109 ILE n 
1 110 ASP n 
1 111 GLU n 
1 112 ALA n 
1 113 TYR n 
1 114 LEU n 
1 115 ASP n 
1 116 VAL n 
1 117 THR n 
1 118 ASN n 
1 119 LYS n 
1 120 VAL n 
1 121 GLU n 
1 122 GLY n 
1 123 ASN n 
1 124 PHE n 
1 125 GLU n 
1 126 ASN n 
1 127 GLY n 
1 128 ILE n 
1 129 GLU n 
1 130 LEU n 
1 131 ALA n 
1 132 ARG n 
1 133 LYS n 
1 134 ILE n 
1 135 LYS n 
1 136 GLN n 
1 137 GLU n 
1 138 ILE n 
1 139 LEU n 
1 140 GLU n 
1 141 LYS n 
1 142 GLU n 
1 143 LYS n 
1 144 ILE n 
1 145 THR n 
1 146 VAL n 
1 147 THR n 
1 148 VAL n 
1 149 GLY n 
1 150 VAL n 
1 151 ALA n 
1 152 PRO n 
1 153 ASN n 
1 154 LYS n 
1 155 ILE n 
1 156 LEU n 
1 157 ALA n 
1 158 LYS n 
1 159 ILE n 
1 160 ILE n 
1 161 ALA n 
1 162 ASP n 
1 163 LYS n 
1 164 SER n 
1 165 LYS n 
1 166 PRO n 
1 167 ASN n 
1 168 GLY n 
1 169 LEU n 
1 170 GLY n 
1 171 VAL n 
1 172 ILE n 
1 173 ARG n 
1 174 PRO n 
1 175 THR n 
1 176 GLU n 
1 177 VAL n 
1 178 GLN n 
1 179 ASP n 
1 180 PHE n 
1 181 LEU n 
1 182 ASN n 
1 183 GLU n 
1 184 LEU n 
1 185 ASP n 
1 186 ILE n 
1 187 ASP n 
1 188 GLU n 
1 189 ILE n 
1 190 PRO n 
1 191 GLY n 
1 192 ILE n 
1 193 GLY n 
1 194 SER n 
1 195 VAL n 
1 196 LEU n 
1 197 ALA n 
1 198 ARG n 
1 199 ARG n 
1 200 LEU n 
1 201 ASN n 
1 202 GLU n 
1 203 LEU n 
1 204 GLY n 
1 205 ILE n 
1 206 GLN n 
1 207 LYS n 
1 208 LEU n 
1 209 ARG n 
1 210 ASP n 
1 211 ILE n 
1 212 LEU n 
1 213 SER n 
1 214 LYS n 
1 215 ASN n 
1 216 TYR n 
1 217 ASN n 
1 218 GLU n 
1 219 LEU n 
1 220 GLU n 
1 221 LYS n 
# 
_entity_src_gen.entity_id                          1 
_entity_src_gen.pdbx_src_id                        1 
_entity_src_gen.pdbx_alt_source_flag               sample 
_entity_src_gen.pdbx_seq_type                      ? 
_entity_src_gen.pdbx_beg_seq_num                   ? 
_entity_src_gen.pdbx_end_seq_num                   ? 
_entity_src_gen.gene_src_common_name               ? 
_entity_src_gen.gene_src_genus                     Sulfolobus 
_entity_src_gen.pdbx_gene_src_gene                 DBH 
_entity_src_gen.gene_src_species                   ? 
_entity_src_gen.gene_src_strain                    ? 
_entity_src_gen.gene_src_tissue                    ? 
_entity_src_gen.gene_src_tissue_fraction           ? 
_entity_src_gen.gene_src_details                   ? 
_entity_src_gen.pdbx_gene_src_fragment             ? 
_entity_src_gen.pdbx_gene_src_scientific_name      'Sulfolobus solfataricus' 
_entity_src_gen.pdbx_gene_src_ncbi_taxonomy_id     2287 
_entity_src_gen.pdbx_gene_src_variant              ? 
_entity_src_gen.pdbx_gene_src_cell_line            ? 
_entity_src_gen.pdbx_gene_src_atcc                 ? 
_entity_src_gen.pdbx_gene_src_organ                ? 
_entity_src_gen.pdbx_gene_src_organelle            ? 
_entity_src_gen.pdbx_gene_src_cell                 ? 
_entity_src_gen.pdbx_gene_src_cellular_location    ? 
_entity_src_gen.host_org_common_name               ? 
_entity_src_gen.pdbx_host_org_scientific_name      'Escherichia coli' 
_entity_src_gen.pdbx_host_org_ncbi_taxonomy_id     562 
_entity_src_gen.host_org_genus                     Escherichia 
_entity_src_gen.pdbx_host_org_gene                 ? 
_entity_src_gen.pdbx_host_org_organ                ? 
_entity_src_gen.host_org_species                   ? 
_entity_src_gen.pdbx_host_org_tissue               ? 
_entity_src_gen.pdbx_host_org_tissue_fraction      ? 
_entity_src_gen.pdbx_host_org_strain               'HMS174(DE3)pLysS' 
_entity_src_gen.pdbx_host_org_variant              ? 
_entity_src_gen.pdbx_host_org_cell_line            ? 
_entity_src_gen.pdbx_host_org_atcc                 ? 
_entity_src_gen.pdbx_host_org_culture_collection   ? 
_entity_src_gen.pdbx_host_org_cell                 ? 
_entity_src_gen.pdbx_host_org_organelle            ? 
_entity_src_gen.pdbx_host_org_cellular_location    ? 
_entity_src_gen.pdbx_host_org_vector_type          plasmid 
_entity_src_gen.pdbx_host_org_vector               ? 
_entity_src_gen.host_org_details                   ? 
_entity_src_gen.expression_system_id               ? 
_entity_src_gen.plasmid_name                       pNHis-DBH-216 
_entity_src_gen.plasmid_details                    ? 
_entity_src_gen.pdbx_description                   ? 
# 
loop_
_chem_comp.id 
_chem_comp.type 
_chem_comp.mon_nstd_flag 
_chem_comp.name 
_chem_comp.pdbx_synonyms 
_chem_comp.formula 
_chem_comp.formula_weight 
ALA 'L-peptide linking' y ALANINE         ? 'C3 H7 N O2'     89.093  
ARG 'L-peptide linking' y ARGININE        ? 'C6 H15 N4 O2 1' 175.209 
ASN 'L-peptide linking' y ASPARAGINE      ? 'C4 H8 N2 O3'    132.118 
ASP 'L-peptide linking' y 'ASPARTIC ACID' ? 'C4 H7 N O4'     133.103 
CYS 'L-peptide linking' y CYSTEINE        ? 'C3 H7 N O2 S'   121.158 
GLN 'L-peptide linking' y GLUTAMINE       ? 'C5 H10 N2 O3'   146.144 
GLU 'L-peptide linking' y 'GLUTAMIC ACID' ? 'C5 H9 N O4'     147.129 
GLY 'peptide linking'   y GLYCINE         ? 'C2 H5 N O2'     75.067  
HIS 'L-peptide linking' y HISTIDINE       ? 'C6 H10 N3 O2 1' 156.162 
HOH non-polymer         . WATER           ? 'H2 O'           18.015  
ILE 'L-peptide linking' y ISOLEUCINE      ? 'C6 H13 N O2'    131.173 
LEU 'L-peptide linking' y LEUCINE         ? 'C6 H13 N O2'    131.173 
LYS 'L-peptide linking' y LYSINE          ? 'C6 H15 N2 O2 1' 147.195 
MET 'L-peptide linking' y METHIONINE      ? 'C5 H11 N O2 S'  149.211 
PHE 'L-peptide linking' y PHENYLALANINE   ? 'C9 H11 N O2'    165.189 
PRO 'L-peptide linking' y PROLINE         ? 'C5 H9 N O2'     115.130 
SER 'L-peptide linking' y SERINE          ? 'C3 H7 N O3'     105.093 
SO4 non-polymer         . 'SULFATE ION'   ? 'O4 S -2'        96.063  
THR 'L-peptide linking' y THREONINE       ? 'C4 H9 N O3'     119.119 
TYR 'L-peptide linking' y TYROSINE        ? 'C9 H11 N O3'    181.189 
VAL 'L-peptide linking' y VALINE          ? 'C5 H11 N O2'    117.146 
# 
loop_
_pdbx_poly_seq_scheme.asym_id 
_pdbx_poly_seq_scheme.entity_id 
_pdbx_poly_seq_scheme.seq_id 
_pdbx_poly_seq_scheme.mon_id 
_pdbx_poly_seq_scheme.ndb_seq_num 
_pdbx_poly_seq_scheme.pdb_seq_num 
_pdbx_poly_seq_scheme.auth_seq_num 
_pdbx_poly_seq_scheme.pdb_mon_id 
_pdbx_poly_seq_scheme.auth_mon_id 
_pdbx_poly_seq_scheme.pdb_strand_id 
_pdbx_poly_seq_scheme.pdb_ins_code 
_pdbx_poly_seq_scheme.hetero 
A 1 1   HIS 1   -4  ?   ?   ?   A . n 
A 1 2   HIS 2   -3  -3  HIS HIS A . n 
A 1 3   HIS 3   -2  -2  HIS HIS A . n 
A 1 4   HIS 4   -1  -1  HIS HIS A . n 
A 1 5   HIS 5   0   0   HIS HIS A . n 
A 1 6   HIS 6   1   1   HIS HIS A . n 
A 1 7   ILE 7   2   2   ILE ILE A . n 
A 1 8   VAL 8   3   3   VAL VAL A . n 
A 1 9   ILE 9   4   4   ILE ILE A . n 
A 1 10  PHE 10  5   5   PHE PHE A . n 
A 1 11  VAL 11  6   6   VAL VAL A . n 
A 1 12  ASP 12  7   7   ASP ASP A . n 
A 1 13  PHE 13  8   8   PHE PHE A . n 
A 1 14  ASP 14  9   9   ASP ASP A . n 
A 1 15  TYR 15  10  10  TYR TYR A . n 
A 1 16  PHE 16  11  11  PHE PHE A . n 
A 1 17  PHE 17  12  12  PHE PHE A . n 
A 1 18  ALA 18  13  13  ALA ALA A . n 
A 1 19  GLN 19  14  14  GLN GLN A . n 
A 1 20  VAL 20  15  15  VAL VAL A . n 
A 1 21  GLU 21  16  16  GLU GLU A . n 
A 1 22  GLU 22  17  17  GLU GLU A . n 
A 1 23  VAL 23  18  18  VAL VAL A . n 
A 1 24  LEU 24  19  19  LEU LEU A . n 
A 1 25  ASN 25  20  20  ASN ASN A . n 
A 1 26  PRO 26  21  21  PRO PRO A . n 
A 1 27  GLN 27  22  22  GLN GLN A . n 
A 1 28  TYR 28  23  23  TYR TYR A . n 
A 1 29  LYS 29  24  24  LYS LYS A . n 
A 1 30  GLY 30  25  25  GLY GLY A . n 
A 1 31  LYS 31  26  26  LYS LYS A . n 
A 1 32  PRO 32  27  27  PRO PRO A . n 
A 1 33  LEU 33  28  28  LEU LEU A . n 
A 1 34  VAL 34  29  29  VAL VAL A . n 
A 1 35  VAL 35  30  30  VAL VAL A . n 
A 1 36  CYS 36  31  31  CYS CYS A . n 
A 1 37  VAL 37  32  32  VAL VAL A . n 
A 1 38  TYR 38  33  33  TYR TYR A . n 
A 1 39  SER 39  34  34  SER SER A . n 
A 1 40  GLY 40  35  ?   ?   ?   A . n 
A 1 41  ARG 41  36  ?   ?   ?   A . n 
A 1 42  THR 42  37  ?   ?   ?   A . n 
A 1 43  LYS 43  38  ?   ?   ?   A . n 
A 1 44  THR 44  39  39  THR THR A . n 
A 1 45  SER 45  40  40  SER SER A . n 
A 1 46  GLY 46  41  41  GLY GLY A . n 
A 1 47  ALA 47  42  42  ALA ALA A . n 
A 1 48  VAL 48  43  43  VAL VAL A . n 
A 1 49  ALA 49  44  44  ALA ALA A . n 
A 1 50  THR 50  45  45  THR THR A . n 
A 1 51  ALA 51  46  46  ALA ALA A . n 
A 1 52  ASN 52  47  47  ASN ASN A . n 
A 1 53  TYR 53  48  48  TYR TYR A . n 
A 1 54  GLU 54  49  49  GLU GLU A . n 
A 1 55  ALA 55  50  50  ALA ALA A . n 
A 1 56  ARG 56  51  51  ARG ARG A . n 
A 1 57  LYS 57  52  52  LYS LYS A . n 
A 1 58  LEU 58  53  53  LEU LEU A . n 
A 1 59  GLY 59  54  54  GLY GLY A . n 
A 1 60  VAL 60  55  55  VAL VAL A . n 
A 1 61  LYS 61  56  56  LYS LYS A . n 
A 1 62  ALA 62  57  57  ALA ALA A . n 
A 1 63  GLY 63  58  58  GLY GLY A . n 
A 1 64  MET 64  59  59  MET MET A . n 
A 1 65  PRO 65  60  60  PRO PRO A . n 
A 1 66  ILE 66  61  61  ILE ILE A . n 
A 1 67  ILE 67  62  62  ILE ILE A . n 
A 1 68  LYS 68  63  63  LYS LYS A . n 
A 1 69  ALA 69  64  64  ALA ALA A . n 
A 1 70  MET 70  65  65  MET MET A . n 
A 1 71  GLN 71  66  66  GLN GLN A . n 
A 1 72  ILE 72  67  67  ILE ILE A . n 
A 1 73  ALA 73  68  68  ALA ALA A . n 
A 1 74  PRO 74  69  69  PRO PRO A . n 
A 1 75  SER 75  70  70  SER SER A . n 
A 1 76  ALA 76  71  71  ALA ALA A . n 
A 1 77  ILE 77  72  72  ILE ILE A . n 
A 1 78  TYR 78  73  73  TYR TYR A . n 
A 1 79  VAL 79  74  74  VAL VAL A . n 
A 1 80  PRO 80  75  75  PRO PRO A . n 
A 1 81  MET 81  76  76  MET MET A . n 
A 1 82  ARG 82  77  77  ARG ARG A . n 
A 1 83  LYS 83  78  78  LYS LYS A . n 
A 1 84  PRO 84  79  79  PRO PRO A . n 
A 1 85  ILE 85  80  80  ILE ILE A . n 
A 1 86  TYR 86  81  81  TYR TYR A . n 
A 1 87  GLU 87  82  82  GLU GLU A . n 
A 1 88  ALA 88  83  83  ALA ALA A . n 
A 1 89  PHE 89  84  84  PHE PHE A . n 
A 1 90  SER 90  85  85  SER SER A . n 
A 1 91  ASN 91  86  86  ASN ASN A . n 
A 1 92  ARG 92  87  87  ARG ARG A . n 
A 1 93  ILE 93  88  88  ILE ILE A . n 
A 1 94  MET 94  89  89  MET MET A . n 
A 1 95  ASN 95  90  90  ASN ASN A . n 
A 1 96  LEU 96  91  91  LEU LEU A . n 
A 1 97  LEU 97  92  92  LEU LEU A . n 
A 1 98  ASN 98  93  93  ASN ASN A . n 
A 1 99  LYS 99  94  94  LYS LYS A . n 
A 1 100 HIS 100 95  95  HIS HIS A . n 
A 1 101 ALA 101 96  96  ALA ALA A . n 
A 1 102 ASP 102 97  97  ASP ASP A . n 
A 1 103 LYS 103 98  98  LYS LYS A . n 
A 1 104 ILE 104 99  99  ILE ILE A . n 
A 1 105 GLU 105 100 100 GLU GLU A . n 
A 1 106 VAL 106 101 101 VAL VAL A . n 
A 1 107 ALA 107 102 102 ALA ALA A . n 
A 1 108 SER 108 103 103 SER SER A . n 
A 1 109 ILE 109 104 104 ILE ILE A . n 
A 1 110 ASP 110 105 105 ASP ASP A . n 
A 1 111 GLU 111 106 106 GLU GLU A . n 
A 1 112 ALA 112 107 107 ALA ALA A . n 
A 1 113 TYR 113 108 108 TYR TYR A . n 
A 1 114 LEU 114 109 109 LEU LEU A . n 
A 1 115 ASP 115 110 110 ASP ASP A . n 
A 1 116 VAL 116 111 111 VAL VAL A . n 
A 1 117 THR 117 112 112 THR THR A . n 
A 1 118 ASN 118 113 113 ASN ASN A . n 
A 1 119 LYS 119 114 114 LYS LYS A . n 
A 1 120 VAL 120 115 115 VAL VAL A . n 
A 1 121 GLU 121 116 116 GLU GLU A . n 
A 1 122 GLY 122 117 117 GLY GLY A . n 
A 1 123 ASN 123 118 118 ASN ASN A . n 
A 1 124 PHE 124 119 119 PHE PHE A . n 
A 1 125 GLU 125 120 120 GLU GLU A . n 
A 1 126 ASN 126 121 121 ASN ASN A . n 
A 1 127 GLY 127 122 122 GLY GLY A . n 
A 1 128 ILE 128 123 123 ILE ILE A . n 
A 1 129 GLU 129 124 124 GLU GLU A . n 
A 1 130 LEU 130 125 125 LEU LEU A . n 
A 1 131 ALA 131 126 126 ALA ALA A . n 
A 1 132 ARG 132 127 127 ARG ARG A . n 
A 1 133 LYS 133 128 128 LYS LYS A . n 
A 1 134 ILE 134 129 129 ILE ILE A . n 
A 1 135 LYS 135 130 130 LYS LYS A . n 
A 1 136 GLN 136 131 131 GLN GLN A . n 
A 1 137 GLU 137 132 132 GLU GLU A . n 
A 1 138 ILE 138 133 133 ILE ILE A . n 
A 1 139 LEU 139 134 134 LEU LEU A . n 
A 1 140 GLU 140 135 135 GLU GLU A . n 
A 1 141 LYS 141 136 136 LYS LYS A . n 
A 1 142 GLU 142 137 137 GLU GLU A . n 
A 1 143 LYS 143 138 138 LYS LYS A . n 
A 1 144 ILE 144 139 139 ILE ILE A . n 
A 1 145 THR 145 140 140 THR THR A . n 
A 1 146 VAL 146 141 141 VAL VAL A . n 
A 1 147 THR 147 142 142 THR THR A . n 
A 1 148 VAL 148 143 143 VAL VAL A . n 
A 1 149 GLY 149 144 144 GLY GLY A . n 
A 1 150 VAL 150 145 145 VAL VAL A . n 
A 1 151 ALA 151 146 146 ALA ALA A . n 
A 1 152 PRO 152 147 147 PRO PRO A . n 
A 1 153 ASN 153 148 148 ASN ASN A . n 
A 1 154 LYS 154 149 149 LYS LYS A . n 
A 1 155 ILE 155 150 150 ILE ILE A . n 
A 1 156 LEU 156 151 151 LEU LEU A . n 
A 1 157 ALA 157 152 152 ALA ALA A . n 
A 1 158 LYS 158 153 153 LYS LYS A . n 
A 1 159 ILE 159 154 154 ILE ILE A . n 
A 1 160 ILE 160 155 155 ILE ILE A . n 
A 1 161 ALA 161 156 156 ALA ALA A . n 
A 1 162 ASP 162 157 157 ASP ASP A . n 
A 1 163 LYS 163 158 158 LYS LYS A . n 
A 1 164 SER 164 159 159 SER SER A . n 
A 1 165 LYS 165 160 160 LYS LYS A . n 
A 1 166 PRO 166 161 161 PRO PRO A . n 
A 1 167 ASN 167 162 162 ASN ASN A . n 
A 1 168 GLY 168 163 163 GLY GLY A . n 
A 1 169 LEU 169 164 164 LEU LEU A . n 
A 1 170 GLY 170 165 165 GLY GLY A . n 
A 1 171 VAL 171 166 166 VAL VAL A . n 
A 1 172 ILE 172 167 167 ILE ILE A . n 
A 1 173 ARG 173 168 168 ARG ARG A . n 
A 1 174 PRO 174 169 169 PRO PRO A . n 
A 1 175 THR 175 170 170 THR THR A . n 
A 1 176 GLU 176 171 171 GLU GLU A . n 
A 1 177 VAL 177 172 172 VAL VAL A . n 
A 1 178 GLN 178 173 173 GLN GLN A . n 
A 1 179 ASP 179 174 174 ASP ASP A . n 
A 1 180 PHE 180 175 175 PHE PHE A . n 
A 1 181 LEU 181 176 176 LEU LEU A . n 
A 1 182 ASN 182 177 177 ASN ASN A . n 
A 1 183 GLU 183 178 178 GLU GLU A . n 
A 1 184 LEU 184 179 179 LEU LEU A . n 
A 1 185 ASP 185 180 180 ASP ASP A . n 
A 1 186 ILE 186 181 181 ILE ILE A . n 
A 1 187 ASP 187 182 182 ASP ASP A . n 
A 1 188 GLU 188 183 183 GLU GLU A . n 
A 1 189 ILE 189 184 184 ILE ILE A . n 
A 1 190 PRO 190 185 185 PRO PRO A . n 
A 1 191 GLY 191 186 186 GLY GLY A . n 
A 1 192 ILE 192 187 187 ILE ILE A . n 
A 1 193 GLY 193 188 188 GLY GLY A . n 
A 1 194 SER 194 189 189 SER SER A . n 
A 1 195 VAL 195 190 190 VAL VAL A . n 
A 1 196 LEU 196 191 191 LEU LEU A . n 
A 1 197 ALA 197 192 192 ALA ALA A . n 
A 1 198 ARG 198 193 193 ARG ARG A . n 
A 1 199 ARG 199 194 194 ARG ARG A . n 
A 1 200 LEU 200 195 195 LEU LEU A . n 
A 1 201 ASN 201 196 196 ASN ASN A . n 
A 1 202 GLU 202 197 197 GLU GLU A . n 
A 1 203 LEU 203 198 198 LEU LEU A . n 
A 1 204 GLY 204 199 199 GLY GLY A . n 
A 1 205 ILE 205 200 200 ILE ILE A . n 
A 1 206 GLN 206 201 201 GLN GLN A . n 
A 1 207 LYS 207 202 202 LYS LYS A . n 
A 1 208 LEU 208 203 203 LEU LEU A . n 
A 1 209 ARG 209 204 204 ARG ARG A . n 
A 1 210 ASP 210 205 205 ASP ASP A . n 
A 1 211 ILE 211 206 ?   ?   ?   A . n 
A 1 212 LEU 212 207 ?   ?   ?   A . n 
A 1 213 SER 213 208 ?   ?   ?   A . n 
A 1 214 LYS 214 209 ?   ?   ?   A . n 
A 1 215 ASN 215 210 ?   ?   ?   A . n 
A 1 216 TYR 216 211 ?   ?   ?   A . n 
A 1 217 ASN 217 212 ?   ?   ?   A . n 
A 1 218 GLU 218 213 ?   ?   ?   A . n 
A 1 219 LEU 219 214 ?   ?   ?   A . n 
A 1 220 GLU 220 215 ?   ?   ?   A . n 
A 1 221 LYS 221 216 ?   ?   ?   A . n 
# 
loop_
_pdbx_nonpoly_scheme.asym_id 
_pdbx_nonpoly_scheme.entity_id 
_pdbx_nonpoly_scheme.mon_id 
_pdbx_nonpoly_scheme.ndb_seq_num 
_pdbx_nonpoly_scheme.pdb_seq_num 
_pdbx_nonpoly_scheme.auth_seq_num 
_pdbx_nonpoly_scheme.pdb_mon_id 
_pdbx_nonpoly_scheme.auth_mon_id 
_pdbx_nonpoly_scheme.pdb_strand_id 
_pdbx_nonpoly_scheme.pdb_ins_code 
B 2 SO4 1   2001 2001 SO4 SO4 A . 
C 2 SO4 1   2002 2002 SO4 SO4 A . 
D 2 SO4 1   2003 2003 SO4 SO4 A . 
E 3 HOH 1   2004 1    HOH HOH A . 
E 3 HOH 2   2005 2    HOH HOH A . 
E 3 HOH 3   2006 3    HOH HOH A . 
E 3 HOH 4   2007 4    HOH HOH A . 
E 3 HOH 5   2008 5    HOH HOH A . 
E 3 HOH 6   2009 6    HOH HOH A . 
E 3 HOH 7   2010 7    HOH HOH A . 
E 3 HOH 8   2011 8    HOH HOH A . 
E 3 HOH 9   2012 9    HOH HOH A . 
E 3 HOH 10  2013 10   HOH HOH A . 
E 3 HOH 11  2014 11   HOH HOH A . 
E 3 HOH 12  2015 12   HOH HOH A . 
E 3 HOH 13  2016 13   HOH HOH A . 
E 3 HOH 14  2017 14   HOH HOH A . 
E 3 HOH 15  2018 15   HOH HOH A . 
E 3 HOH 16  2019 16   HOH HOH A . 
E 3 HOH 17  2020 17   HOH HOH A . 
E 3 HOH 18  2021 18   HOH HOH A . 
E 3 HOH 19  2022 19   HOH HOH A . 
E 3 HOH 20  2023 20   HOH HOH A . 
E 3 HOH 21  2024 21   HOH HOH A . 
E 3 HOH 22  2025 22   HOH HOH A . 
E 3 HOH 23  2026 23   HOH HOH A . 
E 3 HOH 24  2027 24   HOH HOH A . 
E 3 HOH 25  2028 25   HOH HOH A . 
E 3 HOH 26  2029 26   HOH HOH A . 
E 3 HOH 27  2030 27   HOH HOH A . 
E 3 HOH 28  2031 28   HOH HOH A . 
E 3 HOH 29  2032 29   HOH HOH A . 
E 3 HOH 30  2033 30   HOH HOH A . 
E 3 HOH 31  2034 31   HOH HOH A . 
E 3 HOH 32  2035 32   HOH HOH A . 
E 3 HOH 33  2036 33   HOH HOH A . 
E 3 HOH 34  2037 34   HOH HOH A . 
E 3 HOH 35  2038 35   HOH HOH A . 
E 3 HOH 36  2039 36   HOH HOH A . 
E 3 HOH 37  2040 37   HOH HOH A . 
E 3 HOH 38  2041 38   HOH HOH A . 
E 3 HOH 39  2042 39   HOH HOH A . 
E 3 HOH 40  2043 40   HOH HOH A . 
E 3 HOH 41  2044 41   HOH HOH A . 
E 3 HOH 42  2045 42   HOH HOH A . 
E 3 HOH 43  2046 43   HOH HOH A . 
E 3 HOH 44  2047 44   HOH HOH A . 
E 3 HOH 45  2048 45   HOH HOH A . 
E 3 HOH 46  2049 46   HOH HOH A . 
E 3 HOH 47  2050 47   HOH HOH A . 
E 3 HOH 48  2051 48   HOH HOH A . 
E 3 HOH 49  2052 49   HOH HOH A . 
E 3 HOH 50  2053 50   HOH HOH A . 
E 3 HOH 51  2054 51   HOH HOH A . 
E 3 HOH 52  2055 52   HOH HOH A . 
E 3 HOH 53  2056 53   HOH HOH A . 
E 3 HOH 54  2057 54   HOH HOH A . 
E 3 HOH 55  2058 55   HOH HOH A . 
E 3 HOH 56  2059 56   HOH HOH A . 
E 3 HOH 57  2060 57   HOH HOH A . 
E 3 HOH 58  2061 58   HOH HOH A . 
E 3 HOH 59  2062 59   HOH HOH A . 
E 3 HOH 60  2063 60   HOH HOH A . 
E 3 HOH 61  2064 61   HOH HOH A . 
E 3 HOH 62  2065 62   HOH HOH A . 
E 3 HOH 63  2066 63   HOH HOH A . 
E 3 HOH 64  2067 64   HOH HOH A . 
E 3 HOH 65  2068 65   HOH HOH A . 
E 3 HOH 66  2069 66   HOH HOH A . 
E 3 HOH 67  2070 67   HOH HOH A . 
E 3 HOH 68  2071 68   HOH HOH A . 
E 3 HOH 69  2072 69   HOH HOH A . 
E 3 HOH 70  2073 70   HOH HOH A . 
E 3 HOH 71  2074 71   HOH HOH A . 
E 3 HOH 72  2075 72   HOH HOH A . 
E 3 HOH 73  2076 73   HOH HOH A . 
E 3 HOH 74  2077 74   HOH HOH A . 
E 3 HOH 75  2078 75   HOH HOH A . 
E 3 HOH 76  2079 76   HOH HOH A . 
E 3 HOH 77  2080 77   HOH HOH A . 
E 3 HOH 78  2081 78   HOH HOH A . 
E 3 HOH 79  2082 79   HOH HOH A . 
E 3 HOH 80  2083 80   HOH HOH A . 
E 3 HOH 81  2084 81   HOH HOH A . 
E 3 HOH 82  2085 82   HOH HOH A . 
E 3 HOH 83  2086 83   HOH HOH A . 
E 3 HOH 84  2087 84   HOH HOH A . 
E 3 HOH 85  2088 85   HOH HOH A . 
E 3 HOH 86  2089 86   HOH HOH A . 
E 3 HOH 87  2090 87   HOH HOH A . 
E 3 HOH 88  2091 88   HOH HOH A . 
E 3 HOH 89  2092 89   HOH HOH A . 
E 3 HOH 90  2093 90   HOH HOH A . 
E 3 HOH 91  2094 91   HOH HOH A . 
E 3 HOH 92  2095 92   HOH HOH A . 
E 3 HOH 93  2096 93   HOH HOH A . 
E 3 HOH 94  2097 94   HOH HOH A . 
E 3 HOH 95  2098 95   HOH HOH A . 
E 3 HOH 96  2099 96   HOH HOH A . 
E 3 HOH 97  2100 97   HOH HOH A . 
E 3 HOH 98  2101 98   HOH HOH A . 
E 3 HOH 99  2102 99   HOH HOH A . 
E 3 HOH 100 2103 100  HOH HOH A . 
E 3 HOH 101 2104 101  HOH HOH A . 
E 3 HOH 102 2105 102  HOH HOH A . 
E 3 HOH 103 2106 103  HOH HOH A . 
E 3 HOH 104 2107 104  HOH HOH A . 
E 3 HOH 105 2108 105  HOH HOH A . 
E 3 HOH 106 2109 106  HOH HOH A . 
E 3 HOH 107 2110 107  HOH HOH A . 
E 3 HOH 108 2111 108  HOH HOH A . 
E 3 HOH 109 2112 109  HOH HOH A . 
E 3 HOH 110 2113 110  HOH HOH A . 
# 
loop_
_software.name 
_software.classification 
_software.version 
_software.citation_id 
_software.pdbx_ordinal 
SOLVE     phasing          .   ? 1 
CNS       refinement       1.0 ? 2 
DENZO     'data reduction' .   ? 3 
SCALEPACK 'data scaling'   .   ? 4 
# 
_cell.entry_id           1IM4 
_cell.length_a           85.988 
_cell.length_b           87.542 
_cell.length_c           76.983 
_cell.angle_alpha        90.00 
_cell.angle_beta         90.00 
_cell.angle_gamma        90.00 
_cell.Z_PDB              8 
_cell.pdbx_unique_axis   ? 
# 
_symmetry.entry_id                         1IM4 
_symmetry.space_group_name_H-M             'C 2 2 21' 
_symmetry.pdbx_full_space_group_name_H-M   ? 
_symmetry.cell_setting                     ? 
_symmetry.Int_Tables_number                20 
# 
_exptl.entry_id          1IM4 
_exptl.method            'X-RAY DIFFRACTION' 
_exptl.crystals_number   1 
# 
_exptl_crystal.id                    1 
_exptl_crystal.density_meas          ? 
_exptl_crystal.density_Matthews      2.9 
_exptl_crystal.density_percent_sol   58 
_exptl_crystal.description           ? 
# 
_exptl_crystal_grow.crystal_id      1 
_exptl_crystal_grow.method          'VAPOR DIFFUSION, HANGING DROP' 
_exptl_crystal_grow.temp            277 
_exptl_crystal_grow.temp_details    ? 
_exptl_crystal_grow.pH              8.0 
_exptl_crystal_grow.pdbx_details    
'ammonium sulfate, magnesium chloride, MPD, Tris-HCl, beta-mercaptoethanol, pH 8.0, VAPOR DIFFUSION, HANGING DROP, temperature 277K' 
_exptl_crystal_grow.pdbx_pH_range   . 
# 
_diffrn.id                     1 
_diffrn.ambient_temp           100 
_diffrn.ambient_temp_details   ? 
_diffrn.crystal_id             1 
# 
_diffrn_detector.diffrn_id              1 
_diffrn_detector.detector               CCD 
_diffrn_detector.type                   'BRANDEIS - B4' 
_diffrn_detector.pdbx_collection_date   2000-08-16 
_diffrn_detector.details                'double crystal monochromator' 
# 
_diffrn_radiation.diffrn_id                        1 
_diffrn_radiation.wavelength_id                    1 
_diffrn_radiation.pdbx_monochromatic_or_laue_m_l   M 
_diffrn_radiation.monochromator                    'double crystal monochromator' 
_diffrn_radiation.pdbx_diffrn_protocol             'SINGLE WAVELENGTH' 
_diffrn_radiation.pdbx_scattering_type             x-ray 
# 
_diffrn_radiation_wavelength.id           1 
_diffrn_radiation_wavelength.wavelength   1.100 
_diffrn_radiation_wavelength.wt           1.0 
# 
_diffrn_source.diffrn_id                   1 
_diffrn_source.source                      SYNCHROTRON 
_diffrn_source.type                        'NSLS BEAMLINE X12C' 
_diffrn_source.pdbx_synchrotron_site       NSLS 
_diffrn_source.pdbx_synchrotron_beamline   X12C 
_diffrn_source.pdbx_wavelength             ? 
_diffrn_source.pdbx_wavelength_list        1.100 
# 
_reflns.entry_id                     1IM4 
_reflns.observed_criterion_sigma_I   -3.0 
_reflns.observed_criterion_sigma_F   0.0 
_reflns.d_resolution_low             30.0 
_reflns.d_resolution_high            2.3 
_reflns.number_obs                   12897 
_reflns.number_all                   12897 
_reflns.percent_possible_obs         97.7 
_reflns.pdbx_Rmerge_I_obs            0.0410000 
_reflns.pdbx_Rsym_value              ? 
_reflns.pdbx_netI_over_sigmaI        38.4 
_reflns.B_iso_Wilson_estimate        38.6 
_reflns.pdbx_redundancy              6.6 
_reflns.R_free_details               ? 
_reflns.limit_h_max                  ? 
_reflns.limit_h_min                  ? 
_reflns.limit_k_max                  ? 
_reflns.limit_k_min                  ? 
_reflns.limit_l_max                  ? 
_reflns.limit_l_min                  ? 
_reflns.observed_criterion_F_max     ? 
_reflns.observed_criterion_F_min     ? 
_reflns.pdbx_diffrn_id               1 
_reflns.pdbx_ordinal                 1 
# 
_reflns_shell.d_res_high             2.3 
_reflns_shell.d_res_low              2.35 
_reflns_shell.percent_possible_all   97.8 
_reflns_shell.Rmerge_I_obs           0.3310000 
_reflns_shell.pdbx_Rsym_value        ? 
_reflns_shell.meanI_over_sigI_obs    3.8 
_reflns_shell.pdbx_redundancy        5.5 
_reflns_shell.percent_possible_obs   ? 
_reflns_shell.number_unique_all      849 
_reflns_shell.pdbx_diffrn_id         ? 
_reflns_shell.pdbx_ordinal           1 
# 
_refine.entry_id                                 1IM4 
_refine.ls_number_reflns_obs                     12634 
_refine.ls_number_reflns_all                     12880 
_refine.pdbx_ls_sigma_I                          0.0 
_refine.pdbx_ls_sigma_F                          2.0 
_refine.pdbx_data_cutoff_high_absF               1260659.26 
_refine.pdbx_data_cutoff_low_absF                0.00 
_refine.ls_d_res_low                             28.91 
_refine.ls_d_res_high                            2.30 
_refine.ls_percent_reflns_obs                    95.6 
_refine.ls_R_factor_obs                          0.2270000 
_refine.ls_R_factor_all                          0.2270000 
_refine.ls_R_factor_R_work                       0.2270000 
_refine.ls_R_factor_R_free                       0.2610000 
_refine.ls_R_factor_R_free_error                 0.008 
_refine.ls_R_factor_R_free_error_details         ? 
_refine.ls_percent_reflns_R_free                 8.5 
_refine.ls_number_reflns_R_free                  1074 
_refine.ls_number_parameters                     ? 
_refine.ls_number_restraints                     ? 
_refine.occupancy_min                            ? 
_refine.occupancy_max                            ? 
_refine.B_iso_mean                               52.1 
_refine.aniso_B[1][1]                            12.62 
_refine.aniso_B[2][2]                            -18.29 
_refine.aniso_B[3][3]                            5.67 
_refine.aniso_B[1][2]                            0.00 
_refine.aniso_B[1][3]                            0.00 
_refine.aniso_B[2][3]                            0.00 
_refine.solvent_model_details                    'FLAT MODEL' 
_refine.solvent_model_param_ksol                 0.31 
_refine.solvent_model_param_bsol                 38.12 
_refine.pdbx_ls_cross_valid_method               THROUGHOUT 
_refine.details                                  ? 
_refine.pdbx_starting_model                      ? 
_refine.pdbx_method_to_determine_struct          MAD 
_refine.pdbx_isotropic_thermal_model             RESTRAINED 
_refine.pdbx_stereochemistry_target_values       'Engh & Huber, as implemented in CNS' 
_refine.pdbx_stereochem_target_val_spec_case     ? 
_refine.pdbx_R_Free_selection_details            RANDOM 
_refine.pdbx_overall_ESU_R_Free                  ? 
_refine.overall_SU_B                             ? 
_refine.ls_redundancy_reflns_obs                 ? 
_refine.B_iso_min                                ? 
_refine.B_iso_max                                ? 
_refine.correlation_coeff_Fo_to_Fc               ? 
_refine.correlation_coeff_Fo_to_Fc_free          ? 
_refine.overall_SU_R_Cruickshank_DPI             ? 
_refine.overall_SU_R_free                        ? 
_refine.overall_SU_ML                            ? 
_refine.pdbx_overall_ESU_R                       ? 
_refine.pdbx_data_cutoff_high_rms_absF           ? 
_refine.pdbx_refine_id                           'X-RAY DIFFRACTION' 
_refine.pdbx_diffrn_id                           1 
_refine.pdbx_TLS_residual_ADP_flag               ? 
_refine.pdbx_solvent_vdw_probe_radii             ? 
_refine.pdbx_solvent_ion_probe_radii             ? 
_refine.pdbx_solvent_shrinkage_radii             ? 
_refine.pdbx_overall_phase_error                 ? 
_refine.pdbx_overall_SU_R_free_Cruickshank_DPI   ? 
_refine.pdbx_overall_SU_R_Blow_DPI               ? 
_refine.pdbx_overall_SU_R_free_Blow_DPI          ? 
# 
_refine_analyze.entry_id                        1IM4 
_refine_analyze.Luzzati_coordinate_error_obs    0.33 
_refine_analyze.Luzzati_sigma_a_obs             0.28 
_refine_analyze.Luzzati_d_res_low_obs           5.00 
_refine_analyze.Luzzati_coordinate_error_free   0.41 
_refine_analyze.Luzzati_sigma_a_free            0.32 
_refine_analyze.Luzzati_d_res_low_free          ? 
_refine_analyze.number_disordered_residues      ? 
_refine_analyze.occupancy_sum_hydrogen          ? 
_refine_analyze.occupancy_sum_non_hydrogen      ? 
_refine_analyze.pdbx_Luzzati_d_res_high_obs     ? 
_refine_analyze.pdbx_refine_id                  'X-RAY DIFFRACTION' 
# 
_refine_hist.pdbx_refine_id                   'X-RAY DIFFRACTION' 
_refine_hist.cycle_id                         LAST 
_refine_hist.pdbx_number_atoms_protein        1612 
_refine_hist.pdbx_number_atoms_nucleic_acid   0 
_refine_hist.pdbx_number_atoms_ligand         15 
_refine_hist.number_atoms_solvent             110 
_refine_hist.number_atoms_total               1737 
_refine_hist.d_res_high                       2.30 
_refine_hist.d_res_low                        28.91 
# 
loop_
_refine_ls_restr.type 
_refine_ls_restr.dev_ideal 
_refine_ls_restr.dev_ideal_target 
_refine_ls_restr.weight 
_refine_ls_restr.number 
_refine_ls_restr.pdbx_refine_id 
_refine_ls_restr.pdbx_restraint_function 
c_bond_d                0.013 ?    ? ? 'X-RAY DIFFRACTION' ? 
c_bond_d_na             ?     ?    ? ? 'X-RAY DIFFRACTION' ? 
c_bond_d_prot           ?     ?    ? ? 'X-RAY DIFFRACTION' ? 
c_angle_d               ?     ?    ? ? 'X-RAY DIFFRACTION' ? 
c_angle_d_na            ?     ?    ? ? 'X-RAY DIFFRACTION' ? 
c_angle_d_prot          ?     ?    ? ? 'X-RAY DIFFRACTION' ? 
c_angle_deg             1.7   ?    ? ? 'X-RAY DIFFRACTION' ? 
c_angle_deg_na          ?     ?    ? ? 'X-RAY DIFFRACTION' ? 
c_angle_deg_prot        ?     ?    ? ? 'X-RAY DIFFRACTION' ? 
c_dihedral_angle_d      23.4  ?    ? ? 'X-RAY DIFFRACTION' ? 
c_dihedral_angle_d_na   ?     ?    ? ? 'X-RAY DIFFRACTION' ? 
c_dihedral_angle_d_prot ?     ?    ? ? 'X-RAY DIFFRACTION' ? 
c_improper_angle_d      1.12  ?    ? ? 'X-RAY DIFFRACTION' ? 
c_improper_angle_d_na   ?     ?    ? ? 'X-RAY DIFFRACTION' ? 
c_improper_angle_d_prot ?     ?    ? ? 'X-RAY DIFFRACTION' ? 
c_mcbond_it             1.41  1.50 ? ? 'X-RAY DIFFRACTION' ? 
c_mcangle_it            2.09  2.00 ? ? 'X-RAY DIFFRACTION' ? 
c_scbond_it             1.48  2.00 ? ? 'X-RAY DIFFRACTION' ? 
c_scangle_it            2.40  2.50 ? ? 'X-RAY DIFFRACTION' ? 
# 
_refine_ls_shell.pdbx_total_number_of_bins_used   10 
_refine_ls_shell.d_res_high                       2.30 
_refine_ls_shell.d_res_low                        2.38 
_refine_ls_shell.number_reflns_R_work             1110 
_refine_ls_shell.R_factor_R_work                  0.3230000 
_refine_ls_shell.percent_reflns_obs               89.5 
_refine_ls_shell.R_factor_R_free                  0.3050000 
_refine_ls_shell.R_factor_R_free_error            0.043 
_refine_ls_shell.percent_reflns_R_free            4.3 
_refine_ls_shell.number_reflns_R_free             50 
_refine_ls_shell.number_reflns_obs                1164 
_refine_ls_shell.redundancy_reflns_obs            ? 
_refine_ls_shell.number_reflns_all                ? 
_refine_ls_shell.pdbx_refine_id                   'X-RAY DIFFRACTION' 
_refine_ls_shell.R_factor_all                     ? 
# 
loop_
_pdbx_xplor_file.serial_no 
_pdbx_xplor_file.param_file 
_pdbx_xplor_file.topol_file 
_pdbx_xplor_file.pdbx_refine_id 
1 PROTEIN_REP.PARAM PROTEIN.TOP   'X-RAY DIFFRACTION' 
2 WATER_REP.PARAM   WATER_REP.TOP 'X-RAY DIFFRACTION' 
3 ION.PARAM         ION.TOP       'X-RAY DIFFRACTION' 
# 
_struct.entry_id                  1IM4 
_struct.title                     
'Crystal Structure of a DinB Homolog (DBH) Lesion Bypass DNA Polymerase Catalytic Fragment from Sulfolobus solfataricus' 
_struct.pdbx_model_details        ? 
_struct.pdbx_CASP_flag            ? 
_struct.pdbx_model_type_details   ? 
# 
_struct_keywords.entry_id        1IM4 
_struct_keywords.pdbx_keywords   TRANSFERASE 
_struct_keywords.text            'DNA polymerase palm, thumb, fingers, helix-hairpin-helix, fidelity, processivity, TRANSFERASE' 
# 
loop_
_struct_asym.id 
_struct_asym.pdbx_blank_PDB_chainid_flag 
_struct_asym.pdbx_modified 
_struct_asym.entity_id 
_struct_asym.details 
A N N 1 ? 
B N N 2 ? 
C N N 2 ? 
D N N 2 ? 
E N N 3 ? 
# 
_struct_ref.id                         1 
_struct_ref.db_name                    UNP 
_struct_ref.db_code                    DPO41_SULSO 
_struct_ref.entity_id                  1 
_struct_ref.pdbx_seq_one_letter_code   
;IVIFVDFDYFFAQVEEVLNPQYKGKPLVVCVYSGRTKTSGAVATANYEARKLGVKAGMPIIKAMQIAPSAIYVPMRKPIY
EAFSNRIMNLLNKHADKIEVASIDEAYLDVTNKVEGNFENGIELARKIKQEILEKEKITVTVGVAPNKILAKIIADKSKP
NGLGVIRPTEVQDFLNELDIDEIPGIGSVLARRLNELGIQKLRDILSKNYNELEK
;
_struct_ref.pdbx_align_begin           2 
_struct_ref.pdbx_db_accession          P96022 
_struct_ref.pdbx_db_isoform            ? 
# 
_struct_ref_seq.align_id                      1 
_struct_ref_seq.ref_id                        1 
_struct_ref_seq.pdbx_PDB_id_code              1IM4 
_struct_ref_seq.pdbx_strand_id                A 
_struct_ref_seq.seq_align_beg                 7 
_struct_ref_seq.pdbx_seq_align_beg_ins_code   ? 
_struct_ref_seq.seq_align_end                 221 
_struct_ref_seq.pdbx_seq_align_end_ins_code   ? 
_struct_ref_seq.pdbx_db_accession             P96022 
_struct_ref_seq.db_align_beg                  2 
_struct_ref_seq.pdbx_db_align_beg_ins_code    ? 
_struct_ref_seq.db_align_end                  216 
_struct_ref_seq.pdbx_db_align_end_ins_code    ? 
_struct_ref_seq.pdbx_auth_seq_align_beg       2 
_struct_ref_seq.pdbx_auth_seq_align_end       216 
# 
loop_
_struct_ref_seq_dif.align_id 
_struct_ref_seq_dif.pdbx_pdb_id_code 
_struct_ref_seq_dif.mon_id 
_struct_ref_seq_dif.pdbx_pdb_strand_id 
_struct_ref_seq_dif.seq_num 
_struct_ref_seq_dif.pdbx_pdb_ins_code 
_struct_ref_seq_dif.pdbx_seq_db_name 
_struct_ref_seq_dif.pdbx_seq_db_accession_code 
_struct_ref_seq_dif.db_mon_id 
_struct_ref_seq_dif.pdbx_seq_db_seq_num 
_struct_ref_seq_dif.details 
_struct_ref_seq_dif.pdbx_auth_seq_num 
_struct_ref_seq_dif.pdbx_ordinal 
1 1IM4 HIS A 1 ? UNP P96022 ? ? 'expression tag' -4 1 
1 1IM4 HIS A 2 ? UNP P96022 ? ? 'expression tag' -3 2 
1 1IM4 HIS A 3 ? UNP P96022 ? ? 'expression tag' -2 3 
1 1IM4 HIS A 4 ? UNP P96022 ? ? 'expression tag' -1 4 
1 1IM4 HIS A 5 ? UNP P96022 ? ? 'expression tag' 0  5 
1 1IM4 HIS A 6 ? UNP P96022 ? ? 'expression tag' 1  6 
# 
_pdbx_struct_assembly.id                   1 
_pdbx_struct_assembly.details              author_defined_assembly 
_pdbx_struct_assembly.method_details       ? 
_pdbx_struct_assembly.oligomeric_details   monomeric 
_pdbx_struct_assembly.oligomeric_count     1 
# 
_pdbx_struct_assembly_gen.assembly_id       1 
_pdbx_struct_assembly_gen.oper_expression   1 
_pdbx_struct_assembly_gen.asym_id_list      A,B,C,D,E 
# 
_pdbx_struct_oper_list.id                   1 
_pdbx_struct_oper_list.type                 'identity operation' 
_pdbx_struct_oper_list.name                 1_555 
_pdbx_struct_oper_list.symmetry_operation   x,y,z 
_pdbx_struct_oper_list.matrix[1][1]         1.0000000000 
_pdbx_struct_oper_list.matrix[1][2]         0.0000000000 
_pdbx_struct_oper_list.matrix[1][3]         0.0000000000 
_pdbx_struct_oper_list.vector[1]            0.0000000000 
_pdbx_struct_oper_list.matrix[2][1]         0.0000000000 
_pdbx_struct_oper_list.matrix[2][2]         1.0000000000 
_pdbx_struct_oper_list.matrix[2][3]         0.0000000000 
_pdbx_struct_oper_list.vector[2]            0.0000000000 
_pdbx_struct_oper_list.matrix[3][1]         0.0000000000 
_pdbx_struct_oper_list.matrix[3][2]         0.0000000000 
_pdbx_struct_oper_list.matrix[3][3]         1.0000000000 
_pdbx_struct_oper_list.vector[3]            0.0000000000 
# 
loop_
_struct_conf.conf_type_id 
_struct_conf.id 
_struct_conf.pdbx_PDB_helix_id 
_struct_conf.beg_label_comp_id 
_struct_conf.beg_label_asym_id 
_struct_conf.beg_label_seq_id 
_struct_conf.pdbx_beg_PDB_ins_code 
_struct_conf.end_label_comp_id 
_struct_conf.end_label_asym_id 
_struct_conf.end_label_seq_id 
_struct_conf.pdbx_end_PDB_ins_code 
_struct_conf.beg_auth_comp_id 
_struct_conf.beg_auth_asym_id 
_struct_conf.beg_auth_seq_id 
_struct_conf.end_auth_comp_id 
_struct_conf.end_auth_asym_id 
_struct_conf.end_auth_seq_id 
_struct_conf.pdbx_PDB_helix_class 
_struct_conf.details 
_struct_conf.pdbx_PDB_helix_length 
HELX_P HELX_P1  1  TYR A 15  ? ASN A 25  ? TYR A 10  ASN A 20  1 ? 11 
HELX_P HELX_P2  2  PRO A 26  ? LYS A 29  ? PRO A 21  LYS A 24  5 ? 4  
HELX_P HELX_P3  3  ASN A 52  ? LYS A 57  ? ASN A 47  LYS A 52  1 ? 6  
HELX_P HELX_P4  4  PRO A 65  ? ALA A 73  ? PRO A 60  ALA A 68  1 ? 9  
HELX_P HELX_P5  5  ARG A 82  ? LYS A 99  ? ARG A 77  LYS A 94  1 ? 18 
HELX_P HELX_P6  6  ASN A 123 ? LYS A 143 ? ASN A 118 LYS A 138 1 ? 21 
HELX_P HELX_P7  7  ASN A 153 ? SER A 164 ? ASN A 148 SER A 159 1 ? 12 
HELX_P HELX_P8  8  ARG A 173 ? THR A 175 ? ARG A 168 THR A 170 5 ? 3  
HELX_P HELX_P9  9  GLU A 176 ? GLU A 183 ? GLU A 171 GLU A 178 1 ? 8  
HELX_P HELX_P10 10 ILE A 186 ? ILE A 189 ? ILE A 181 ILE A 184 5 ? 4  
HELX_P HELX_P11 11 GLY A 193 ? LEU A 203 ? GLY A 188 LEU A 198 1 ? 11 
# 
_struct_conf_type.id          HELX_P 
_struct_conf_type.criteria    ? 
_struct_conf_type.reference   ? 
# 
_struct_mon_prot_cis.pdbx_id                1 
_struct_mon_prot_cis.label_comp_id          LYS 
_struct_mon_prot_cis.label_seq_id           165 
_struct_mon_prot_cis.label_asym_id          A 
_struct_mon_prot_cis.label_alt_id           . 
_struct_mon_prot_cis.pdbx_PDB_ins_code      ? 
_struct_mon_prot_cis.auth_comp_id           LYS 
_struct_mon_prot_cis.auth_seq_id            160 
_struct_mon_prot_cis.auth_asym_id           A 
_struct_mon_prot_cis.pdbx_label_comp_id_2   PRO 
_struct_mon_prot_cis.pdbx_label_seq_id_2    166 
_struct_mon_prot_cis.pdbx_label_asym_id_2   A 
_struct_mon_prot_cis.pdbx_PDB_ins_code_2    ? 
_struct_mon_prot_cis.pdbx_auth_comp_id_2    PRO 
_struct_mon_prot_cis.pdbx_auth_seq_id_2     161 
_struct_mon_prot_cis.pdbx_auth_asym_id_2    A 
_struct_mon_prot_cis.pdbx_PDB_model_num     1 
_struct_mon_prot_cis.pdbx_omega_angle       -1.79 
# 
loop_
_struct_sheet.id 
_struct_sheet.type 
_struct_sheet.number_strands 
_struct_sheet.details 
A ? 5 ? 
B ? 3 ? 
# 
loop_
_struct_sheet_order.sheet_id 
_struct_sheet_order.range_id_1 
_struct_sheet_order.range_id_2 
_struct_sheet_order.offset 
_struct_sheet_order.sense 
A 1 2 ? anti-parallel 
A 2 3 ? anti-parallel 
A 3 4 ? anti-parallel 
A 4 5 ? parallel      
B 1 2 ? anti-parallel 
B 2 3 ? parallel      
# 
loop_
_struct_sheet_range.sheet_id 
_struct_sheet_range.id 
_struct_sheet_range.beg_label_comp_id 
_struct_sheet_range.beg_label_asym_id 
_struct_sheet_range.beg_label_seq_id 
_struct_sheet_range.pdbx_beg_PDB_ins_code 
_struct_sheet_range.end_label_comp_id 
_struct_sheet_range.end_label_asym_id 
_struct_sheet_range.end_label_seq_id 
_struct_sheet_range.pdbx_end_PDB_ins_code 
_struct_sheet_range.beg_auth_comp_id 
_struct_sheet_range.beg_auth_asym_id 
_struct_sheet_range.beg_auth_seq_id 
_struct_sheet_range.end_auth_comp_id 
_struct_sheet_range.end_auth_asym_id 
_struct_sheet_range.end_auth_seq_id 
A 1 LYS A 103 ? SER A 108 ? LYS A 98  SER A 103 
A 2 GLU A 111 ? ASP A 115 ? GLU A 106 ASP A 110 
A 3 VAL A 8   ? PHE A 13  ? VAL A 3   PHE A 8   
A 4 VAL A 146 ? ALA A 151 ? VAL A 141 ALA A 146 
A 5 LEU A 169 ? VAL A 171 ? LEU A 164 VAL A 166 
B 1 GLY A 46  ? ALA A 51  ? GLY A 41  ALA A 46  
B 2 LEU A 33  ? TYR A 38  ? LEU A 28  TYR A 33  
B 3 ILE A 77  ? PRO A 80  ? ILE A 72  PRO A 75  
# 
loop_
_pdbx_struct_sheet_hbond.sheet_id 
_pdbx_struct_sheet_hbond.range_id_1 
_pdbx_struct_sheet_hbond.range_id_2 
_pdbx_struct_sheet_hbond.range_1_label_atom_id 
_pdbx_struct_sheet_hbond.range_1_label_comp_id 
_pdbx_struct_sheet_hbond.range_1_label_asym_id 
_pdbx_struct_sheet_hbond.range_1_label_seq_id 
_pdbx_struct_sheet_hbond.range_1_PDB_ins_code 
_pdbx_struct_sheet_hbond.range_1_auth_atom_id 
_pdbx_struct_sheet_hbond.range_1_auth_comp_id 
_pdbx_struct_sheet_hbond.range_1_auth_asym_id 
_pdbx_struct_sheet_hbond.range_1_auth_seq_id 
_pdbx_struct_sheet_hbond.range_2_label_atom_id 
_pdbx_struct_sheet_hbond.range_2_label_comp_id 
_pdbx_struct_sheet_hbond.range_2_label_asym_id 
_pdbx_struct_sheet_hbond.range_2_label_seq_id 
_pdbx_struct_sheet_hbond.range_2_PDB_ins_code 
_pdbx_struct_sheet_hbond.range_2_auth_atom_id 
_pdbx_struct_sheet_hbond.range_2_auth_comp_id 
_pdbx_struct_sheet_hbond.range_2_auth_asym_id 
_pdbx_struct_sheet_hbond.range_2_auth_seq_id 
A 1 2 N SER A 108 ? N SER A 103 O GLU A 111 ? O GLU A 106 
A 2 3 N LEU A 114 ? N LEU A 109 O ILE A 9   ? O ILE A 4   
A 3 4 O ASP A 12  ? O ASP A 7   N THR A 147 ? N THR A 142 
A 4 5 O VAL A 148 ? O VAL A 143 N GLY A 170 ? N GLY A 165 
B 1 2 N ALA A 49  ? N ALA A 44  O VAL A 35  ? O VAL A 30  
B 2 3 N VAL A 34  ? N VAL A 29  O ILE A 77  ? O ILE A 72  
# 
loop_
_struct_site.id 
_struct_site.pdbx_evidence_code 
_struct_site.pdbx_auth_asym_id 
_struct_site.pdbx_auth_comp_id 
_struct_site.pdbx_auth_seq_id 
_struct_site.pdbx_auth_ins_code 
_struct_site.pdbx_num_residues 
_struct_site.details 
AC1 Software A SO4 2001 ? 10 'BINDING SITE FOR RESIDUE SO4 A 2001' 
AC2 Software A SO4 2002 ? 5  'BINDING SITE FOR RESIDUE SO4 A 2002' 
AC3 Software A SO4 2003 ? 4  'BINDING SITE FOR RESIDUE SO4 A 2003' 
# 
loop_
_struct_site_gen.id 
_struct_site_gen.site_id 
_struct_site_gen.pdbx_num_res 
_struct_site_gen.label_comp_id 
_struct_site_gen.label_asym_id 
_struct_site_gen.label_seq_id 
_struct_site_gen.pdbx_auth_ins_code 
_struct_site_gen.auth_comp_id 
_struct_site_gen.auth_asym_id 
_struct_site_gen.auth_seq_id 
_struct_site_gen.label_atom_id 
_struct_site_gen.label_alt_id 
_struct_site_gen.symmetry 
_struct_site_gen.details 
1  AC1 10 ASP A 14  ? ASP A 9    . ? 1_555 ? 
2  AC1 10 TYR A 15  ? TYR A 10   . ? 1_555 ? 
3  AC1 10 TYR A 53  ? TYR A 48   . ? 1_555 ? 
4  AC1 10 ARG A 56  ? ARG A 51   . ? 1_555 ? 
5  AC1 10 LYS A 165 ? LYS A 160  . ? 1_555 ? 
6  AC1 10 HOH E .   ? HOH A 2010 . ? 1_555 ? 
7  AC1 10 HOH E .   ? HOH A 2035 . ? 1_555 ? 
8  AC1 10 HOH E .   ? HOH A 2068 . ? 1_555 ? 
9  AC1 10 HOH E .   ? HOH A 2069 . ? 1_555 ? 
10 AC1 10 HOH E .   ? HOH A 2086 . ? 1_555 ? 
11 AC2 5  HIS A 5   ? HIS A 0    . ? 1_555 ? 
12 AC2 5  ASN A 25  ? ASN A 20   . ? 7_655 ? 
13 AC2 5  GLN A 27  ? GLN A 22   . ? 6_665 ? 
14 AC2 5  LYS A 31  ? LYS A 26   . ? 6_665 ? 
15 AC2 5  ARG A 82  ? ARG A 77   . ? 7_655 ? 
16 AC3 4  GLY A 193 ? GLY A 188  . ? 1_555 ? 
17 AC3 4  SER A 194 ? SER A 189  . ? 1_555 ? 
18 AC3 4  HOH E .   ? HOH A 2031 . ? 1_555 ? 
19 AC3 4  HOH E .   ? HOH A 2074 . ? 1_555 ? 
# 
_pdbx_validate_rmsd_bond.id                        1 
_pdbx_validate_rmsd_bond.PDB_model_num             1 
_pdbx_validate_rmsd_bond.auth_atom_id_1            CD 
_pdbx_validate_rmsd_bond.auth_asym_id_1            A 
_pdbx_validate_rmsd_bond.auth_comp_id_1            GLU 
_pdbx_validate_rmsd_bond.auth_seq_id_1             124 
_pdbx_validate_rmsd_bond.PDB_ins_code_1            ? 
_pdbx_validate_rmsd_bond.label_alt_id_1            ? 
_pdbx_validate_rmsd_bond.auth_atom_id_2            OE1 
_pdbx_validate_rmsd_bond.auth_asym_id_2            A 
_pdbx_validate_rmsd_bond.auth_comp_id_2            GLU 
_pdbx_validate_rmsd_bond.auth_seq_id_2             124 
_pdbx_validate_rmsd_bond.PDB_ins_code_2            ? 
_pdbx_validate_rmsd_bond.label_alt_id_2            ? 
_pdbx_validate_rmsd_bond.bond_value                1.338 
_pdbx_validate_rmsd_bond.bond_target_value         1.252 
_pdbx_validate_rmsd_bond.bond_deviation            0.086 
_pdbx_validate_rmsd_bond.bond_standard_deviation   0.011 
_pdbx_validate_rmsd_bond.linker_flag               N 
# 
loop_
_pdbx_validate_torsion.id 
_pdbx_validate_torsion.PDB_model_num 
_pdbx_validate_torsion.auth_comp_id 
_pdbx_validate_torsion.auth_asym_id 
_pdbx_validate_torsion.auth_seq_id 
_pdbx_validate_torsion.PDB_ins_code 
_pdbx_validate_torsion.label_alt_id 
_pdbx_validate_torsion.phi 
_pdbx_validate_torsion.psi 
1 1 HIS A -2  ? ? 94.40   20.37   
2 1 HIS A -1  ? ? -145.20 -51.20  
3 1 HIS A 0   ? ? -46.25  -13.72  
4 1 TYR A 10  ? ? 27.24   45.48   
5 1 SER A 103 ? ? -171.55 -176.82 
# 
loop_
_pdbx_unobs_or_zero_occ_residues.id 
_pdbx_unobs_or_zero_occ_residues.PDB_model_num 
_pdbx_unobs_or_zero_occ_residues.polymer_flag 
_pdbx_unobs_or_zero_occ_residues.occupancy_flag 
_pdbx_unobs_or_zero_occ_residues.auth_asym_id 
_pdbx_unobs_or_zero_occ_residues.auth_comp_id 
_pdbx_unobs_or_zero_occ_residues.auth_seq_id 
_pdbx_unobs_or_zero_occ_residues.PDB_ins_code 
_pdbx_unobs_or_zero_occ_residues.label_asym_id 
_pdbx_unobs_or_zero_occ_residues.label_comp_id 
_pdbx_unobs_or_zero_occ_residues.label_seq_id 
1  1 Y 1 A HIS -4  ? A HIS 1   
2  1 Y 1 A GLY 35  ? A GLY 40  
3  1 Y 1 A ARG 36  ? A ARG 41  
4  1 Y 1 A THR 37  ? A THR 42  
5  1 Y 1 A LYS 38  ? A LYS 43  
6  1 Y 1 A ILE 206 ? A ILE 211 
7  1 Y 1 A LEU 207 ? A LEU 212 
8  1 Y 1 A SER 208 ? A SER 213 
9  1 Y 1 A LYS 209 ? A LYS 214 
10 1 Y 1 A ASN 210 ? A ASN 215 
11 1 Y 1 A TYR 211 ? A TYR 216 
12 1 Y 1 A ASN 212 ? A ASN 217 
13 1 Y 1 A GLU 213 ? A GLU 218 
14 1 Y 1 A LEU 214 ? A LEU 219 
15 1 Y 1 A GLU 215 ? A GLU 220 
16 1 Y 1 A LYS 216 ? A LYS 221 
# 
loop_
_chem_comp_atom.comp_id 
_chem_comp_atom.atom_id 
_chem_comp_atom.type_symbol 
_chem_comp_atom.pdbx_aromatic_flag 
_chem_comp_atom.pdbx_stereo_config 
_chem_comp_atom.pdbx_ordinal 
ALA N    N N N 1   
ALA CA   C N S 2   
ALA C    C N N 3   
ALA O    O N N 4   
ALA CB   C N N 5   
ALA OXT  O N N 6   
ALA H    H N N 7   
ALA H2   H N N 8   
ALA HA   H N N 9   
ALA HB1  H N N 10  
ALA HB2  H N N 11  
ALA HB3  H N N 12  
ALA HXT  H N N 13  
ARG N    N N N 14  
ARG CA   C N S 15  
ARG C    C N N 16  
ARG O    O N N 17  
ARG CB   C N N 18  
ARG CG   C N N 19  
ARG CD   C N N 20  
ARG NE   N N N 21  
ARG CZ   C N N 22  
ARG NH1  N N N 23  
ARG NH2  N N N 24  
ARG OXT  O N N 25  
ARG H    H N N 26  
ARG H2   H N N 27  
ARG HA   H N N 28  
ARG HB2  H N N 29  
ARG HB3  H N N 30  
ARG HG2  H N N 31  
ARG HG3  H N N 32  
ARG HD2  H N N 33  
ARG HD3  H N N 34  
ARG HE   H N N 35  
ARG HH11 H N N 36  
ARG HH12 H N N 37  
ARG HH21 H N N 38  
ARG HH22 H N N 39  
ARG HXT  H N N 40  
ASN N    N N N 41  
ASN CA   C N S 42  
ASN C    C N N 43  
ASN O    O N N 44  
ASN CB   C N N 45  
ASN CG   C N N 46  
ASN OD1  O N N 47  
ASN ND2  N N N 48  
ASN OXT  O N N 49  
ASN H    H N N 50  
ASN H2   H N N 51  
ASN HA   H N N 52  
ASN HB2  H N N 53  
ASN HB3  H N N 54  
ASN HD21 H N N 55  
ASN HD22 H N N 56  
ASN HXT  H N N 57  
ASP N    N N N 58  
ASP CA   C N S 59  
ASP C    C N N 60  
ASP O    O N N 61  
ASP CB   C N N 62  
ASP CG   C N N 63  
ASP OD1  O N N 64  
ASP OD2  O N N 65  
ASP OXT  O N N 66  
ASP H    H N N 67  
ASP H2   H N N 68  
ASP HA   H N N 69  
ASP HB2  H N N 70  
ASP HB3  H N N 71  
ASP HD2  H N N 72  
ASP HXT  H N N 73  
CYS N    N N N 74  
CYS CA   C N R 75  
CYS C    C N N 76  
CYS O    O N N 77  
CYS CB   C N N 78  
CYS SG   S N N 79  
CYS OXT  O N N 80  
CYS H    H N N 81  
CYS H2   H N N 82  
CYS HA   H N N 83  
CYS HB2  H N N 84  
CYS HB3  H N N 85  
CYS HG   H N N 86  
CYS HXT  H N N 87  
GLN N    N N N 88  
GLN CA   C N S 89  
GLN C    C N N 90  
GLN O    O N N 91  
GLN CB   C N N 92  
GLN CG   C N N 93  
GLN CD   C N N 94  
GLN OE1  O N N 95  
GLN NE2  N N N 96  
GLN OXT  O N N 97  
GLN H    H N N 98  
GLN H2   H N N 99  
GLN HA   H N N 100 
GLN HB2  H N N 101 
GLN HB3  H N N 102 
GLN HG2  H N N 103 
GLN HG3  H N N 104 
GLN HE21 H N N 105 
GLN HE22 H N N 106 
GLN HXT  H N N 107 
GLU N    N N N 108 
GLU CA   C N S 109 
GLU C    C N N 110 
GLU O    O N N 111 
GLU CB   C N N 112 
GLU CG   C N N 113 
GLU CD   C N N 114 
GLU OE1  O N N 115 
GLU OE2  O N N 116 
GLU OXT  O N N 117 
GLU H    H N N 118 
GLU H2   H N N 119 
GLU HA   H N N 120 
GLU HB2  H N N 121 
GLU HB3  H N N 122 
GLU HG2  H N N 123 
GLU HG3  H N N 124 
GLU HE2  H N N 125 
GLU HXT  H N N 126 
GLY N    N N N 127 
GLY CA   C N N 128 
GLY C    C N N 129 
GLY O    O N N 130 
GLY OXT  O N N 131 
GLY H    H N N 132 
GLY H2   H N N 133 
GLY HA2  H N N 134 
GLY HA3  H N N 135 
GLY HXT  H N N 136 
HIS N    N N N 137 
HIS CA   C N S 138 
HIS C    C N N 139 
HIS O    O N N 140 
HIS CB   C N N 141 
HIS CG   C Y N 142 
HIS ND1  N Y N 143 
HIS CD2  C Y N 144 
HIS CE1  C Y N 145 
HIS NE2  N Y N 146 
HIS OXT  O N N 147 
HIS H    H N N 148 
HIS H2   H N N 149 
HIS HA   H N N 150 
HIS HB2  H N N 151 
HIS HB3  H N N 152 
HIS HD1  H N N 153 
HIS HD2  H N N 154 
HIS HE1  H N N 155 
HIS HE2  H N N 156 
HIS HXT  H N N 157 
HOH O    O N N 158 
HOH H1   H N N 159 
HOH H2   H N N 160 
ILE N    N N N 161 
ILE CA   C N S 162 
ILE C    C N N 163 
ILE O    O N N 164 
ILE CB   C N S 165 
ILE CG1  C N N 166 
ILE CG2  C N N 167 
ILE CD1  C N N 168 
ILE OXT  O N N 169 
ILE H    H N N 170 
ILE H2   H N N 171 
ILE HA   H N N 172 
ILE HB   H N N 173 
ILE HG12 H N N 174 
ILE HG13 H N N 175 
ILE HG21 H N N 176 
ILE HG22 H N N 177 
ILE HG23 H N N 178 
ILE HD11 H N N 179 
ILE HD12 H N N 180 
ILE HD13 H N N 181 
ILE HXT  H N N 182 
LEU N    N N N 183 
LEU CA   C N S 184 
LEU C    C N N 185 
LEU O    O N N 186 
LEU CB   C N N 187 
LEU CG   C N N 188 
LEU CD1  C N N 189 
LEU CD2  C N N 190 
LEU OXT  O N N 191 
LEU H    H N N 192 
LEU H2   H N N 193 
LEU HA   H N N 194 
LEU HB2  H N N 195 
LEU HB3  H N N 196 
LEU HG   H N N 197 
LEU HD11 H N N 198 
LEU HD12 H N N 199 
LEU HD13 H N N 200 
LEU HD21 H N N 201 
LEU HD22 H N N 202 
LEU HD23 H N N 203 
LEU HXT  H N N 204 
LYS N    N N N 205 
LYS CA   C N S 206 
LYS C    C N N 207 
LYS O    O N N 208 
LYS CB   C N N 209 
LYS CG   C N N 210 
LYS CD   C N N 211 
LYS CE   C N N 212 
LYS NZ   N N N 213 
LYS OXT  O N N 214 
LYS H    H N N 215 
LYS H2   H N N 216 
LYS HA   H N N 217 
LYS HB2  H N N 218 
LYS HB3  H N N 219 
LYS HG2  H N N 220 
LYS HG3  H N N 221 
LYS HD2  H N N 222 
LYS HD3  H N N 223 
LYS HE2  H N N 224 
LYS HE3  H N N 225 
LYS HZ1  H N N 226 
LYS HZ2  H N N 227 
LYS HZ3  H N N 228 
LYS HXT  H N N 229 
MET N    N N N 230 
MET CA   C N S 231 
MET C    C N N 232 
MET O    O N N 233 
MET CB   C N N 234 
MET CG   C N N 235 
MET SD   S N N 236 
MET CE   C N N 237 
MET OXT  O N N 238 
MET H    H N N 239 
MET H2   H N N 240 
MET HA   H N N 241 
MET HB2  H N N 242 
MET HB3  H N N 243 
MET HG2  H N N 244 
MET HG3  H N N 245 
MET HE1  H N N 246 
MET HE2  H N N 247 
MET HE3  H N N 248 
MET HXT  H N N 249 
PHE N    N N N 250 
PHE CA   C N S 251 
PHE C    C N N 252 
PHE O    O N N 253 
PHE CB   C N N 254 
PHE CG   C Y N 255 
PHE CD1  C Y N 256 
PHE CD2  C Y N 257 
PHE CE1  C Y N 258 
PHE CE2  C Y N 259 
PHE CZ   C Y N 260 
PHE OXT  O N N 261 
PHE H    H N N 262 
PHE H2   H N N 263 
PHE HA   H N N 264 
PHE HB2  H N N 265 
PHE HB3  H N N 266 
PHE HD1  H N N 267 
PHE HD2  H N N 268 
PHE HE1  H N N 269 
PHE HE2  H N N 270 
PHE HZ   H N N 271 
PHE HXT  H N N 272 
PRO N    N N N 273 
PRO CA   C N S 274 
PRO C    C N N 275 
PRO O    O N N 276 
PRO CB   C N N 277 
PRO CG   C N N 278 
PRO CD   C N N 279 
PRO OXT  O N N 280 
PRO H    H N N 281 
PRO HA   H N N 282 
PRO HB2  H N N 283 
PRO HB3  H N N 284 
PRO HG2  H N N 285 
PRO HG3  H N N 286 
PRO HD2  H N N 287 
PRO HD3  H N N 288 
PRO HXT  H N N 289 
SER N    N N N 290 
SER CA   C N S 291 
SER C    C N N 292 
SER O    O N N 293 
SER CB   C N N 294 
SER OG   O N N 295 
SER OXT  O N N 296 
SER H    H N N 297 
SER H2   H N N 298 
SER HA   H N N 299 
SER HB2  H N N 300 
SER HB3  H N N 301 
SER HG   H N N 302 
SER HXT  H N N 303 
SO4 S    S N N 304 
SO4 O1   O N N 305 
SO4 O2   O N N 306 
SO4 O3   O N N 307 
SO4 O4   O N N 308 
THR N    N N N 309 
THR CA   C N S 310 
THR C    C N N 311 
THR O    O N N 312 
THR CB   C N R 313 
THR OG1  O N N 314 
THR CG2  C N N 315 
THR OXT  O N N 316 
THR H    H N N 317 
THR H2   H N N 318 
THR HA   H N N 319 
THR HB   H N N 320 
THR HG1  H N N 321 
THR HG21 H N N 322 
THR HG22 H N N 323 
THR HG23 H N N 324 
THR HXT  H N N 325 
TYR N    N N N 326 
TYR CA   C N S 327 
TYR C    C N N 328 
TYR O    O N N 329 
TYR CB   C N N 330 
TYR CG   C Y N 331 
TYR CD1  C Y N 332 
TYR CD2  C Y N 333 
TYR CE1  C Y N 334 
TYR CE2  C Y N 335 
TYR CZ   C Y N 336 
TYR OH   O N N 337 
TYR OXT  O N N 338 
TYR H    H N N 339 
TYR H2   H N N 340 
TYR HA   H N N 341 
TYR HB2  H N N 342 
TYR HB3  H N N 343 
TYR HD1  H N N 344 
TYR HD2  H N N 345 
TYR HE1  H N N 346 
TYR HE2  H N N 347 
TYR HH   H N N 348 
TYR HXT  H N N 349 
VAL N    N N N 350 
VAL CA   C N S 351 
VAL C    C N N 352 
VAL O    O N N 353 
VAL CB   C N N 354 
VAL CG1  C N N 355 
VAL CG2  C N N 356 
VAL OXT  O N N 357 
VAL H    H N N 358 
VAL H2   H N N 359 
VAL HA   H N N 360 
VAL HB   H N N 361 
VAL HG11 H N N 362 
VAL HG12 H N N 363 
VAL HG13 H N N 364 
VAL HG21 H N N 365 
VAL HG22 H N N 366 
VAL HG23 H N N 367 
VAL HXT  H N N 368 
# 
loop_
_chem_comp_bond.comp_id 
_chem_comp_bond.atom_id_1 
_chem_comp_bond.atom_id_2 
_chem_comp_bond.value_order 
_chem_comp_bond.pdbx_aromatic_flag 
_chem_comp_bond.pdbx_stereo_config 
_chem_comp_bond.pdbx_ordinal 
ALA N   CA   sing N N 1   
ALA N   H    sing N N 2   
ALA N   H2   sing N N 3   
ALA CA  C    sing N N 4   
ALA CA  CB   sing N N 5   
ALA CA  HA   sing N N 6   
ALA C   O    doub N N 7   
ALA C   OXT  sing N N 8   
ALA CB  HB1  sing N N 9   
ALA CB  HB2  sing N N 10  
ALA CB  HB3  sing N N 11  
ALA OXT HXT  sing N N 12  
ARG N   CA   sing N N 13  
ARG N   H    sing N N 14  
ARG N   H2   sing N N 15  
ARG CA  C    sing N N 16  
ARG CA  CB   sing N N 17  
ARG CA  HA   sing N N 18  
ARG C   O    doub N N 19  
ARG C   OXT  sing N N 20  
ARG CB  CG   sing N N 21  
ARG CB  HB2  sing N N 22  
ARG CB  HB3  sing N N 23  
ARG CG  CD   sing N N 24  
ARG CG  HG2  sing N N 25  
ARG CG  HG3  sing N N 26  
ARG CD  NE   sing N N 27  
ARG CD  HD2  sing N N 28  
ARG CD  HD3  sing N N 29  
ARG NE  CZ   sing N N 30  
ARG NE  HE   sing N N 31  
ARG CZ  NH1  sing N N 32  
ARG CZ  NH2  doub N N 33  
ARG NH1 HH11 sing N N 34  
ARG NH1 HH12 sing N N 35  
ARG NH2 HH21 sing N N 36  
ARG NH2 HH22 sing N N 37  
ARG OXT HXT  sing N N 38  
ASN N   CA   sing N N 39  
ASN N   H    sing N N 40  
ASN N   H2   sing N N 41  
ASN CA  C    sing N N 42  
ASN CA  CB   sing N N 43  
ASN CA  HA   sing N N 44  
ASN C   O    doub N N 45  
ASN C   OXT  sing N N 46  
ASN CB  CG   sing N N 47  
ASN CB  HB2  sing N N 48  
ASN CB  HB3  sing N N 49  
ASN CG  OD1  doub N N 50  
ASN CG  ND2  sing N N 51  
ASN ND2 HD21 sing N N 52  
ASN ND2 HD22 sing N N 53  
ASN OXT HXT  sing N N 54  
ASP N   CA   sing N N 55  
ASP N   H    sing N N 56  
ASP N   H2   sing N N 57  
ASP CA  C    sing N N 58  
ASP CA  CB   sing N N 59  
ASP CA  HA   sing N N 60  
ASP C   O    doub N N 61  
ASP C   OXT  sing N N 62  
ASP CB  CG   sing N N 63  
ASP CB  HB2  sing N N 64  
ASP CB  HB3  sing N N 65  
ASP CG  OD1  doub N N 66  
ASP CG  OD2  sing N N 67  
ASP OD2 HD2  sing N N 68  
ASP OXT HXT  sing N N 69  
CYS N   CA   sing N N 70  
CYS N   H    sing N N 71  
CYS N   H2   sing N N 72  
CYS CA  C    sing N N 73  
CYS CA  CB   sing N N 74  
CYS CA  HA   sing N N 75  
CYS C   O    doub N N 76  
CYS C   OXT  sing N N 77  
CYS CB  SG   sing N N 78  
CYS CB  HB2  sing N N 79  
CYS CB  HB3  sing N N 80  
CYS SG  HG   sing N N 81  
CYS OXT HXT  sing N N 82  
GLN N   CA   sing N N 83  
GLN N   H    sing N N 84  
GLN N   H2   sing N N 85  
GLN CA  C    sing N N 86  
GLN CA  CB   sing N N 87  
GLN CA  HA   sing N N 88  
GLN C   O    doub N N 89  
GLN C   OXT  sing N N 90  
GLN CB  CG   sing N N 91  
GLN CB  HB2  sing N N 92  
GLN CB  HB3  sing N N 93  
GLN CG  CD   sing N N 94  
GLN CG  HG2  sing N N 95  
GLN CG  HG3  sing N N 96  
GLN CD  OE1  doub N N 97  
GLN CD  NE2  sing N N 98  
GLN NE2 HE21 sing N N 99  
GLN NE2 HE22 sing N N 100 
GLN OXT HXT  sing N N 101 
GLU N   CA   sing N N 102 
GLU N   H    sing N N 103 
GLU N   H2   sing N N 104 
GLU CA  C    sing N N 105 
GLU CA  CB   sing N N 106 
GLU CA  HA   sing N N 107 
GLU C   O    doub N N 108 
GLU C   OXT  sing N N 109 
GLU CB  CG   sing N N 110 
GLU CB  HB2  sing N N 111 
GLU CB  HB3  sing N N 112 
GLU CG  CD   sing N N 113 
GLU CG  HG2  sing N N 114 
GLU CG  HG3  sing N N 115 
GLU CD  OE1  doub N N 116 
GLU CD  OE2  sing N N 117 
GLU OE2 HE2  sing N N 118 
GLU OXT HXT  sing N N 119 
GLY N   CA   sing N N 120 
GLY N   H    sing N N 121 
GLY N   H2   sing N N 122 
GLY CA  C    sing N N 123 
GLY CA  HA2  sing N N 124 
GLY CA  HA3  sing N N 125 
GLY C   O    doub N N 126 
GLY C   OXT  sing N N 127 
GLY OXT HXT  sing N N 128 
HIS N   CA   sing N N 129 
HIS N   H    sing N N 130 
HIS N   H2   sing N N 131 
HIS CA  C    sing N N 132 
HIS CA  CB   sing N N 133 
HIS CA  HA   sing N N 134 
HIS C   O    doub N N 135 
HIS C   OXT  sing N N 136 
HIS CB  CG   sing N N 137 
HIS CB  HB2  sing N N 138 
HIS CB  HB3  sing N N 139 
HIS CG  ND1  sing Y N 140 
HIS CG  CD2  doub Y N 141 
HIS ND1 CE1  doub Y N 142 
HIS ND1 HD1  sing N N 143 
HIS CD2 NE2  sing Y N 144 
HIS CD2 HD2  sing N N 145 
HIS CE1 NE2  sing Y N 146 
HIS CE1 HE1  sing N N 147 
HIS NE2 HE2  sing N N 148 
HIS OXT HXT  sing N N 149 
HOH O   H1   sing N N 150 
HOH O   H2   sing N N 151 
ILE N   CA   sing N N 152 
ILE N   H    sing N N 153 
ILE N   H2   sing N N 154 
ILE CA  C    sing N N 155 
ILE CA  CB   sing N N 156 
ILE CA  HA   sing N N 157 
ILE C   O    doub N N 158 
ILE C   OXT  sing N N 159 
ILE CB  CG1  sing N N 160 
ILE CB  CG2  sing N N 161 
ILE CB  HB   sing N N 162 
ILE CG1 CD1  sing N N 163 
ILE CG1 HG12 sing N N 164 
ILE CG1 HG13 sing N N 165 
ILE CG2 HG21 sing N N 166 
ILE CG2 HG22 sing N N 167 
ILE CG2 HG23 sing N N 168 
ILE CD1 HD11 sing N N 169 
ILE CD1 HD12 sing N N 170 
ILE CD1 HD13 sing N N 171 
ILE OXT HXT  sing N N 172 
LEU N   CA   sing N N 173 
LEU N   H    sing N N 174 
LEU N   H2   sing N N 175 
LEU CA  C    sing N N 176 
LEU CA  CB   sing N N 177 
LEU CA  HA   sing N N 178 
LEU C   O    doub N N 179 
LEU C   OXT  sing N N 180 
LEU CB  CG   sing N N 181 
LEU CB  HB2  sing N N 182 
LEU CB  HB3  sing N N 183 
LEU CG  CD1  sing N N 184 
LEU CG  CD2  sing N N 185 
LEU CG  HG   sing N N 186 
LEU CD1 HD11 sing N N 187 
LEU CD1 HD12 sing N N 188 
LEU CD1 HD13 sing N N 189 
LEU CD2 HD21 sing N N 190 
LEU CD2 HD22 sing N N 191 
LEU CD2 HD23 sing N N 192 
LEU OXT HXT  sing N N 193 
LYS N   CA   sing N N 194 
LYS N   H    sing N N 195 
LYS N   H2   sing N N 196 
LYS CA  C    sing N N 197 
LYS CA  CB   sing N N 198 
LYS CA  HA   sing N N 199 
LYS C   O    doub N N 200 
LYS C   OXT  sing N N 201 
LYS CB  CG   sing N N 202 
LYS CB  HB2  sing N N 203 
LYS CB  HB3  sing N N 204 
LYS CG  CD   sing N N 205 
LYS CG  HG2  sing N N 206 
LYS CG  HG3  sing N N 207 
LYS CD  CE   sing N N 208 
LYS CD  HD2  sing N N 209 
LYS CD  HD3  sing N N 210 
LYS CE  NZ   sing N N 211 
LYS CE  HE2  sing N N 212 
LYS CE  HE3  sing N N 213 
LYS NZ  HZ1  sing N N 214 
LYS NZ  HZ2  sing N N 215 
LYS NZ  HZ3  sing N N 216 
LYS OXT HXT  sing N N 217 
MET N   CA   sing N N 218 
MET N   H    sing N N 219 
MET N   H2   sing N N 220 
MET CA  C    sing N N 221 
MET CA  CB   sing N N 222 
MET CA  HA   sing N N 223 
MET C   O    doub N N 224 
MET C   OXT  sing N N 225 
MET CB  CG   sing N N 226 
MET CB  HB2  sing N N 227 
MET CB  HB3  sing N N 228 
MET CG  SD   sing N N 229 
MET CG  HG2  sing N N 230 
MET CG  HG3  sing N N 231 
MET SD  CE   sing N N 232 
MET CE  HE1  sing N N 233 
MET CE  HE2  sing N N 234 
MET CE  HE3  sing N N 235 
MET OXT HXT  sing N N 236 
PHE N   CA   sing N N 237 
PHE N   H    sing N N 238 
PHE N   H2   sing N N 239 
PHE CA  C    sing N N 240 
PHE CA  CB   sing N N 241 
PHE CA  HA   sing N N 242 
PHE C   O    doub N N 243 
PHE C   OXT  sing N N 244 
PHE CB  CG   sing N N 245 
PHE CB  HB2  sing N N 246 
PHE CB  HB3  sing N N 247 
PHE CG  CD1  doub Y N 248 
PHE CG  CD2  sing Y N 249 
PHE CD1 CE1  sing Y N 250 
PHE CD1 HD1  sing N N 251 
PHE CD2 CE2  doub Y N 252 
PHE CD2 HD2  sing N N 253 
PHE CE1 CZ   doub Y N 254 
PHE CE1 HE1  sing N N 255 
PHE CE2 CZ   sing Y N 256 
PHE CE2 HE2  sing N N 257 
PHE CZ  HZ   sing N N 258 
PHE OXT HXT  sing N N 259 
PRO N   CA   sing N N 260 
PRO N   CD   sing N N 261 
PRO N   H    sing N N 262 
PRO CA  C    sing N N 263 
PRO CA  CB   sing N N 264 
PRO CA  HA   sing N N 265 
PRO C   O    doub N N 266 
PRO C   OXT  sing N N 267 
PRO CB  CG   sing N N 268 
PRO CB  HB2  sing N N 269 
PRO CB  HB3  sing N N 270 
PRO CG  CD   sing N N 271 
PRO CG  HG2  sing N N 272 
PRO CG  HG3  sing N N 273 
PRO CD  HD2  sing N N 274 
PRO CD  HD3  sing N N 275 
PRO OXT HXT  sing N N 276 
SER N   CA   sing N N 277 
SER N   H    sing N N 278 
SER N   H2   sing N N 279 
SER CA  C    sing N N 280 
SER CA  CB   sing N N 281 
SER CA  HA   sing N N 282 
SER C   O    doub N N 283 
SER C   OXT  sing N N 284 
SER CB  OG   sing N N 285 
SER CB  HB2  sing N N 286 
SER CB  HB3  sing N N 287 
SER OG  HG   sing N N 288 
SER OXT HXT  sing N N 289 
SO4 S   O1   doub N N 290 
SO4 S   O2   doub N N 291 
SO4 S   O3   sing N N 292 
SO4 S   O4   sing N N 293 
THR N   CA   sing N N 294 
THR N   H    sing N N 295 
THR N   H2   sing N N 296 
THR CA  C    sing N N 297 
THR CA  CB   sing N N 298 
THR CA  HA   sing N N 299 
THR C   O    doub N N 300 
THR C   OXT  sing N N 301 
THR CB  OG1  sing N N 302 
THR CB  CG2  sing N N 303 
THR CB  HB   sing N N 304 
THR OG1 HG1  sing N N 305 
THR CG2 HG21 sing N N 306 
THR CG2 HG22 sing N N 307 
THR CG2 HG23 sing N N 308 
THR OXT HXT  sing N N 309 
TYR N   CA   sing N N 310 
TYR N   H    sing N N 311 
TYR N   H2   sing N N 312 
TYR CA  C    sing N N 313 
TYR CA  CB   sing N N 314 
TYR CA  HA   sing N N 315 
TYR C   O    doub N N 316 
TYR C   OXT  sing N N 317 
TYR CB  CG   sing N N 318 
TYR CB  HB2  sing N N 319 
TYR CB  HB3  sing N N 320 
TYR CG  CD1  doub Y N 321 
TYR CG  CD2  sing Y N 322 
TYR CD1 CE1  sing Y N 323 
TYR CD1 HD1  sing N N 324 
TYR CD2 CE2  doub Y N 325 
TYR CD2 HD2  sing N N 326 
TYR CE1 CZ   doub Y N 327 
TYR CE1 HE1  sing N N 328 
TYR CE2 CZ   sing Y N 329 
TYR CE2 HE2  sing N N 330 
TYR CZ  OH   sing N N 331 
TYR OH  HH   sing N N 332 
TYR OXT HXT  sing N N 333 
VAL N   CA   sing N N 334 
VAL N   H    sing N N 335 
VAL N   H2   sing N N 336 
VAL CA  C    sing N N 337 
VAL CA  CB   sing N N 338 
VAL CA  HA   sing N N 339 
VAL C   O    doub N N 340 
VAL C   OXT  sing N N 341 
VAL CB  CG1  sing N N 342 
VAL CB  CG2  sing N N 343 
VAL CB  HB   sing N N 344 
VAL CG1 HG11 sing N N 345 
VAL CG1 HG12 sing N N 346 
VAL CG1 HG13 sing N N 347 
VAL CG2 HG21 sing N N 348 
VAL CG2 HG22 sing N N 349 
VAL CG2 HG23 sing N N 350 
VAL OXT HXT  sing N N 351 
# 
_atom_sites.entry_id                    1IM4 
_atom_sites.fract_transf_matrix[1][1]   0.00618864 
_atom_sites.fract_transf_matrix[1][2]   0.00957234 
_atom_sites.fract_transf_matrix[1][3]   0.00230825 
_atom_sites.fract_transf_matrix[2][1]   0.00515657 
_atom_sites.fract_transf_matrix[2][2]   -0.00541599 
_atom_sites.fract_transf_matrix[2][3]   0.00863491 
_atom_sites.fract_transf_matrix[3][1]   0.00930451 
_atom_sites.fract_transf_matrix[3][2]   -0.00406135 
_atom_sites.fract_transf_matrix[3][3]   -0.00810380 
_atom_sites.fract_transf_vector[1]      0.672005 
_atom_sites.fract_transf_vector[2]      0.749445 
_atom_sites.fract_transf_vector[3]      0.144156 
# 
loop_
_atom_type.symbol 
C 
N 
O 
S 
# 
loop_
_atom_site.group_PDB 
_atom_site.id 
_atom_site.type_symbol 
_atom_site.label_atom_id 
_atom_site.label_alt_id 
_atom_site.label_comp_id 
_atom_site.label_asym_id 
_atom_site.label_entity_id 
_atom_site.label_seq_id 
_atom_site.pdbx_PDB_ins_code 
_atom_site.Cartn_x 
_atom_site.Cartn_y 
_atom_site.Cartn_z 
_atom_site.occupancy 
_atom_site.B_iso_or_equiv 
_atom_site.pdbx_formal_charge 
_atom_site.auth_seq_id 
_atom_site.auth_comp_id 
_atom_site.auth_asym_id 
_atom_site.auth_atom_id 
_atom_site.pdbx_PDB_model_num 
ATOM   1    N N   . HIS A 1 2   ? 19.469  -14.475 7.999   1.00 76.90  ? -3   HIS A N   1 
ATOM   2    C CA  . HIS A 1 2   ? 19.863  -13.027 7.974   1.00 77.59  ? -3   HIS A CA  1 
ATOM   3    C C   . HIS A 1 2   ? 19.160  -12.195 9.034   1.00 76.99  ? -3   HIS A C   1 
ATOM   4    O O   . HIS A 1 2   ? 19.236  -12.508 10.220  1.00 77.43  ? -3   HIS A O   1 
ATOM   5    C CB  . HIS A 1 2   ? 19.606  -12.407 6.578   1.00 78.56  ? -3   HIS A CB  1 
ATOM   6    C CG  . HIS A 1 2   ? 20.737  -12.595 5.602   1.00 79.70  ? -3   HIS A CG  1 
ATOM   7    N ND1 . HIS A 1 2   ? 20.582  -12.453 4.240   1.00 80.73  ? -3   HIS A ND1 1 
ATOM   8    C CD2 . HIS A 1 2   ? 22.042  -12.930 5.797   1.00 79.93  ? -3   HIS A CD2 1 
ATOM   9    C CE1 . HIS A 1 2   ? 21.735  -12.698 3.634   1.00 80.78  ? -3   HIS A CE1 1 
ATOM   10   N NE2 . HIS A 1 2   ? 22.635  -12.988 4.557   1.00 80.01  ? -3   HIS A NE2 1 
ATOM   11   N N   . HIS A 1 3   ? 18.474  -11.146 8.587   1.00 76.22  ? -2   HIS A N   1 
ATOM   12   C CA  . HIS A 1 3   ? 17.752  -10.202 9.443   1.00 75.77  ? -2   HIS A CA  1 
ATOM   13   C C   . HIS A 1 3   ? 18.689  -9.043  9.709   1.00 76.18  ? -2   HIS A C   1 
ATOM   14   O O   . HIS A 1 3   ? 18.519  -8.261  10.657  1.00 76.50  ? -2   HIS A O   1 
ATOM   15   C CB  . HIS A 1 3   ? 17.300  -10.858 10.747  1.00 74.23  ? -2   HIS A CB  1 
ATOM   16   C CG  . HIS A 1 3   ? 16.260  -11.909 10.541  1.00 72.78  ? -2   HIS A CG  1 
ATOM   17   N ND1 . HIS A 1 3   ? 15.859  -12.777 11.540  1.00 72.72  ? -2   HIS A ND1 1 
ATOM   18   C CD2 . HIS A 1 3   ? 15.546  -12.252 9.444   1.00 71.80  ? -2   HIS A CD2 1 
ATOM   19   C CE1 . HIS A 1 3   ? 14.953  -13.603 11.062  1.00 72.39  ? -2   HIS A CE1 1 
ATOM   20   N NE2 . HIS A 1 3   ? 14.741  -13.310 9.790   1.00 71.40  ? -2   HIS A NE2 1 
ATOM   21   N N   . HIS A 1 4   ? 19.670  -8.947  8.820   1.00 76.37  ? -1   HIS A N   1 
ATOM   22   C CA  . HIS A 1 4   ? 20.680  -7.912  8.850   1.00 76.64  ? -1   HIS A CA  1 
ATOM   23   C C   . HIS A 1 4   ? 21.065  -7.527  7.414   1.00 76.46  ? -1   HIS A C   1 
ATOM   24   O O   . HIS A 1 4   ? 21.050  -6.340  7.071   1.00 77.18  ? -1   HIS A O   1 
ATOM   25   C CB  . HIS A 1 4   ? 21.909  -8.417  9.596   1.00 76.81  ? -1   HIS A CB  1 
ATOM   26   C CG  . HIS A 1 4   ? 22.392  -9.759  9.122   1.00 76.70  ? -1   HIS A CG  1 
ATOM   27   N ND1 . HIS A 1 4   ? 22.095  -10.933 9.781   1.00 76.75  ? -1   HIS A ND1 1 
ATOM   28   C CD2 . HIS A 1 4   ? 23.159  -10.105 8.062   1.00 76.28  ? -1   HIS A CD2 1 
ATOM   29   C CE1 . HIS A 1 4   ? 22.663  -11.946 9.148   1.00 76.55  ? -1   HIS A CE1 1 
ATOM   30   N NE2 . HIS A 1 4   ? 23.315  -11.471 8.101   1.00 76.49  ? -1   HIS A NE2 1 
ATOM   31   N N   . HIS A 1 5   ? 21.397  -8.527  6.582   1.00 75.81  ? 0    HIS A N   1 
ATOM   32   C CA  . HIS A 1 5   ? 21.804  -8.326  5.169   1.00 74.56  ? 0    HIS A CA  1 
ATOM   33   C C   . HIS A 1 5   ? 20.876  -7.367  4.442   1.00 71.95  ? 0    HIS A C   1 
ATOM   34   O O   . HIS A 1 5   ? 21.186  -6.884  3.344   1.00 71.30  ? 0    HIS A O   1 
ATOM   35   C CB  . HIS A 1 5   ? 21.828  -9.660  4.411   1.00 77.19  ? 0    HIS A CB  1 
ATOM   36   C CG  . HIS A 1 5   ? 22.548  -9.599  3.083   1.00 80.05  ? 0    HIS A CG  1 
ATOM   37   N ND1 . HIS A 1 5   ? 23.818  -9.096  2.949   1.00 80.60  ? 0    HIS A ND1 1 
ATOM   38   C CD2 . HIS A 1 5   ? 22.160  -10.010 1.847   1.00 80.76  ? 0    HIS A CD2 1 
ATOM   39   C CE1 . HIS A 1 5   ? 24.197  -9.192  1.674   1.00 80.95  ? 0    HIS A CE1 1 
ATOM   40   N NE2 . HIS A 1 5   ? 23.212  -9.741  0.996   1.00 81.08  ? 0    HIS A NE2 1 
ATOM   41   N N   . HIS A 1 6   ? 19.735  -7.105  5.072   1.00 68.84  ? 1    HIS A N   1 
ATOM   42   C CA  . HIS A 1 6   ? 18.772  -6.188  4.537   1.00 66.59  ? 1    HIS A CA  1 
ATOM   43   C C   . HIS A 1 6   ? 18.107  -5.273  5.596   1.00 63.52  ? 1    HIS A C   1 
ATOM   44   O O   . HIS A 1 6   ? 17.956  -5.607  6.791   1.00 62.51  ? 1    HIS A O   1 
ATOM   45   C CB  . HIS A 1 6   ? 17.664  -6.945  3.793   1.00 68.66  ? 1    HIS A CB  1 
ATOM   46   C CG  . HIS A 1 6   ? 18.146  -7.809  2.656   1.00 70.10  ? 1    HIS A CG  1 
ATOM   47   N ND1 . HIS A 1 6   ? 18.662  -7.290  1.499   1.00 69.79  ? 1    HIS A ND1 1 
ATOM   48   C CD2 . HIS A 1 6   ? 18.128  -9.160  2.509   1.00 70.34  ? 1    HIS A CD2 1 
ATOM   49   C CE1 . HIS A 1 6   ? 18.949  -8.291  0.665   1.00 70.47  ? 1    HIS A CE1 1 
ATOM   50   N NE2 . HIS A 1 6   ? 18.635  -9.425  1.254   1.00 70.39  ? 1    HIS A NE2 1 
ATOM   51   N N   . ILE A 1 7   ? 17.732  -4.104  5.091   1.00 59.96  ? 2    ILE A N   1 
ATOM   52   C CA  . ILE A 1 7   ? 17.017  -3.059  5.797   1.00 56.42  ? 2    ILE A CA  1 
ATOM   53   C C   . ILE A 1 7   ? 16.150  -2.631  4.638   1.00 52.75  ? 2    ILE A C   1 
ATOM   54   O O   . ILE A 1 7   ? 16.640  -1.992  3.701   1.00 52.54  ? 2    ILE A O   1 
ATOM   55   C CB  . ILE A 1 7   ? 17.888  -1.850  6.185   1.00 56.75  ? 2    ILE A CB  1 
ATOM   56   C CG1 . ILE A 1 7   ? 18.769  -2.181  7.390   1.00 57.29  ? 2    ILE A CG1 1 
ATOM   57   C CG2 . ILE A 1 7   ? 16.992  -0.684  6.528   1.00 56.37  ? 2    ILE A CG2 1 
ATOM   58   C CD1 . ILE A 1 7   ? 17.982  -2.435  8.639   1.00 56.88  ? 2    ILE A CD1 1 
ATOM   59   N N   . VAL A 1 8   ? 14.879  -3.024  4.674   1.00 49.02  ? 3    VAL A N   1 
ATOM   60   C CA  . VAL A 1 8   ? 13.973  -2.683  3.592   1.00 45.56  ? 3    VAL A CA  1 
ATOM   61   C C   . VAL A 1 8   ? 12.863  -1.736  3.978   1.00 43.65  ? 3    VAL A C   1 
ATOM   62   O O   . VAL A 1 8   ? 12.244  -1.849  5.044   1.00 42.52  ? 3    VAL A O   1 
ATOM   63   C CB  . VAL A 1 8   ? 13.288  -3.945  2.956   1.00 44.70  ? 3    VAL A CB  1 
ATOM   64   C CG1 . VAL A 1 8   ? 12.299  -3.510  1.842   1.00 41.13  ? 3    VAL A CG1 1 
ATOM   65   C CG2 . VAL A 1 8   ? 14.342  -4.869  2.381   1.00 42.71  ? 3    VAL A CG2 1 
ATOM   66   N N   . ILE A 1 9   ? 12.637  -0.798  3.070   1.00 43.72  ? 4    ILE A N   1 
ATOM   67   C CA  . ILE A 1 9   ? 11.574  0.173   3.184   1.00 42.60  ? 4    ILE A CA  1 
ATOM   68   C C   . ILE A 1 9   ? 10.607  -0.054  2.040   1.00 40.55  ? 4    ILE A C   1 
ATOM   69   O O   . ILE A 1 9   ? 10.933  0.169   0.864   1.00 39.02  ? 4    ILE A O   1 
ATOM   70   C CB  . ILE A 1 9   ? 12.059  1.624   3.059   1.00 43.73  ? 4    ILE A CB  1 
ATOM   71   C CG1 . ILE A 1 9   ? 13.011  1.966   4.203   1.00 43.56  ? 4    ILE A CG1 1 
ATOM   72   C CG2 . ILE A 1 9   ? 10.830  2.581   3.104   1.00 43.48  ? 4    ILE A CG2 1 
ATOM   73   C CD1 . ILE A 1 9   ? 13.568  3.381   4.128   1.00 42.49  ? 4    ILE A CD1 1 
ATOM   74   N N   . PHE A 1 10  ? 9.419   -0.519  2.404   1.00 40.29  ? 5    PHE A N   1 
ATOM   75   C CA  . PHE A 1 10  ? 8.322   -0.736  1.462   1.00 39.58  ? 5    PHE A CA  1 
ATOM   76   C C   . PHE A 1 10  ? 7.426   0.532   1.444   1.00 38.37  ? 5    PHE A C   1 
ATOM   77   O O   . PHE A 1 10  ? 7.054   1.027   2.494   1.00 38.34  ? 5    PHE A O   1 
ATOM   78   C CB  . PHE A 1 10  ? 7.442   -1.911  1.908   1.00 37.83  ? 5    PHE A CB  1 
ATOM   79   C CG  . PHE A 1 10  ? 6.251   -2.145  1.012   1.00 37.20  ? 5    PHE A CG  1 
ATOM   80   C CD1 . PHE A 1 10  ? 6.424   -2.342  -0.359  1.00 35.87  ? 5    PHE A CD1 1 
ATOM   81   C CD2 . PHE A 1 10  ? 4.957   -2.159  1.532   1.00 37.18  ? 5    PHE A CD2 1 
ATOM   82   C CE1 . PHE A 1 10  ? 5.318   -2.582  -1.199  1.00 36.69  ? 5    PHE A CE1 1 
ATOM   83   C CE2 . PHE A 1 10  ? 3.856   -2.398  0.713   1.00 37.23  ? 5    PHE A CE2 1 
ATOM   84   C CZ  . PHE A 1 10  ? 4.033   -2.599  -0.664  1.00 36.46  ? 5    PHE A CZ  1 
ATOM   85   N N   . VAL A 1 11  ? 7.065   1.019   0.257   1.00 37.95  ? 6    VAL A N   1 
ATOM   86   C CA  . VAL A 1 11  ? 6.210   2.187   0.129   1.00 37.28  ? 6    VAL A CA  1 
ATOM   87   C C   . VAL A 1 11  ? 4.941   1.823   -0.628  1.00 37.31  ? 6    VAL A C   1 
ATOM   88   O O   . VAL A 1 11  ? 4.985   1.211   -1.721  1.00 36.62  ? 6    VAL A O   1 
ATOM   89   C CB  . VAL A 1 11  ? 6.921   3.327   -0.601  1.00 37.96  ? 6    VAL A CB  1 
ATOM   90   C CG1 . VAL A 1 11  ? 6.008   4.592   -0.633  1.00 36.20  ? 6    VAL A CG1 1 
ATOM   91   C CG2 . VAL A 1 11  ? 8.223   3.646   0.127   1.00 37.00  ? 6    VAL A CG2 1 
ATOM   92   N N   . ASP A 1 12  ? 3.802   2.215   -0.054  1.00 36.55  ? 7    ASP A N   1 
ATOM   93   C CA  . ASP A 1 12  ? 2.507   1.889   -0.633  1.00 36.80  ? 7    ASP A CA  1 
ATOM   94   C C   . ASP A 1 12  ? 1.607   3.099   -0.604  1.00 36.53  ? 7    ASP A C   1 
ATOM   95   O O   . ASP A 1 12  ? 1.213   3.525   0.450   1.00 39.53  ? 7    ASP A O   1 
ATOM   96   C CB  . ASP A 1 12  ? 1.909   0.747   0.178   1.00 36.38  ? 7    ASP A CB  1 
ATOM   97   C CG  . ASP A 1 12  ? 0.656   0.211   -0.412  1.00 37.43  ? 7    ASP A CG  1 
ATOM   98   O OD1 . ASP A 1 12  ? 0.358   -0.978  -0.218  1.00 39.98  ? 7    ASP A OD1 1 
ATOM   99   O OD2 . ASP A 1 12  ? -0.054  0.967   -1.059  1.00 39.95  ? 7    ASP A OD2 1 
ATOM   100  N N   . PHE A 1 13  ? 1.250   3.631   -1.758  1.00 36.42  ? 8    PHE A N   1 
ATOM   101  C CA  . PHE A 1 13  ? 0.419   4.830   -1.813  1.00 37.79  ? 8    PHE A CA  1 
ATOM   102  C C   . PHE A 1 13  ? -1.019  4.594   -1.345  1.00 37.17  ? 8    PHE A C   1 
ATOM   103  O O   . PHE A 1 13  ? -1.673  3.643   -1.773  1.00 38.60  ? 8    PHE A O   1 
ATOM   104  C CB  . PHE A 1 13  ? 0.390   5.393   -3.232  1.00 37.21  ? 8    PHE A CB  1 
ATOM   105  C CG  . PHE A 1 13  ? 1.736   5.487   -3.886  1.00 38.56  ? 8    PHE A CG  1 
ATOM   106  C CD1 . PHE A 1 13  ? 1.826   5.608   -5.266  1.00 39.01  ? 8    PHE A CD1 1 
ATOM   107  C CD2 . PHE A 1 13  ? 2.915   5.473   -3.133  1.00 39.17  ? 8    PHE A CD2 1 
ATOM   108  C CE1 . PHE A 1 13  ? 3.061   5.710   -5.895  1.00 38.84  ? 8    PHE A CE1 1 
ATOM   109  C CE2 . PHE A 1 13  ? 4.147   5.575   -3.748  1.00 39.34  ? 8    PHE A CE2 1 
ATOM   110  C CZ  . PHE A 1 13  ? 4.224   5.694   -5.140  1.00 38.78  ? 8    PHE A CZ  1 
ATOM   111  N N   . ASP A 1 14  ? -1.525  5.481   -0.498  1.00 36.36  ? 9    ASP A N   1 
ATOM   112  C CA  . ASP A 1 14  ? -2.894  5.333   0.011   1.00 36.54  ? 9    ASP A CA  1 
ATOM   113  C C   . ASP A 1 14  ? -3.983  5.654   -1.014  1.00 35.22  ? 9    ASP A C   1 
ATOM   114  O O   . ASP A 1 14  ? -3.922  6.707   -1.662  1.00 34.98  ? 9    ASP A O   1 
ATOM   115  C CB  . ASP A 1 14  ? -3.069  6.194   1.256   1.00 36.08  ? 9    ASP A CB  1 
ATOM   116  C CG  . ASP A 1 14  ? -2.220  5.725   2.412   1.00 37.50  ? 9    ASP A CG  1 
ATOM   117  O OD1 . ASP A 1 14  ? -2.083  6.480   3.376   1.00 39.08  ? 9    ASP A OD1 1 
ATOM   118  O OD2 . ASP A 1 14  ? -1.682  4.598   2.380   1.00 40.03  ? 9    ASP A OD2 1 
ATOM   119  N N   . TYR A 1 15  ? -4.965  4.737   -1.138  1.00 34.75  ? 10   TYR A N   1 
ATOM   120  C CA  . TYR A 1 15  ? -6.105  4.828   -2.085  1.00 36.04  ? 10   TYR A CA  1 
ATOM   121  C C   . TYR A 1 15  ? -5.736  5.653   -3.311  1.00 35.54  ? 10   TYR A C   1 
ATOM   122  O O   . TYR A 1 15  ? -6.516  6.480   -3.808  1.00 37.83  ? 10   TYR A O   1 
ATOM   123  C CB  . TYR A 1 15  ? -7.378  5.388   -1.386  1.00 36.66  ? 10   TYR A CB  1 
ATOM   124  C CG  . TYR A 1 15  ? -7.266  6.802   -0.786  1.00 39.79  ? 10   TYR A CG  1 
ATOM   125  C CD1 . TYR A 1 15  ? -8.057  7.845   -1.275  1.00 40.08  ? 10   TYR A CD1 1 
ATOM   126  C CD2 . TYR A 1 15  ? -6.377  7.092   0.272   1.00 40.25  ? 10   TYR A CD2 1 
ATOM   127  C CE1 . TYR A 1 15  ? -7.967  9.141   -0.754  1.00 40.94  ? 10   TYR A CE1 1 
ATOM   128  C CE2 . TYR A 1 15  ? -6.270  8.406   0.808   1.00 41.91  ? 10   TYR A CE2 1 
ATOM   129  C CZ  . TYR A 1 15  ? -7.079  9.429   0.284   1.00 41.51  ? 10   TYR A CZ  1 
ATOM   130  O OH  . TYR A 1 15  ? -6.981  10.739  0.736   1.00 39.52  ? 10   TYR A OH  1 
ATOM   131  N N   . PHE A 1 16  ? -4.553  5.357   -3.834  1.00 34.98  ? 11   PHE A N   1 
ATOM   132  C CA  . PHE A 1 16  ? -3.946  6.101   -4.938  1.00 33.04  ? 11   PHE A CA  1 
ATOM   133  C C   . PHE A 1 16  ? -4.793  6.792   -6.008  1.00 33.02  ? 11   PHE A C   1 
ATOM   134  O O   . PHE A 1 16  ? -4.763  8.017   -6.087  1.00 32.91  ? 11   PHE A O   1 
ATOM   135  C CB  . PHE A 1 16  ? -2.847  5.258   -5.615  1.00 31.16  ? 11   PHE A CB  1 
ATOM   136  C CG  . PHE A 1 16  ? -1.892  6.074   -6.447  1.00 28.42  ? 11   PHE A CG  1 
ATOM   137  C CD1 . PHE A 1 16  ? -1.233  7.172   -5.884  1.00 28.87  ? 11   PHE A CD1 1 
ATOM   138  C CD2 . PHE A 1 16  ? -1.679  5.772   -7.773  1.00 28.68  ? 11   PHE A CD2 1 
ATOM   139  C CE1 . PHE A 1 16  ? -0.353  7.960   -6.622  1.00 27.90  ? 11   PHE A CE1 1 
ATOM   140  C CE2 . PHE A 1 16  ? -0.785  6.552   -8.558  1.00 28.45  ? 11   PHE A CE2 1 
ATOM   141  C CZ  . PHE A 1 16  ? -0.125  7.661   -7.977  1.00 28.92  ? 11   PHE A CZ  1 
ATOM   142  N N   . PHE A 1 17  ? -5.521  6.060   -6.846  1.00 34.89  ? 12   PHE A N   1 
ATOM   143  C CA  . PHE A 1 17  ? -6.313  6.732   -7.890  1.00 36.32  ? 12   PHE A CA  1 
ATOM   144  C C   . PHE A 1 17  ? -7.295  7.773   -7.388  1.00 37.49  ? 12   PHE A C   1 
ATOM   145  O O   . PHE A 1 17  ? -7.473  8.818   -8.009  1.00 39.55  ? 12   PHE A O   1 
ATOM   146  C CB  . PHE A 1 17  ? -7.108  5.722   -8.703  1.00 37.76  ? 12   PHE A CB  1 
ATOM   147  C CG  . PHE A 1 17  ? -6.258  4.787   -9.484  1.00 37.42  ? 12   PHE A CG  1 
ATOM   148  C CD1 . PHE A 1 17  ? -6.836  3.775   -10.242 1.00 38.01  ? 12   PHE A CD1 1 
ATOM   149  C CD2 . PHE A 1 17  ? -4.871  4.915   -9.464  1.00 36.73  ? 12   PHE A CD2 1 
ATOM   150  C CE1 . PHE A 1 17  ? -6.021  2.875   -10.959 1.00 38.10  ? 12   PHE A CE1 1 
ATOM   151  C CE2 . PHE A 1 17  ? -4.059  4.026   -10.168 1.00 36.20  ? 12   PHE A CE2 1 
ATOM   152  C CZ  . PHE A 1 17  ? -4.629  3.016   -10.922 1.00 36.13  ? 12   PHE A CZ  1 
ATOM   153  N N   . ALA A 1 18  ? -7.965  7.462   -6.288  1.00 37.71  ? 13   ALA A N   1 
ATOM   154  C CA  . ALA A 1 18  ? -8.931  8.366   -5.712  1.00 37.66  ? 13   ALA A CA  1 
ATOM   155  C C   . ALA A 1 18  ? -8.186  9.516   -5.062  1.00 38.82  ? 13   ALA A C   1 
ATOM   156  O O   . ALA A 1 18  ? -8.669  10.650  -5.108  1.00 37.91  ? 13   ALA A O   1 
ATOM   157  C CB  . ALA A 1 18  ? -9.801  7.638   -4.672  1.00 36.76  ? 13   ALA A CB  1 
ATOM   158  N N   . GLN A 1 19  ? -7.014  9.237   -4.478  1.00 39.83  ? 14   GLN A N   1 
ATOM   159  C CA  . GLN A 1 19  ? -6.270  10.305  -3.814  1.00 39.98  ? 14   GLN A CA  1 
ATOM   160  C C   . GLN A 1 19  ? -5.725  11.292  -4.837  1.00 40.64  ? 14   GLN A C   1 
ATOM   161  O O   . GLN A 1 19  ? -5.821  12.518  -4.629  1.00 41.51  ? 14   GLN A O   1 
ATOM   162  C CB  . GLN A 1 19  ? -5.134  9.786   -2.923  1.00 39.15  ? 14   GLN A CB  1 
ATOM   163  C CG  . GLN A 1 19  ? -4.630  10.878  -1.949  1.00 39.85  ? 14   GLN A CG  1 
ATOM   164  C CD  . GLN A 1 19  ? -3.299  10.546  -1.275  1.00 42.06  ? 14   GLN A CD  1 
ATOM   165  O OE1 . GLN A 1 19  ? -2.637  11.417  -0.700  1.00 41.30  ? 14   GLN A OE1 1 
ATOM   166  N NE2 . GLN A 1 19  ? -2.905  9.272   -1.334  1.00 43.47  ? 14   GLN A NE2 1 
ATOM   167  N N   . VAL A 1 20  ? -5.166  10.791  -5.937  1.00 40.45  ? 15   VAL A N   1 
ATOM   168  C CA  . VAL A 1 20  ? -4.691  11.712  -6.972  1.00 39.08  ? 15   VAL A CA  1 
ATOM   169  C C   . VAL A 1 20  ? -5.892  12.628  -7.350  1.00 40.16  ? 15   VAL A C   1 
ATOM   170  O O   . VAL A 1 20  ? -5.746  13.854  -7.421  1.00 39.97  ? 15   VAL A O   1 
ATOM   171  C CB  . VAL A 1 20  ? -4.198  10.976  -8.246  1.00 37.98  ? 15   VAL A CB  1 
ATOM   172  C CG1 . VAL A 1 20  ? -3.858  12.020  -9.356  1.00 37.42  ? 15   VAL A CG1 1 
ATOM   173  C CG2 . VAL A 1 20  ? -2.920  10.128  -7.927  1.00 37.76  ? 15   VAL A CG2 1 
ATOM   174  N N   . GLU A 1 21  ? -7.074  12.046  -7.577  1.00 40.71  ? 16   GLU A N   1 
ATOM   175  C CA  . GLU A 1 21  ? -8.248  12.863  -7.925  1.00 40.29  ? 16   GLU A CA  1 
ATOM   176  C C   . GLU A 1 21  ? -8.530  13.943  -6.859  1.00 40.10  ? 16   GLU A C   1 
ATOM   177  O O   . GLU A 1 21  ? -8.838  15.069  -7.205  1.00 39.93  ? 16   GLU A O   1 
ATOM   178  C CB  . GLU A 1 21  ? -9.480  11.984  -8.133  1.00 39.93  ? 16   GLU A CB  1 
ATOM   179  C CG  . GLU A 1 21  ? -9.418  11.103  -9.361  1.00 40.17  ? 16   GLU A CG  1 
ATOM   180  C CD  . GLU A 1 21  ? -9.495  11.883  -10.658 1.00 42.98  ? 16   GLU A CD  1 
ATOM   181  O OE1 . GLU A 1 21  ? -9.253  11.300  -11.740 1.00 43.14  ? 16   GLU A OE1 1 
ATOM   182  O OE2 . GLU A 1 21  ? -9.818  13.088  -10.608 1.00 45.00  ? 16   GLU A OE2 1 
ATOM   183  N N   . GLU A 1 22  ? -8.414  13.614  -5.573  1.00 41.39  ? 17   GLU A N   1 
ATOM   184  C CA  . GLU A 1 22  ? -8.605  14.592  -4.497  1.00 41.70  ? 17   GLU A CA  1 
ATOM   185  C C   . GLU A 1 22  ? -7.513  15.697  -4.599  1.00 44.09  ? 17   GLU A C   1 
ATOM   186  O O   . GLU A 1 22  ? -7.758  16.890  -4.331  1.00 43.75  ? 17   GLU A O   1 
ATOM   187  C CB  . GLU A 1 22  ? -8.492  13.919  -3.115  1.00 40.80  ? 17   GLU A CB  1 
ATOM   188  C CG  . GLU A 1 22  ? -9.593  12.941  -2.766  1.00 39.16  ? 17   GLU A CG  1 
ATOM   189  C CD  . GLU A 1 22  ? -9.462  12.370  -1.338  1.00 39.38  ? 17   GLU A CD  1 
ATOM   190  O OE1 . GLU A 1 22  ? -8.421  12.621  -0.666  1.00 39.76  ? 17   GLU A OE1 1 
ATOM   191  O OE2 . GLU A 1 22  ? -10.391 11.657  -0.901  1.00 36.84  ? 17   GLU A OE2 1 
ATOM   192  N N   . VAL A 1 23  ? -6.296  15.313  -4.967  1.00 45.28  ? 18   VAL A N   1 
ATOM   193  C CA  . VAL A 1 23  ? -5.262  16.322  -5.087  1.00 46.08  ? 18   VAL A CA  1 
ATOM   194  C C   . VAL A 1 23  ? -5.612  17.292  -6.205  1.00 47.96  ? 18   VAL A C   1 
ATOM   195  O O   . VAL A 1 23  ? -5.402  18.496  -6.058  1.00 49.13  ? 18   VAL A O   1 
ATOM   196  C CB  . VAL A 1 23  ? -3.852  15.720  -5.383  1.00 45.94  ? 18   VAL A CB  1 
ATOM   197  C CG1 . VAL A 1 23  ? -2.844  16.866  -5.738  1.00 43.56  ? 18   VAL A CG1 1 
ATOM   198  C CG2 . VAL A 1 23  ? -3.340  14.963  -4.155  1.00 45.06  ? 18   VAL A CG2 1 
ATOM   199  N N   . LEU A 1 24  ? -6.121  16.783  -7.322  1.00 48.90  ? 19   LEU A N   1 
ATOM   200  C CA  . LEU A 1 24  ? -6.473  17.651  -8.443  1.00 49.93  ? 19   LEU A CA  1 
ATOM   201  C C   . LEU A 1 24  ? -7.758  18.442  -8.223  1.00 51.12  ? 19   LEU A C   1 
ATOM   202  O O   . LEU A 1 24  ? -7.863  19.576  -8.669  1.00 53.01  ? 19   LEU A O   1 
ATOM   203  C CB  . LEU A 1 24  ? -6.586  16.846  -9.734  1.00 50.06  ? 19   LEU A CB  1 
ATOM   204  C CG  . LEU A 1 24  ? -5.252  16.261  -10.232 1.00 49.54  ? 19   LEU A CG  1 
ATOM   205  C CD1 . LEU A 1 24  ? -5.447  15.564  -11.532 1.00 49.07  ? 19   LEU A CD1 1 
ATOM   206  C CD2 . LEU A 1 24  ? -4.244  17.367  -10.417 1.00 50.02  ? 19   LEU A CD2 1 
ATOM   207  N N   . ASN A 1 25  ? -8.726  17.857  -7.527  1.00 51.01  ? 20   ASN A N   1 
ATOM   208  C CA  . ASN A 1 25  ? -9.994  18.523  -7.244  1.00 51.23  ? 20   ASN A CA  1 
ATOM   209  C C   . ASN A 1 25  ? -10.167 18.550  -5.717  1.00 50.18  ? 20   ASN A C   1 
ATOM   210  O O   . ASN A 1 25  ? -10.841 17.703  -5.161  1.00 49.03  ? 20   ASN A O   1 
ATOM   211  C CB  . ASN A 1 25  ? -11.153 17.727  -7.867  1.00 54.54  ? 20   ASN A CB  1 
ATOM   212  C CG  . ASN A 1 25  ? -10.941 17.402  -9.357  1.00 58.36  ? 20   ASN A CG  1 
ATOM   213  O OD1 . ASN A 1 25  ? -11.549 18.023  -10.241 1.00 60.04  ? 20   ASN A OD1 1 
ATOM   214  N ND2 . ASN A 1 25  ? -10.075 16.414  -9.637  1.00 59.39  ? 20   ASN A ND2 1 
ATOM   215  N N   . PRO A 1 26  ? -9.562  19.522  -5.028  1.00 50.52  ? 21   PRO A N   1 
ATOM   216  C CA  . PRO A 1 26  ? -9.621  19.680  -3.565  1.00 52.35  ? 21   PRO A CA  1 
ATOM   217  C C   . PRO A 1 26  ? -11.007 19.569  -2.936  1.00 53.94  ? 21   PRO A C   1 
ATOM   218  O O   . PRO A 1 26  ? -11.136 19.223  -1.760  1.00 55.06  ? 21   PRO A O   1 
ATOM   219  C CB  . PRO A 1 26  ? -9.022  21.065  -3.332  1.00 51.79  ? 21   PRO A CB  1 
ATOM   220  C CG  . PRO A 1 26  ? -8.110  21.243  -4.467  1.00 50.53  ? 21   PRO A CG  1 
ATOM   221  C CD  . PRO A 1 26  ? -8.864  20.664  -5.639  1.00 50.81  ? 21   PRO A CD  1 
ATOM   222  N N   . GLN A 1 27  ? -12.044 19.861  -3.719  1.00 54.95  ? 22   GLN A N   1 
ATOM   223  C CA  . GLN A 1 27  ? -13.428 19.804  -3.234  1.00 55.63  ? 22   GLN A CA  1 
ATOM   224  C C   . GLN A 1 27  ? -13.999 18.388  -3.067  1.00 53.79  ? 22   GLN A C   1 
ATOM   225  O O   . GLN A 1 27  ? -15.157 18.225  -2.678  1.00 55.12  ? 22   GLN A O   1 
ATOM   226  C CB  . GLN A 1 27  ? -14.328 20.612  -4.171  1.00 58.34  ? 22   GLN A CB  1 
ATOM   227  C CG  . GLN A 1 27  ? -13.727 21.958  -4.578  1.00 61.78  ? 22   GLN A CG  1 
ATOM   228  C CD  . GLN A 1 27  ? -14.360 23.144  -3.859  1.00 65.34  ? 22   GLN A CD  1 
ATOM   229  O OE1 . GLN A 1 27  ? -14.249 23.294  -2.626  1.00 67.30  ? 22   GLN A OE1 1 
ATOM   230  N NE2 . GLN A 1 27  ? -15.039 23.997  -4.630  1.00 65.25  ? 22   GLN A NE2 1 
ATOM   231  N N   . TYR A 1 28  ? -13.196 17.374  -3.366  1.00 51.31  ? 23   TYR A N   1 
ATOM   232  C CA  . TYR A 1 28  ? -13.603 15.967  -3.223  1.00 48.75  ? 23   TYR A CA  1 
ATOM   233  C C   . TYR A 1 28  ? -13.215 15.457  -1.819  1.00 47.61  ? 23   TYR A C   1 
ATOM   234  O O   . TYR A 1 28  ? -13.798 14.505  -1.292  1.00 45.89  ? 23   TYR A O   1 
ATOM   235  C CB  . TYR A 1 28  ? -12.854 15.074  -4.225  1.00 47.96  ? 23   TYR A CB  1 
ATOM   236  C CG  . TYR A 1 28  ? -13.262 15.142  -5.682  1.00 47.20  ? 23   TYR A CG  1 
ATOM   237  C CD1 . TYR A 1 28  ? -12.453 14.553  -6.663  1.00 45.89  ? 23   TYR A CD1 1 
ATOM   238  C CD2 . TYR A 1 28  ? -14.452 15.760  -6.089  1.00 45.68  ? 23   TYR A CD2 1 
ATOM   239  C CE1 . TYR A 1 28  ? -12.797 14.580  -7.993  1.00 45.06  ? 23   TYR A CE1 1 
ATOM   240  C CE2 . TYR A 1 28  ? -14.817 15.789  -7.438  1.00 45.17  ? 23   TYR A CE2 1 
ATOM   241  C CZ  . TYR A 1 28  ? -13.984 15.200  -8.382  1.00 46.25  ? 23   TYR A CZ  1 
ATOM   242  O OH  . TYR A 1 28  ? -14.298 15.256  -9.723  1.00 45.86  ? 23   TYR A OH  1 
ATOM   243  N N   . LYS A 1 29  ? -12.199 16.084  -1.249  1.00 48.06  ? 24   LYS A N   1 
ATOM   244  C CA  . LYS A 1 29  ? -11.676 15.679  0.039   1.00 48.89  ? 24   LYS A CA  1 
ATOM   245  C C   . LYS A 1 29  ? -12.739 15.720  1.119   1.00 49.10  ? 24   LYS A C   1 
ATOM   246  O O   . LYS A 1 29  ? -13.484 16.688  1.245   1.00 49.89  ? 24   LYS A O   1 
ATOM   247  C CB  . LYS A 1 29  ? -10.485 16.567  0.396   1.00 50.50  ? 24   LYS A CB  1 
ATOM   248  C CG  . LYS A 1 29  ? -9.511  15.944  1.380   1.00 52.83  ? 24   LYS A CG  1 
ATOM   249  C CD  . LYS A 1 29  ? -8.155  16.621  1.350   1.00 53.78  ? 24   LYS A CD  1 
ATOM   250  C CE  . LYS A 1 29  ? -7.296  16.102  2.488   1.00 56.36  ? 24   LYS A CE  1 
ATOM   251  N NZ  . LYS A 1 29  ? -7.365  14.595  2.609   1.00 57.92  ? 24   LYS A NZ  1 
ATOM   252  N N   . GLY A 1 30  ? -12.832 14.641  1.881   1.00 48.72  ? 25   GLY A N   1 
ATOM   253  C CA  . GLY A 1 30  ? -13.829 14.592  2.923   1.00 47.91  ? 25   GLY A CA  1 
ATOM   254  C C   . GLY A 1 30  ? -15.168 14.052  2.423   1.00 47.56  ? 25   GLY A C   1 
ATOM   255  O O   . GLY A 1 30  ? -16.083 13.831  3.225   1.00 48.20  ? 25   GLY A O   1 
ATOM   256  N N   . LYS A 1 31  ? -15.311 13.835  1.115   1.00 45.97  ? 26   LYS A N   1 
ATOM   257  C CA  . LYS A 1 31  ? -16.579 13.307  0.599   1.00 44.23  ? 26   LYS A CA  1 
ATOM   258  C C   . LYS A 1 31  ? -16.380 11.923  0.024   1.00 41.96  ? 26   LYS A C   1 
ATOM   259  O O   . LYS A 1 31  ? -15.300 11.601  -0.439  1.00 41.50  ? 26   LYS A O   1 
ATOM   260  C CB  . LYS A 1 31  ? -17.126 14.187  -0.521  1.00 45.96  ? 26   LYS A CB  1 
ATOM   261  C CG  . LYS A 1 31  ? -17.353 15.612  -0.172  1.00 47.75  ? 26   LYS A CG  1 
ATOM   262  C CD  . LYS A 1 31  ? -18.173 16.255  -1.271  1.00 48.62  ? 26   LYS A CD  1 
ATOM   263  C CE  . LYS A 1 31  ? -18.092 17.786  -1.225  1.00 49.91  ? 26   LYS A CE  1 
ATOM   264  N NZ  . LYS A 1 31  ? -18.736 18.393  -2.449  1.00 53.03  ? 26   LYS A NZ  1 
ATOM   265  N N   . PRO A 1 32  ? -17.432 11.086  0.027   1.00 40.16  ? 27   PRO A N   1 
ATOM   266  C CA  . PRO A 1 32  ? -17.281 9.740   -0.535  1.00 37.65  ? 27   PRO A CA  1 
ATOM   267  C C   . PRO A 1 32  ? -16.948 9.912   -2.006  1.00 36.97  ? 27   PRO A C   1 
ATOM   268  O O   . PRO A 1 32  ? -17.660 10.634  -2.720  1.00 36.57  ? 27   PRO A O   1 
ATOM   269  C CB  . PRO A 1 32  ? -18.650 9.114   -0.354  1.00 37.14  ? 27   PRO A CB  1 
ATOM   270  C CG  . PRO A 1 32  ? -19.376 10.019  0.578   1.00 37.85  ? 27   PRO A CG  1 
ATOM   271  C CD  . PRO A 1 32  ? -18.816 11.359  0.446   1.00 38.94  ? 27   PRO A CD  1 
ATOM   272  N N   . LEU A 1 33  ? -15.875 9.261   -2.453  1.00 35.94  ? 28   LEU A N   1 
ATOM   273  C CA  . LEU A 1 33  ? -15.429 9.346   -3.845  1.00 34.71  ? 28   LEU A CA  1 
ATOM   274  C C   . LEU A 1 33  ? -15.057 7.980   -4.447  1.00 35.09  ? 28   LEU A C   1 
ATOM   275  O O   . LEU A 1 33  ? -14.365 7.170   -3.824  1.00 35.98  ? 28   LEU A O   1 
ATOM   276  C CB  . LEU A 1 33  ? -14.242 10.296  -3.946  1.00 32.87  ? 28   LEU A CB  1 
ATOM   277  C CG  . LEU A 1 33  ? -13.649 10.458  -5.360  1.00 34.55  ? 28   LEU A CG  1 
ATOM   278  C CD1 . LEU A 1 33  ? -14.614 11.378  -6.192  1.00 32.22  ? 28   LEU A CD1 1 
ATOM   279  C CD2 . LEU A 1 33  ? -12.214 11.055  -5.303  1.00 29.08  ? 28   LEU A CD2 1 
ATOM   280  N N   . VAL A 1 34  ? -15.507 7.739   -5.678  1.00 36.77  ? 29   VAL A N   1 
ATOM   281  C CA  . VAL A 1 34  ? -15.264 6.476   -6.368  1.00 37.41  ? 29   VAL A CA  1 
ATOM   282  C C   . VAL A 1 34  ? -14.722 6.663   -7.786  1.00 38.13  ? 29   VAL A C   1 
ATOM   283  O O   . VAL A 1 34  ? -15.347 7.322   -8.591  1.00 37.58  ? 29   VAL A O   1 
ATOM   284  C CB  . VAL A 1 34  ? -16.591 5.634   -6.462  1.00 37.23  ? 29   VAL A CB  1 
ATOM   285  C CG1 . VAL A 1 34  ? -16.356 4.319   -7.208  1.00 36.04  ? 29   VAL A CG1 1 
ATOM   286  C CG2 . VAL A 1 34  ? -17.110 5.348   -5.072  1.00 37.33  ? 29   VAL A CG2 1 
ATOM   287  N N   . VAL A 1 35  ? -13.564 6.075   -8.083  1.00 39.48  ? 30   VAL A N   1 
ATOM   288  C CA  . VAL A 1 35  ? -12.972 6.136   -9.421  1.00 40.13  ? 30   VAL A CA  1 
ATOM   289  C C   . VAL A 1 35  ? -13.461 4.878   -10.122 1.00 41.67  ? 30   VAL A C   1 
ATOM   290  O O   . VAL A 1 35  ? -13.382 3.791   -9.558  1.00 42.62  ? 30   VAL A O   1 
ATOM   291  C CB  . VAL A 1 35  ? -11.441 6.141   -9.373  1.00 39.41  ? 30   VAL A CB  1 
ATOM   292  C CG1 . VAL A 1 35  ? -10.876 6.122   -10.803 1.00 39.63  ? 30   VAL A CG1 1 
ATOM   293  C CG2 . VAL A 1 35  ? -10.962 7.383   -8.634  1.00 38.77  ? 30   VAL A CG2 1 
ATOM   294  N N   . CYS A 1 36  ? -13.983 5.033   -11.337 1.00 42.39  ? 31   CYS A N   1 
ATOM   295  C CA  . CYS A 1 36  ? -14.566 3.916   -12.084 1.00 43.70  ? 31   CYS A CA  1 
ATOM   296  C C   . CYS A 1 36  ? -13.793 3.383   -13.300 1.00 45.54  ? 31   CYS A C   1 
ATOM   297  O O   . CYS A 1 36  ? -13.275 4.156   -14.136 1.00 45.33  ? 31   CYS A O   1 
ATOM   298  C CB  . CYS A 1 36  ? -15.965 4.314   -12.558 1.00 42.92  ? 31   CYS A CB  1 
ATOM   299  S SG  . CYS A 1 36  ? -17.100 4.945   -11.284 1.00 42.60  ? 31   CYS A SG  1 
ATOM   300  N N   . VAL A 1 37  ? -13.768 2.057   -13.429 1.00 46.19  ? 32   VAL A N   1 
ATOM   301  C CA  . VAL A 1 37  ? -13.077 1.431   -14.553 1.00 46.29  ? 32   VAL A CA  1 
ATOM   302  C C   . VAL A 1 37  ? -14.054 0.577   -15.383 1.00 47.61  ? 32   VAL A C   1 
ATOM   303  O O   . VAL A 1 37  ? -14.937 -0.095  -14.831 1.00 46.10  ? 32   VAL A O   1 
ATOM   304  C CB  . VAL A 1 37  ? -11.884 0.561   -14.061 1.00 46.52  ? 32   VAL A CB  1 
ATOM   305  C CG1 . VAL A 1 37  ? -12.372 -0.517  -13.084 1.00 45.14  ? 32   VAL A CG1 1 
ATOM   306  C CG2 . VAL A 1 37  ? -11.162 -0.062  -15.253 1.00 46.59  ? 32   VAL A CG2 1 
ATOM   307  N N   . TYR A 1 38  ? -13.900 0.646   -16.706 1.00 49.66  ? 33   TYR A N   1 
ATOM   308  C CA  . TYR A 1 38  ? -14.735 -0.093  -17.655 1.00 53.66  ? 33   TYR A CA  1 
ATOM   309  C C   . TYR A 1 38  ? -13.830 -0.986  -18.499 1.00 56.20  ? 33   TYR A C   1 
ATOM   310  O O   . TYR A 1 38  ? -12.744 -0.550  -18.932 1.00 56.63  ? 33   TYR A O   1 
ATOM   311  C CB  . TYR A 1 38  ? -15.499 0.870   -18.583 1.00 53.80  ? 33   TYR A CB  1 
ATOM   312  C CG  . TYR A 1 38  ? -16.524 1.707   -17.863 1.00 53.84  ? 33   TYR A CG  1 
ATOM   313  C CD1 . TYR A 1 38  ? -16.145 2.820   -17.106 1.00 54.01  ? 33   TYR A CD1 1 
ATOM   314  C CD2 . TYR A 1 38  ? -17.867 1.370   -17.912 1.00 53.34  ? 33   TYR A CD2 1 
ATOM   315  C CE1 . TYR A 1 38  ? -17.094 3.571   -16.405 1.00 55.18  ? 33   TYR A CE1 1 
ATOM   316  C CE2 . TYR A 1 38  ? -18.824 2.107   -17.218 1.00 55.26  ? 33   TYR A CE2 1 
ATOM   317  C CZ  . TYR A 1 38  ? -18.442 3.210   -16.467 1.00 55.56  ? 33   TYR A CZ  1 
ATOM   318  O OH  . TYR A 1 38  ? -19.413 3.913   -15.768 1.00 55.78  ? 33   TYR A OH  1 
ATOM   319  N N   . SER A 1 39  ? -14.275 -2.219  -18.740 1.00 58.13  ? 34   SER A N   1 
ATOM   320  C CA  . SER A 1 39  ? -13.473 -3.162  -19.512 1.00 60.19  ? 34   SER A CA  1 
ATOM   321  C C   . SER A 1 39  ? -14.341 -4.147  -20.294 1.00 61.55  ? 34   SER A C   1 
ATOM   322  O O   . SER A 1 39  ? -15.570 -4.057  -20.260 1.00 62.97  ? 34   SER A O   1 
ATOM   323  C CB  . SER A 1 39  ? -12.554 -3.938  -18.571 1.00 60.58  ? 34   SER A CB  1 
ATOM   324  O OG  . SER A 1 39  ? -13.279 -4.948  -17.886 1.00 60.83  ? 34   SER A OG  1 
ATOM   325  N N   . THR A 1 44  ? -17.791 -0.966  -21.827 1.00 74.97  ? 39   THR A N   1 
ATOM   326  C CA  . THR A 1 44  ? -18.971 -1.829  -21.830 1.00 75.19  ? 39   THR A CA  1 
ATOM   327  C C   . THR A 1 44  ? -19.730 -1.741  -20.478 1.00 74.10  ? 39   THR A C   1 
ATOM   328  O O   . THR A 1 44  ? -20.791 -1.095  -20.392 1.00 74.62  ? 39   THR A O   1 
ATOM   329  C CB  . THR A 1 44  ? -18.558 -3.318  -22.168 1.00 76.07  ? 39   THR A CB  1 
ATOM   330  O OG1 . THR A 1 44  ? -19.723 -4.112  -22.446 1.00 76.97  ? 39   THR A OG1 1 
ATOM   331  C CG2 . THR A 1 44  ? -17.825 -3.945  -21.013 1.00 76.80  ? 39   THR A CG2 1 
ATOM   332  N N   . SER A 1 45  ? -19.186 -2.377  -19.435 1.00 72.39  ? 40   SER A N   1 
ATOM   333  C CA  . SER A 1 45  ? -19.793 -2.370  -18.091 1.00 70.76  ? 40   SER A CA  1 
ATOM   334  C C   . SER A 1 45  ? -18.770 -1.856  -17.052 1.00 68.49  ? 40   SER A C   1 
ATOM   335  O O   . SER A 1 45  ? -17.543 -2.000  -17.239 1.00 68.77  ? 40   SER A O   1 
ATOM   336  C CB  . SER A 1 45  ? -20.290 -3.778  -17.715 1.00 71.54  ? 40   SER A CB  1 
ATOM   337  O OG  . SER A 1 45  ? -19.270 -4.750  -17.920 1.00 73.01  ? 40   SER A OG  1 
ATOM   338  N N   . GLY A 1 46  ? -19.268 -1.279  -15.955 1.00 65.03  ? 41   GLY A N   1 
ATOM   339  C CA  . GLY A 1 46  ? -18.370 -0.695  -14.974 1.00 60.21  ? 41   GLY A CA  1 
ATOM   340  C C   . GLY A 1 46  ? -18.280 -1.182  -13.548 1.00 57.43  ? 41   GLY A C   1 
ATOM   341  O O   . GLY A 1 46  ? -19.262 -1.630  -12.933 1.00 57.12  ? 41   GLY A O   1 
ATOM   342  N N   . ALA A 1 47  ? -17.066 -1.043  -13.013 1.00 54.15  ? 42   ALA A N   1 
ATOM   343  C CA  . ALA A 1 47  ? -16.755 -1.437  -11.655 1.00 51.00  ? 42   ALA A CA  1 
ATOM   344  C C   . ALA A 1 47  ? -15.877 -0.395  -10.921 1.00 49.01  ? 42   ALA A C   1 
ATOM   345  O O   . ALA A 1 47  ? -15.251 0.462   -11.547 1.00 48.41  ? 42   ALA A O   1 
ATOM   346  C CB  . ALA A 1 47  ? -16.052 -2.806  -11.681 1.00 51.27  ? 42   ALA A CB  1 
ATOM   347  N N   . VAL A 1 48  ? -15.840 -0.494  -9.594  1.00 46.41  ? 43   VAL A N   1 
ATOM   348  C CA  . VAL A 1 48  ? -15.050 0.399   -8.766  1.00 44.70  ? 43   VAL A CA  1 
ATOM   349  C C   . VAL A 1 48  ? -13.593 0.081   -8.970  1.00 45.19  ? 43   VAL A C   1 
ATOM   350  O O   . VAL A 1 48  ? -13.203 -1.079  -8.913  1.00 46.29  ? 43   VAL A O   1 
ATOM   351  C CB  . VAL A 1 48  ? -15.330 0.189   -7.245  1.00 44.03  ? 43   VAL A CB  1 
ATOM   352  C CG1 . VAL A 1 48  ? -14.342 1.019   -6.399  1.00 41.83  ? 43   VAL A CG1 1 
ATOM   353  C CG2 . VAL A 1 48  ? -16.761 0.560   -6.924  1.00 42.15  ? 43   VAL A CG2 1 
ATOM   354  N N   . ALA A 1 49  ? -12.785 1.105   -9.204  1.00 44.56  ? 44   ALA A N   1 
ATOM   355  C CA  . ALA A 1 49  ? -11.353 0.895   -9.344  1.00 43.46  ? 44   ALA A CA  1 
ATOM   356  C C   . ALA A 1 49  ? -10.803 1.156   -7.947  1.00 42.69  ? 44   ALA A C   1 
ATOM   357  O O   . ALA A 1 49  ? -10.155 0.300   -7.355  1.00 42.93  ? 44   ALA A O   1 
ATOM   358  C CB  . ALA A 1 49  ? -10.747 1.885   -10.345 1.00 43.43  ? 44   ALA A CB  1 
ATOM   359  N N   . THR A 1 50  ? -11.118 2.339   -7.419  1.00 40.79  ? 45   THR A N   1 
ATOM   360  C CA  . THR A 1 50  ? -10.663 2.771   -6.110  1.00 37.48  ? 45   THR A CA  1 
ATOM   361  C C   . THR A 1 50  ? -11.712 3.645   -5.449  1.00 36.55  ? 45   THR A C   1 
ATOM   362  O O   . THR A 1 50  ? -12.377 4.451   -6.106  1.00 36.57  ? 45   THR A O   1 
ATOM   363  C CB  . THR A 1 50  ? -9.412  3.613   -6.250  1.00 37.38  ? 45   THR A CB  1 
ATOM   364  O OG1 . THR A 1 50  ? -8.447  2.903   -7.026  1.00 36.62  ? 45   THR A OG1 1 
ATOM   365  C CG2 . THR A 1 50  ? -8.838  3.942   -4.900  1.00 35.23  ? 45   THR A CG2 1 
ATOM   366  N N   . ALA A 1 51  ? -11.872 3.483   -4.142  1.00 35.36  ? 46   ALA A N   1 
ATOM   367  C CA  . ALA A 1 51  ? -12.820 4.286   -3.397  1.00 35.99  ? 46   ALA A CA  1 
ATOM   368  C C   . ALA A 1 51  ? -11.996 4.909   -2.299  1.00 36.68  ? 46   ALA A C   1 
ATOM   369  O O   . ALA A 1 51  ? -11.092 4.263   -1.780  1.00 38.64  ? 46   ALA A O   1 
ATOM   370  C CB  . ALA A 1 51  ? -13.883 3.410   -2.797  1.00 36.89  ? 46   ALA A CB  1 
ATOM   371  N N   . ASN A 1 52  ? -12.259 6.159   -1.946  1.00 36.47  ? 47   ASN A N   1 
ATOM   372  C CA  . ASN A 1 52  ? -11.496 6.742   -0.864  1.00 36.25  ? 47   ASN A CA  1 
ATOM   373  C C   . ASN A 1 52  ? -12.119 6.229   0.459   1.00 37.69  ? 47   ASN A C   1 
ATOM   374  O O   . ASN A 1 52  ? -13.083 5.430   0.430   1.00 38.71  ? 47   ASN A O   1 
ATOM   375  C CB  . ASN A 1 52  ? -11.449 8.273   -0.977  1.00 34.50  ? 47   ASN A CB  1 
ATOM   376  C CG  . ASN A 1 52  ? -12.803 8.949   -0.786  1.00 35.31  ? 47   ASN A CG  1 
ATOM   377  O OD1 . ASN A 1 52  ? -13.843 8.305   -0.602  1.00 37.11  ? 47   ASN A OD1 1 
ATOM   378  N ND2 . ASN A 1 52  ? -12.785 10.281  -0.830  1.00 33.60  ? 47   ASN A ND2 1 
ATOM   379  N N   . TYR A 1 53  ? -11.600 6.646   1.602   1.00 38.19  ? 48   TYR A N   1 
ATOM   380  C CA  . TYR A 1 53  ? -12.128 6.094   2.846   1.00 40.77  ? 48   TYR A CA  1 
ATOM   381  C C   . TYR A 1 53  ? -13.578 6.405   3.156   1.00 40.32  ? 48   TYR A C   1 
ATOM   382  O O   . TYR A 1 53  ? -14.316 5.533   3.612   1.00 40.31  ? 48   TYR A O   1 
ATOM   383  C CB  . TYR A 1 53  ? -11.192 6.442   4.018   1.00 44.53  ? 48   TYR A CB  1 
ATOM   384  C CG  . TYR A 1 53  ? -9.896  5.677   3.875   1.00 49.93  ? 48   TYR A CG  1 
ATOM   385  C CD1 . TYR A 1 53  ? -8.721  6.322   3.503   1.00 52.86  ? 48   TYR A CD1 1 
ATOM   386  C CD2 . TYR A 1 53  ? -9.875  4.273   3.982   1.00 53.66  ? 48   TYR A CD2 1 
ATOM   387  C CE1 . TYR A 1 53  ? -7.544  5.599   3.224   1.00 55.26  ? 48   TYR A CE1 1 
ATOM   388  C CE2 . TYR A 1 53  ? -8.702  3.526   3.708   1.00 55.61  ? 48   TYR A CE2 1 
ATOM   389  C CZ  . TYR A 1 53  ? -7.534  4.203   3.321   1.00 56.92  ? 48   TYR A CZ  1 
ATOM   390  O OH  . TYR A 1 53  ? -6.358  3.500   3.007   1.00 58.81  ? 48   TYR A OH  1 
ATOM   391  N N   . GLU A 1 54  ? -14.002 7.624   2.879   1.00 40.85  ? 49   GLU A N   1 
ATOM   392  C CA  . GLU A 1 54  ? -15.383 7.997   3.115   1.00 40.85  ? 49   GLU A CA  1 
ATOM   393  C C   . GLU A 1 54  ? -16.302 7.050   2.346   1.00 42.15  ? 49   GLU A C   1 
ATOM   394  O O   . GLU A 1 54  ? -17.374 6.696   2.831   1.00 42.82  ? 49   GLU A O   1 
ATOM   395  C CB  . GLU A 1 54  ? -15.629 9.430   2.669   1.00 41.48  ? 49   GLU A CB  1 
ATOM   396  C CG  . GLU A 1 54  ? -14.907 10.515  3.493   1.00 42.60  ? 49   GLU A CG  1 
ATOM   397  C CD  . GLU A 1 54  ? -13.399 10.583  3.267   1.00 44.42  ? 49   GLU A CD  1 
ATOM   398  O OE1 . GLU A 1 54  ? -12.840 9.824   2.441   1.00 42.98  ? 49   GLU A OE1 1 
ATOM   399  O OE2 . GLU A 1 54  ? -12.765 11.428  3.933   1.00 46.97  ? 49   GLU A OE2 1 
ATOM   400  N N   . ALA A 1 55  ? -15.874 6.593   1.170   1.00 42.33  ? 50   ALA A N   1 
ATOM   401  C CA  . ALA A 1 55  ? -16.715 5.679   0.398   1.00 42.66  ? 50   ALA A CA  1 
ATOM   402  C C   . ALA A 1 55  ? -16.597 4.257   0.920   1.00 43.68  ? 50   ALA A C   1 
ATOM   403  O O   . ALA A 1 55  ? -17.576 3.520   0.927   1.00 44.84  ? 50   ALA A O   1 
ATOM   404  C CB  . ALA A 1 55  ? -16.354 5.720   -1.073  1.00 41.86  ? 50   ALA A CB  1 
ATOM   405  N N   . ARG A 1 56  ? -15.405 3.867   1.352   1.00 43.82  ? 51   ARG A N   1 
ATOM   406  C CA  . ARG A 1 56  ? -15.224 2.523   1.879   1.00 44.37  ? 51   ARG A CA  1 
ATOM   407  C C   . ARG A 1 56  ? -16.034 2.393   3.172   1.00 44.61  ? 51   ARG A C   1 
ATOM   408  O O   . ARG A 1 56  ? -16.544 1.325   3.502   1.00 44.27  ? 51   ARG A O   1 
ATOM   409  C CB  . ARG A 1 56  ? -13.732 2.261   2.141   1.00 44.19  ? 51   ARG A CB  1 
ATOM   410  C CG  . ARG A 1 56  ? -12.896 2.330   0.883   1.00 42.94  ? 51   ARG A CG  1 
ATOM   411  C CD  . ARG A 1 56  ? -11.439 2.072   1.176   1.00 42.06  ? 51   ARG A CD  1 
ATOM   412  N NE  . ARG A 1 56  ? -10.604 2.155   -0.026  1.00 42.93  ? 51   ARG A NE  1 
ATOM   413  C CZ  . ARG A 1 56  ? -9.308  1.842   -0.028  1.00 43.20  ? 51   ARG A CZ  1 
ATOM   414  N NH1 . ARG A 1 56  ? -8.740  1.438   1.103   1.00 44.10  ? 51   ARG A NH1 1 
ATOM   415  N NH2 . ARG A 1 56  ? -8.584  1.916   -1.134  1.00 40.75  ? 51   ARG A NH2 1 
ATOM   416  N N   . LYS A 1 57  ? -16.172 3.509   3.869   1.00 45.99  ? 52   LYS A N   1 
ATOM   417  C CA  . LYS A 1 57  ? -16.923 3.565   5.114   1.00 47.89  ? 52   LYS A CA  1 
ATOM   418  C C   . LYS A 1 57  ? -18.414 3.240   4.872   1.00 48.98  ? 52   LYS A C   1 
ATOM   419  O O   . LYS A 1 57  ? -19.143 2.828   5.796   1.00 49.13  ? 52   LYS A O   1 
ATOM   420  C CB  . LYS A 1 57  ? -16.747 4.953   5.736   1.00 49.00  ? 52   LYS A CB  1 
ATOM   421  C CG  . LYS A 1 57  ? -17.367 5.125   7.111   1.00 51.06  ? 52   LYS A CG  1 
ATOM   422  C CD  . LYS A 1 57  ? -17.059 6.521   7.694   1.00 52.21  ? 52   LYS A CD  1 
ATOM   423  C CE  . LYS A 1 57  ? -17.551 6.682   9.127   1.00 52.49  ? 52   LYS A CE  1 
ATOM   424  N NZ  . LYS A 1 57  ? -17.014 7.963   9.719   1.00 54.33  ? 52   LYS A NZ  1 
ATOM   425  N N   . LEU A 1 58  ? -18.874 3.416   3.633   1.00 48.73  ? 53   LEU A N   1 
ATOM   426  C CA  . LEU A 1 58  ? -20.263 3.094   3.296   1.00 48.54  ? 53   LEU A CA  1 
ATOM   427  C C   . LEU A 1 58  ? -20.311 1.653   2.751   1.00 48.33  ? 53   LEU A C   1 
ATOM   428  O O   . LEU A 1 58  ? -21.374 1.128   2.450   1.00 48.81  ? 53   LEU A O   1 
ATOM   429  C CB  . LEU A 1 58  ? -20.819 4.086   2.257   1.00 48.17  ? 53   LEU A CB  1 
ATOM   430  C CG  . LEU A 1 58  ? -20.798 5.552   2.713   1.00 47.90  ? 53   LEU A CG  1 
ATOM   431  C CD1 . LEU A 1 58  ? -21.114 6.478   1.556   1.00 46.69  ? 53   LEU A CD1 1 
ATOM   432  C CD2 . LEU A 1 58  ? -21.798 5.754   3.857   1.00 47.73  ? 53   LEU A CD2 1 
ATOM   433  N N   . GLY A 1 59  ? -19.156 1.007   2.637   1.00 48.23  ? 54   GLY A N   1 
ATOM   434  C CA  . GLY A 1 59  ? -19.148 -0.361  2.151   1.00 47.60  ? 54   GLY A CA  1 
ATOM   435  C C   . GLY A 1 59  ? -18.699 -0.526  0.711   1.00 47.75  ? 54   GLY A C   1 
ATOM   436  O O   . GLY A 1 59  ? -18.787 -1.630  0.156   1.00 47.36  ? 54   GLY A O   1 
ATOM   437  N N   . VAL A 1 60  ? -18.237 0.557   0.084   1.00 47.59  ? 55   VAL A N   1 
ATOM   438  C CA  . VAL A 1 60  ? -17.788 0.466   -1.305  1.00 46.87  ? 55   VAL A CA  1 
ATOM   439  C C   . VAL A 1 60  ? -16.400 -0.177  -1.361  1.00 46.60  ? 55   VAL A C   1 
ATOM   440  O O   . VAL A 1 60  ? -15.511 0.203   -0.611  1.00 46.08  ? 55   VAL A O   1 
ATOM   441  C CB  . VAL A 1 60  ? -17.727 1.848   -1.983  1.00 46.08  ? 55   VAL A CB  1 
ATOM   442  C CG1 . VAL A 1 60  ? -17.326 1.663   -3.448  1.00 45.59  ? 55   VAL A CG1 1 
ATOM   443  C CG2 . VAL A 1 60  ? -19.078 2.559   -1.878  1.00 46.47  ? 55   VAL A CG2 1 
ATOM   444  N N   . LYS A 1 61  ? -16.227 -1.143  -2.260  1.00 47.83  ? 56   LYS A N   1 
ATOM   445  C CA  . LYS A 1 61  ? -14.952 -1.859  -2.384  1.00 49.35  ? 56   LYS A CA  1 
ATOM   446  C C   . LYS A 1 61  ? -14.421 -1.977  -3.802  1.00 48.61  ? 56   LYS A C   1 
ATOM   447  O O   . LYS A 1 61  ? -15.166 -2.048  -4.758  1.00 47.85  ? 56   LYS A O   1 
ATOM   448  C CB  . LYS A 1 61  ? -15.072 -3.284  -1.798  1.00 51.01  ? 56   LYS A CB  1 
ATOM   449  C CG  . LYS A 1 61  ? -15.298 -3.306  -0.295  1.00 54.24  ? 56   LYS A CG  1 
ATOM   450  C CD  . LYS A 1 61  ? -15.534 -4.723  0.238   1.00 57.61  ? 56   LYS A CD  1 
ATOM   451  C CE  . LYS A 1 61  ? -15.609 -4.711  1.787   1.00 59.82  ? 56   LYS A CE  1 
ATOM   452  N NZ  . LYS A 1 61  ? -15.715 -6.075  2.431   1.00 60.94  ? 56   LYS A NZ  1 
ATOM   453  N N   . ALA A 1 62  ? -13.107 -2.001  -3.915  1.00 48.95  ? 57   ALA A N   1 
ATOM   454  C CA  . ALA A 1 62  ? -12.465 -2.164  -5.198  1.00 48.39  ? 57   ALA A CA  1 
ATOM   455  C C   . ALA A 1 62  ? -13.125 -3.407  -5.815  1.00 49.40  ? 57   ALA A C   1 
ATOM   456  O O   . ALA A 1 62  ? -13.307 -4.417  -5.126  1.00 49.84  ? 57   ALA A O   1 
ATOM   457  C CB  . ALA A 1 62  ? -10.968 -2.411  -4.983  1.00 47.28  ? 57   ALA A CB  1 
ATOM   458  N N   . GLY A 1 63  ? -13.516 -3.331  -7.087  1.00 49.10  ? 58   GLY A N   1 
ATOM   459  C CA  . GLY A 1 63  ? -14.114 -4.480  -7.747  1.00 48.50  ? 58   GLY A CA  1 
ATOM   460  C C   . GLY A 1 63  ? -15.625 -4.588  -7.720  1.00 48.39  ? 58   GLY A C   1 
ATOM   461  O O   . GLY A 1 63  ? -16.217 -5.354  -8.485  1.00 47.19  ? 58   GLY A O   1 
ATOM   462  N N   . MET A 1 64  ? -16.260 -3.835  -6.838  1.00 48.76  ? 59   MET A N   1 
ATOM   463  C CA  . MET A 1 64  ? -17.715 -3.853  -6.741  1.00 49.53  ? 59   MET A CA  1 
ATOM   464  C C   . MET A 1 64  ? -18.325 -3.203  -7.983  1.00 50.34  ? 59   MET A C   1 
ATOM   465  O O   . MET A 1 64  ? -17.847 -2.166  -8.449  1.00 50.23  ? 59   MET A O   1 
ATOM   466  C CB  . MET A 1 64  ? -18.156 -3.103  -5.481  1.00 49.55  ? 59   MET A CB  1 
ATOM   467  C CG  . MET A 1 64  ? -19.643 -3.006  -5.286  1.00 49.36  ? 59   MET A CG  1 
ATOM   468  S SD  . MET A 1 64  ? -19.928 -2.049  -3.780  1.00 51.85  ? 59   MET A SD  1 
ATOM   469  C CE  . MET A 1 64  ? -19.335 -3.204  -2.531  1.00 51.11  ? 59   MET A CE  1 
ATOM   470  N N   . PRO A 1 65  ? -19.374 -3.819  -8.553  1.00 51.48  ? 60   PRO A N   1 
ATOM   471  C CA  . PRO A 1 65  ? -20.007 -3.242  -9.742  1.00 52.18  ? 60   PRO A CA  1 
ATOM   472  C C   . PRO A 1 65  ? -20.531 -1.859  -9.368  1.00 52.95  ? 60   PRO A C   1 
ATOM   473  O O   . PRO A 1 65  ? -21.062 -1.669  -8.265  1.00 52.98  ? 60   PRO A O   1 
ATOM   474  C CB  . PRO A 1 65  ? -21.148 -4.221  -10.044 1.00 52.29  ? 60   PRO A CB  1 
ATOM   475  C CG  . PRO A 1 65  ? -20.628 -5.532  -9.529  1.00 52.27  ? 60   PRO A CG  1 
ATOM   476  C CD  . PRO A 1 65  ? -19.997 -5.114  -8.203  1.00 52.57  ? 60   PRO A CD  1 
ATOM   477  N N   . ILE A 1 66  ? -20.364 -0.896  -10.269 1.00 53.89  ? 61   ILE A N   1 
ATOM   478  C CA  . ILE A 1 66  ? -20.841 0.456   -10.011 1.00 54.98  ? 61   ILE A CA  1 
ATOM   479  C C   . ILE A 1 66  ? -22.322 0.438   -9.596  1.00 55.93  ? 61   ILE A C   1 
ATOM   480  O O   . ILE A 1 66  ? -22.735 1.165   -8.671  1.00 55.29  ? 61   ILE A O   1 
ATOM   481  C CB  . ILE A 1 66  ? -20.649 1.350   -11.253 1.00 54.74  ? 61   ILE A CB  1 
ATOM   482  C CG1 . ILE A 1 66  ? -19.170 1.406   -11.601 1.00 55.43  ? 61   ILE A CG1 1 
ATOM   483  C CG2 . ILE A 1 66  ? -21.087 2.781   -10.958 1.00 55.15  ? 61   ILE A CG2 1 
ATOM   484  C CD1 . ILE A 1 66  ? -18.302 1.884   -10.435 1.00 55.34  ? 61   ILE A CD1 1 
ATOM   485  N N   . ILE A 1 67  ? -23.105 -0.414  -10.255 1.00 56.76  ? 62   ILE A N   1 
ATOM   486  C CA  . ILE A 1 67  ? -24.520 -0.516  -9.929  1.00 58.00  ? 62   ILE A CA  1 
ATOM   487  C C   . ILE A 1 67  ? -24.735 -0.826  -8.456  1.00 57.87  ? 62   ILE A C   1 
ATOM   488  O O   . ILE A 1 67  ? -25.586 -0.209  -7.830  1.00 58.16  ? 62   ILE A O   1 
ATOM   489  C CB  . ILE A 1 67  ? -25.227 -1.621  -10.738 1.00 59.29  ? 62   ILE A CB  1 
ATOM   490  C CG1 . ILE A 1 67  ? -25.435 -1.186  -12.186 1.00 59.15  ? 62   ILE A CG1 1 
ATOM   491  C CG2 . ILE A 1 67  ? -26.595 -1.929  -10.106 1.00 60.84  ? 62   ILE A CG2 1 
ATOM   492  C CD1 . ILE A 1 67  ? -26.136 -2.281  -13.055 1.00 59.97  ? 62   ILE A CD1 1 
ATOM   493  N N   . LYS A 1 68  ? -23.990 -1.793  -7.916  1.00 57.72  ? 63   LYS A N   1 
ATOM   494  C CA  . LYS A 1 68  ? -24.129 -2.161  -6.507  1.00 58.36  ? 63   LYS A CA  1 
ATOM   495  C C   . LYS A 1 68  ? -23.514 -1.091  -5.606  1.00 57.74  ? 63   LYS A C   1 
ATOM   496  O O   . LYS A 1 68  ? -23.869 -0.951  -4.440  1.00 56.89  ? 63   LYS A O   1 
ATOM   497  C CB  . LYS A 1 68  ? -23.463 -3.521  -6.224  1.00 60.56  ? 63   LYS A CB  1 
ATOM   498  C CG  . LYS A 1 68  ? -24.445 -4.701  -5.927  1.00 62.95  ? 63   LYS A CG  1 
ATOM   499  C CD  . LYS A 1 68  ? -25.335 -5.068  -7.143  1.00 64.33  ? 63   LYS A CD  1 
ATOM   500  C CE  . LYS A 1 68  ? -24.523 -5.648  -8.308  1.00 65.36  ? 63   LYS A CE  1 
ATOM   501  N NZ  . LYS A 1 68  ? -25.223 -5.526  -9.633  1.00 65.68  ? 63   LYS A NZ  1 
ATOM   502  N N   . ALA A 1 69  ? -22.588 -0.325  -6.157  1.00 57.45  ? 64   ALA A N   1 
ATOM   503  C CA  . ALA A 1 69  ? -21.951 0.716   -5.377  1.00 56.53  ? 64   ALA A CA  1 
ATOM   504  C C   . ALA A 1 69  ? -22.935 1.845   -5.198  1.00 55.89  ? 64   ALA A C   1 
ATOM   505  O O   . ALA A 1 69  ? -23.106 2.378   -4.090  1.00 55.21  ? 64   ALA A O   1 
ATOM   506  C CB  . ALA A 1 69  ? -20.711 1.205   -6.086  1.00 56.43  ? 64   ALA A CB  1 
ATOM   507  N N   . MET A 1 70  ? -23.595 2.206   -6.290  1.00 55.92  ? 65   MET A N   1 
ATOM   508  C CA  . MET A 1 70  ? -24.551 3.292   -6.227  1.00 56.26  ? 65   MET A CA  1 
ATOM   509  C C   . MET A 1 70  ? -25.670 2.961   -5.294  1.00 56.66  ? 65   MET A C   1 
ATOM   510  O O   . MET A 1 70  ? -26.157 3.837   -4.591  1.00 58.01  ? 65   MET A O   1 
ATOM   511  C CB  . MET A 1 70  ? -25.091 3.624   -7.606  1.00 56.32  ? 65   MET A CB  1 
ATOM   512  C CG  . MET A 1 70  ? -24.053 4.318   -8.443  1.00 56.97  ? 65   MET A CG  1 
ATOM   513  S SD  . MET A 1 70  ? -24.602 4.742   -10.065 1.00 58.86  ? 65   MET A SD  1 
ATOM   514  C CE  . MET A 1 70  ? -25.243 3.120   -10.640 1.00 60.29  ? 65   MET A CE  1 
ATOM   515  N N   . GLN A 1 71  ? -26.055 1.693   -5.254  1.00 56.61  ? 66   GLN A N   1 
ATOM   516  C CA  . GLN A 1 71  ? -27.134 1.268   -4.370  1.00 57.56  ? 66   GLN A CA  1 
ATOM   517  C C   . GLN A 1 71  ? -26.765 1.472   -2.900  1.00 56.55  ? 66   GLN A C   1 
ATOM   518  O O   . GLN A 1 71  ? -27.626 1.797   -2.084  1.00 56.53  ? 66   GLN A O   1 
ATOM   519  C CB  . GLN A 1 71  ? -27.493 -0.208  -4.600  1.00 60.18  ? 66   GLN A CB  1 
ATOM   520  C CG  . GLN A 1 71  ? -27.987 -0.437  -5.949  1.00 63.90  ? 66   GLN A CG  1 
ATOM   521  C CD  . GLN A 1 71  ? -28.395 -1.926  -6.184  1.00 67.07  ? 66   GLN A CD  1 
ATOM   522  O OE1 . GLN A 1 71  ? -28.231 -2.782  -5.369  1.00 69.05  ? 66   GLN A OE1 1 
ATOM   523  N NE2 . GLN A 1 71  ? -28.931 -2.181  -7.365  1.00 68.42  ? 66   GLN A NE2 1 
ATOM   524  N N   . ILE A 1 72  ? -25.498 1.274   -2.539  1.00 55.55  ? 67   ILE A N   1 
ATOM   525  C CA  . ILE A 1 72  ? -25.114 1.450   -1.136  1.00 54.28  ? 67   ILE A CA  1 
ATOM   526  C C   . ILE A 1 72  ? -24.514 2.819   -0.803  1.00 53.00  ? 67   ILE A C   1 
ATOM   527  O O   . ILE A 1 72  ? -24.554 3.265   0.360   1.00 52.26  ? 67   ILE A O   1 
ATOM   528  C CB  . ILE A 1 72  ? -24.154 0.333   -0.684  1.00 55.53  ? 67   ILE A CB  1 
ATOM   529  C CG1 . ILE A 1 72  ? -22.830 0.412   -1.446  1.00 55.86  ? 67   ILE A CG1 1 
ATOM   530  C CG2 . ILE A 1 72  ? -24.795 -1.035  -0.946  1.00 56.34  ? 67   ILE A CG2 1 
ATOM   531  C CD1 . ILE A 1 72  ? -21.795 -0.581  -0.924  1.00 56.59  ? 67   ILE A CD1 1 
ATOM   532  N N   . ALA A 1 73  ? -23.978 3.496   -1.821  1.00 51.52  ? 68   ALA A N   1 
ATOM   533  C CA  . ALA A 1 73  ? -23.381 4.813   -1.628  1.00 50.78  ? 68   ALA A CA  1 
ATOM   534  C C   . ALA A 1 73  ? -23.918 5.815   -2.667  1.00 50.15  ? 68   ALA A C   1 
ATOM   535  O O   . ALA A 1 73  ? -23.178 6.330   -3.500  1.00 49.93  ? 68   ALA A O   1 
ATOM   536  C CB  . ALA A 1 73  ? -21.850 4.702   -1.718  1.00 50.12  ? 68   ALA A CB  1 
ATOM   537  N N   . PRO A 1 74  ? -25.226 6.097   -2.624  1.00 50.67  ? 69   PRO A N   1 
ATOM   538  C CA  . PRO A 1 74  ? -25.900 7.028   -3.545  1.00 49.27  ? 69   PRO A CA  1 
ATOM   539  C C   . PRO A 1 74  ? -25.316 8.428   -3.481  1.00 48.00  ? 69   PRO A C   1 
ATOM   540  O O   . PRO A 1 74  ? -25.208 9.130   -4.484  1.00 48.01  ? 69   PRO A O   1 
ATOM   541  C CB  . PRO A 1 74  ? -27.367 7.004   -3.071  1.00 50.01  ? 69   PRO A CB  1 
ATOM   542  C CG  . PRO A 1 74  ? -27.495 5.642   -2.479  1.00 51.61  ? 69   PRO A CG  1 
ATOM   543  C CD  . PRO A 1 74  ? -26.204 5.477   -1.706  1.00 50.98  ? 69   PRO A CD  1 
ATOM   544  N N   . SER A 1 75  ? -24.914 8.824   -2.287  1.00 46.69  ? 70   SER A N   1 
ATOM   545  C CA  . SER A 1 75  ? -24.368 10.153  -2.109  1.00 45.19  ? 70   SER A CA  1 
ATOM   546  C C   . SER A 1 75  ? -22.926 10.308  -2.533  1.00 43.16  ? 70   SER A C   1 
ATOM   547  O O   . SER A 1 75  ? -22.367 11.394  -2.368  1.00 42.52  ? 70   SER A O   1 
ATOM   548  C CB  . SER A 1 75  ? -24.462 10.577  -0.652  1.00 45.86  ? 70   SER A CB  1 
ATOM   549  O OG  . SER A 1 75  ? -23.430 9.928   0.081   1.00 49.35  ? 70   SER A OG  1 
ATOM   550  N N   . ALA A 1 76  ? -22.299 9.258   -3.043  1.00 41.37  ? 71   ALA A N   1 
ATOM   551  C CA  . ALA A 1 76  ? -20.897 9.389   -3.446  1.00 40.47  ? 71   ALA A CA  1 
ATOM   552  C C   . ALA A 1 76  ? -20.756 10.106  -4.803  1.00 40.11  ? 71   ALA A C   1 
ATOM   553  O O   . ALA A 1 76  ? -21.706 10.194  -5.573  1.00 41.00  ? 71   ALA A O   1 
ATOM   554  C CB  . ALA A 1 76  ? -20.240 7.994   -3.525  1.00 39.04  ? 71   ALA A CB  1 
ATOM   555  N N   . ILE A 1 77  ? -19.564 10.616  -5.092  1.00 39.44  ? 72   ILE A N   1 
ATOM   556  C CA  . ILE A 1 77  ? -19.309 11.238  -6.384  1.00 37.93  ? 72   ILE A CA  1 
ATOM   557  C C   . ILE A 1 77  ? -18.606 10.156  -7.201  1.00 37.54  ? 72   ILE A C   1 
ATOM   558  O O   . ILE A 1 77  ? -17.682 9.518   -6.676  1.00 37.61  ? 72   ILE A O   1 
ATOM   559  C CB  . ILE A 1 77  ? -18.360 12.443  -6.265  1.00 37.37  ? 72   ILE A CB  1 
ATOM   560  C CG1 . ILE A 1 77  ? -19.086 13.595  -5.574  1.00 37.37  ? 72   ILE A CG1 1 
ATOM   561  C CG2 . ILE A 1 77  ? -17.865 12.882  -7.695  1.00 36.95  ? 72   ILE A CG2 1 
ATOM   562  C CD1 . ILE A 1 77  ? -18.234 14.837  -5.401  1.00 36.77  ? 72   ILE A CD1 1 
ATOM   563  N N   . TYR A 1 78  ? -19.048 9.918   -8.435  1.00 36.50  ? 73   TYR A N   1 
ATOM   564  C CA  . TYR A 1 78  ? -18.421 8.892   -9.285  1.00 38.57  ? 73   TYR A CA  1 
ATOM   565  C C   . TYR A 1 78  ? -17.697 9.485   -10.484 1.00 37.74  ? 73   TYR A C   1 
ATOM   566  O O   . TYR A 1 78  ? -18.311 10.110  -11.348 1.00 37.53  ? 73   TYR A O   1 
ATOM   567  C CB  . TYR A 1 78  ? -19.447 7.856   -9.780  1.00 39.44  ? 73   TYR A CB  1 
ATOM   568  C CG  . TYR A 1 78  ? -20.061 7.074   -8.657  1.00 40.15  ? 73   TYR A CG  1 
ATOM   569  C CD1 . TYR A 1 78  ? -21.047 7.631   -7.857  1.00 40.30  ? 73   TYR A CD1 1 
ATOM   570  C CD2 . TYR A 1 78  ? -19.620 5.802   -8.358  1.00 40.95  ? 73   TYR A CD2 1 
ATOM   571  C CE1 . TYR A 1 78  ? -21.565 6.951   -6.792  1.00 38.37  ? 73   TYR A CE1 1 
ATOM   572  C CE2 . TYR A 1 78  ? -20.142 5.104   -7.284  1.00 40.35  ? 73   TYR A CE2 1 
ATOM   573  C CZ  . TYR A 1 78  ? -21.110 5.687   -6.515  1.00 39.47  ? 73   TYR A CZ  1 
ATOM   574  O OH  . TYR A 1 78  ? -21.636 4.994   -5.463  1.00 39.84  ? 73   TYR A OH  1 
ATOM   575  N N   . VAL A 1 79  ? -16.388 9.270   -10.540 1.00 38.03  ? 74   VAL A N   1 
ATOM   576  C CA  . VAL A 1 79  ? -15.612 9.819   -11.636 1.00 37.91  ? 74   VAL A CA  1 
ATOM   577  C C   . VAL A 1 79  ? -14.936 8.720   -12.456 1.00 38.33  ? 74   VAL A C   1 
ATOM   578  O O   . VAL A 1 79  ? -14.832 7.561   -12.026 1.00 39.12  ? 74   VAL A O   1 
ATOM   579  C CB  . VAL A 1 79  ? -14.568 10.880  -11.118 1.00 35.75  ? 74   VAL A CB  1 
ATOM   580  C CG1 . VAL A 1 79  ? -15.256 11.850  -10.100 1.00 32.60  ? 74   VAL A CG1 1 
ATOM   581  C CG2 . VAL A 1 79  ? -13.372 10.201  -10.472 1.00 34.64  ? 74   VAL A CG2 1 
ATOM   582  N N   . PRO A 1 80  ? -14.487 9.069   -13.665 1.00 39.26  ? 75   PRO A N   1 
ATOM   583  C CA  . PRO A 1 80  ? -13.829 8.063   -14.507 1.00 38.77  ? 75   PRO A CA  1 
ATOM   584  C C   . PRO A 1 80  ? -12.357 7.956   -14.247 1.00 38.81  ? 75   PRO A C   1 
ATOM   585  O O   . PRO A 1 80  ? -11.702 8.928   -13.835 1.00 37.56  ? 75   PRO A O   1 
ATOM   586  C CB  . PRO A 1 80  ? -14.091 8.559   -15.933 1.00 38.82  ? 75   PRO A CB  1 
ATOM   587  C CG  . PRO A 1 80  ? -14.036 10.083  -15.750 1.00 39.01  ? 75   PRO A CG  1 
ATOM   588  C CD  . PRO A 1 80  ? -14.828 10.276  -14.437 1.00 37.99  ? 75   PRO A CD  1 
ATOM   589  N N   . MET A 1 81  ? -11.839 6.763   -14.514 1.00 40.85  ? 76   MET A N   1 
ATOM   590  C CA  . MET A 1 81  ? -10.437 6.506   -14.349 1.00 42.35  ? 76   MET A CA  1 
ATOM   591  C C   . MET A 1 81  ? -9.654  7.286   -15.378 1.00 42.26  ? 76   MET A C   1 
ATOM   592  O O   . MET A 1 81  ? -9.991  7.281   -16.560 1.00 42.19  ? 76   MET A O   1 
ATOM   593  C CB  . MET A 1 81  ? -10.130 5.028   -14.530 1.00 45.59  ? 76   MET A CB  1 
ATOM   594  C CG  . MET A 1 81  ? -8.741  4.675   -14.015 1.00 50.58  ? 76   MET A CG  1 
ATOM   595  S SD  . MET A 1 81  ? -8.421  2.935   -14.096 1.00 55.82  ? 76   MET A SD  1 
ATOM   596  C CE  . MET A 1 81  ? -8.511  2.668   -15.924 1.00 53.27  ? 76   MET A CE  1 
ATOM   597  N N   . ARG A 1 82  ? -8.620  7.982   -14.916 1.00 41.83  ? 77   ARG A N   1 
ATOM   598  C CA  . ARG A 1 82  ? -7.753  8.737   -15.811 1.00 41.76  ? 77   ARG A CA  1 
ATOM   599  C C   . ARG A 1 82  ? -6.320  8.214   -15.558 1.00 41.59  ? 77   ARG A C   1 
ATOM   600  O O   . ARG A 1 82  ? -5.440  8.916   -15.039 1.00 39.51  ? 77   ARG A O   1 
ATOM   601  C CB  . ARG A 1 82  ? -7.881  10.240  -15.528 1.00 41.73  ? 77   ARG A CB  1 
ATOM   602  C CG  . ARG A 1 82  ? -9.276  10.792  -15.858 1.00 43.68  ? 77   ARG A CG  1 
ATOM   603  C CD  . ARG A 1 82  ? -9.248  12.318  -15.919 1.00 44.20  ? 77   ARG A CD  1 
ATOM   604  N NE  . ARG A 1 82  ? -9.253  12.928  -14.592 1.00 42.97  ? 77   ARG A NE  1 
ATOM   605  C CZ  . ARG A 1 82  ? -8.962  14.200  -14.344 1.00 42.85  ? 77   ARG A CZ  1 
ATOM   606  N NH1 . ARG A 1 82  ? -8.632  15.021  -15.340 1.00 43.65  ? 77   ARG A NH1 1 
ATOM   607  N NH2 . ARG A 1 82  ? -8.997  14.646  -13.090 1.00 42.32  ? 77   ARG A NH2 1 
ATOM   608  N N   . LYS A 1 83  ? -6.113  6.952   -15.911 1.00 43.01  ? 78   LYS A N   1 
ATOM   609  C CA  . LYS A 1 83  ? -4.821  6.291   -15.727 1.00 45.05  ? 78   LYS A CA  1 
ATOM   610  C C   . LYS A 1 83  ? -3.583  7.108   -16.089 1.00 45.63  ? 78   LYS A C   1 
ATOM   611  O O   . LYS A 1 83  ? -2.668  7.235   -15.266 1.00 47.69  ? 78   LYS A O   1 
ATOM   612  C CB  . LYS A 1 83  ? -4.803  4.954   -16.478 1.00 46.55  ? 78   LYS A CB  1 
ATOM   613  C CG  . LYS A 1 83  ? -3.815  3.955   -15.861 1.00 51.00  ? 78   LYS A CG  1 
ATOM   614  C CD  . LYS A 1 83  ? -4.223  2.516   -16.138 1.00 53.53  ? 78   LYS A CD  1 
ATOM   615  C CE  . LYS A 1 83  ? -3.124  1.548   -15.690 1.00 56.23  ? 78   LYS A CE  1 
ATOM   616  N NZ  . LYS A 1 83  ? -3.428  0.130   -16.050 1.00 58.48  ? 78   LYS A NZ  1 
ATOM   617  N N   . PRO A 1 84  ? -3.542  7.713   -17.296 1.00 45.51  ? 79   PRO A N   1 
ATOM   618  C CA  . PRO A 1 84  ? -2.360  8.507   -17.677 1.00 46.04  ? 79   PRO A CA  1 
ATOM   619  C C   . PRO A 1 84  ? -1.887  9.465   -16.597 1.00 45.39  ? 79   PRO A C   1 
ATOM   620  O O   . PRO A 1 84  ? -0.703  9.610   -16.333 1.00 46.35  ? 79   PRO A O   1 
ATOM   621  C CB  . PRO A 1 84  ? -2.828  9.238   -18.948 1.00 46.15  ? 79   PRO A CB  1 
ATOM   622  C CG  . PRO A 1 84  ? -3.712  8.198   -19.598 1.00 45.02  ? 79   PRO A CG  1 
ATOM   623  C CD  . PRO A 1 84  ? -4.532  7.701   -18.389 1.00 45.80  ? 79   PRO A CD  1 
ATOM   624  N N   . ILE A 1 85  ? -2.830  10.138  -15.975 1.00 45.34  ? 80   ILE A N   1 
ATOM   625  C CA  . ILE A 1 85  ? -2.487  11.066  -14.925 1.00 44.48  ? 80   ILE A CA  1 
ATOM   626  C C   . ILE A 1 85  ? -1.910  10.384  -13.683 1.00 44.71  ? 80   ILE A C   1 
ATOM   627  O O   . ILE A 1 85  ? -0.968  10.907  -13.061 1.00 46.14  ? 80   ILE A O   1 
ATOM   628  C CB  . ILE A 1 85  ? -3.698  11.870  -14.499 1.00 42.84  ? 80   ILE A CB  1 
ATOM   629  C CG1 . ILE A 1 85  ? -4.269  12.619  -15.719 1.00 42.18  ? 80   ILE A CG1 1 
ATOM   630  C CG2 . ILE A 1 85  ? -3.309  12.799  -13.361 1.00 41.78  ? 80   ILE A CG2 1 
ATOM   631  C CD1 . ILE A 1 85  ? -5.643  13.257  -15.485 1.00 39.86  ? 80   ILE A CD1 1 
ATOM   632  N N   . TYR A 1 86  ? -2.453  9.230   -13.326 1.00 44.34  ? 81   TYR A N   1 
ATOM   633  C CA  . TYR A 1 86  ? -1.966  8.542   -12.133 1.00 44.21  ? 81   TYR A CA  1 
ATOM   634  C C   . TYR A 1 86  ? -0.557  7.997   -12.454 1.00 44.46  ? 81   TYR A C   1 
ATOM   635  O O   . TYR A 1 86  ? 0.341   7.997   -11.601 1.00 43.58  ? 81   TYR A O   1 
ATOM   636  C CB  . TYR A 1 86  ? -2.919  7.404   -11.763 1.00 41.27  ? 81   TYR A CB  1 
ATOM   637  C CG  . TYR A 1 86  ? -4.399  7.766   -11.748 1.00 39.43  ? 81   TYR A CG  1 
ATOM   638  C CD1 . TYR A 1 86  ? -5.362  6.792   -12.049 1.00 36.90  ? 81   TYR A CD1 1 
ATOM   639  C CD2 . TYR A 1 86  ? -4.842  9.064   -11.462 1.00 39.80  ? 81   TYR A CD2 1 
ATOM   640  C CE1 . TYR A 1 86  ? -6.680  7.070   -12.086 1.00 35.27  ? 81   TYR A CE1 1 
ATOM   641  C CE2 . TYR A 1 86  ? -6.215  9.369   -11.497 1.00 38.02  ? 81   TYR A CE2 1 
ATOM   642  C CZ  . TYR A 1 86  ? -7.122  8.358   -11.821 1.00 37.24  ? 81   TYR A CZ  1 
ATOM   643  O OH  . TYR A 1 86  ? -8.464  8.626   -11.984 1.00 34.99  ? 81   TYR A OH  1 
ATOM   644  N N   . GLU A 1 87  ? -0.369  7.554   -13.699 1.00 45.28  ? 82   GLU A N   1 
ATOM   645  C CA  . GLU A 1 87  ? 0.930   7.043   -14.116 1.00 46.68  ? 82   GLU A CA  1 
ATOM   646  C C   . GLU A 1 87  ? 1.905   8.189   -13.992 1.00 47.16  ? 82   GLU A C   1 
ATOM   647  O O   . GLU A 1 87  ? 3.033   8.020   -13.511 1.00 48.07  ? 82   GLU A O   1 
ATOM   648  C CB  . GLU A 1 87  ? 0.870   6.499   -15.549 1.00 47.91  ? 82   GLU A CB  1 
ATOM   649  C CG  . GLU A 1 87  ? 0.049   5.222   -15.562 1.00 52.11  ? 82   GLU A CG  1 
ATOM   650  C CD  . GLU A 1 87  ? -0.083  4.580   -16.928 1.00 55.26  ? 82   GLU A CD  1 
ATOM   651  O OE1 . GLU A 1 87  ? -0.341  5.329   -17.909 1.00 57.76  ? 82   GLU A OE1 1 
ATOM   652  O OE2 . GLU A 1 87  ? 0.056   3.327   -17.014 1.00 55.25  ? 82   GLU A OE2 1 
ATOM   653  N N   . ALA A 1 88  ? 1.451   9.375   -14.367 1.00 46.32  ? 83   ALA A N   1 
ATOM   654  C CA  . ALA A 1 88  ? 2.303   10.541  -14.269 1.00 46.62  ? 83   ALA A CA  1 
ATOM   655  C C   . ALA A 1 88  ? 2.707   10.777  -12.821 1.00 45.54  ? 83   ALA A C   1 
ATOM   656  O O   . ALA A 1 88  ? 3.880   11.008  -12.525 1.00 45.43  ? 83   ALA A O   1 
ATOM   657  C CB  . ALA A 1 88  ? 1.588   11.774  -14.843 1.00 47.66  ? 83   ALA A CB  1 
ATOM   658  N N   . PHE A 1 89  ? 1.746   10.702  -11.907 1.00 45.61  ? 84   PHE A N   1 
ATOM   659  C CA  . PHE A 1 89  ? 2.079   10.910  -10.487 1.00 44.32  ? 84   PHE A CA  1 
ATOM   660  C C   . PHE A 1 89  ? 3.027   9.858   -9.960  1.00 43.58  ? 84   PHE A C   1 
ATOM   661  O O   . PHE A 1 89  ? 4.006   10.180  -9.307  1.00 43.92  ? 84   PHE A O   1 
ATOM   662  C CB  . PHE A 1 89  ? 0.831   10.889  -9.622  1.00 43.73  ? 84   PHE A CB  1 
ATOM   663  C CG  . PHE A 1 89  ? 0.182   12.234  -9.442  1.00 43.57  ? 84   PHE A CG  1 
ATOM   664  C CD1 . PHE A 1 89  ? -0.421  12.879  -10.505 1.00 44.37  ? 84   PHE A CD1 1 
ATOM   665  C CD2 . PHE A 1 89  ? 0.151   12.840  -8.183  1.00 43.93  ? 84   PHE A CD2 1 
ATOM   666  C CE1 . PHE A 1 89  ? -1.069  14.131  -10.317 1.00 44.51  ? 84   PHE A CE1 1 
ATOM   667  C CE2 . PHE A 1 89  ? -0.480  14.067  -7.976  1.00 43.41  ? 84   PHE A CE2 1 
ATOM   668  C CZ  . PHE A 1 89  ? -1.095  14.721  -9.049  1.00 43.49  ? 84   PHE A CZ  1 
ATOM   669  N N   . SER A 1 90  ? 2.696   8.601   -10.234 1.00 43.49  ? 85   SER A N   1 
ATOM   670  C CA  . SER A 1 90  ? 3.472   7.465   -9.796  1.00 44.05  ? 85   SER A CA  1 
ATOM   671  C C   . SER A 1 90  ? 4.902   7.592   -10.260 1.00 45.22  ? 85   SER A C   1 
ATOM   672  O O   . SER A 1 90  ? 5.833   7.371   -9.499  1.00 45.55  ? 85   SER A O   1 
ATOM   673  C CB  . SER A 1 90  ? 2.878   6.175   -10.362 1.00 43.65  ? 85   SER A CB  1 
ATOM   674  O OG  . SER A 1 90  ? 3.735   5.074   -10.090 1.00 43.74  ? 85   SER A OG  1 
ATOM   675  N N   . ASN A 1 91  ? 5.046   7.919   -11.535 1.00 47.07  ? 86   ASN A N   1 
ATOM   676  C CA  . ASN A 1 91  ? 6.333   8.082   -12.191 1.00 47.62  ? 86   ASN A CA  1 
ATOM   677  C C   . ASN A 1 91  ? 7.213   8.999   -11.413 1.00 47.44  ? 86   ASN A C   1 
ATOM   678  O O   . ASN A 1 91  ? 8.378   8.715   -11.146 1.00 47.31  ? 86   ASN A O   1 
ATOM   679  C CB  . ASN A 1 91  ? 6.113   8.679   -13.562 1.00 50.02  ? 86   ASN A CB  1 
ATOM   680  C CG  . ASN A 1 91  ? 6.739   7.869   -14.630 1.00 53.64  ? 86   ASN A CG  1 
ATOM   681  O OD1 . ASN A 1 91  ? 7.942   8.005   -14.897 1.00 56.56  ? 86   ASN A OD1 1 
ATOM   682  N ND2 . ASN A 1 91  ? 5.953   6.977   -15.241 1.00 54.40  ? 86   ASN A ND2 1 
ATOM   683  N N   . ARG A 1 92  ? 6.641   10.130  -11.052 1.00 47.79  ? 87   ARG A N   1 
ATOM   684  C CA  . ARG A 1 92  ? 7.360   11.137  -10.293 1.00 47.87  ? 87   ARG A CA  1 
ATOM   685  C C   . ARG A 1 92  ? 7.782   10.652  -8.893  1.00 47.37  ? 87   ARG A C   1 
ATOM   686  O O   . ARG A 1 92  ? 8.911   10.893  -8.423  1.00 47.74  ? 87   ARG A O   1 
ATOM   687  C CB  . ARG A 1 92  ? 6.464   12.369  -10.188 1.00 48.52  ? 87   ARG A CB  1 
ATOM   688  C CG  . ARG A 1 92  ? 7.008   13.604  -10.903 1.00 50.30  ? 87   ARG A CG  1 
ATOM   689  C CD  . ARG A 1 92  ? 5.914   14.422  -11.568 1.00 51.42  ? 87   ARG A CD  1 
ATOM   690  N NE  . ARG A 1 92  ? 4.749   14.699  -10.717 1.00 51.96  ? 87   ARG A NE  1 
ATOM   691  C CZ  . ARG A 1 92  ? 3.513   14.761  -11.207 1.00 52.29  ? 87   ARG A CZ  1 
ATOM   692  N NH1 . ARG A 1 92  ? 3.319   14.565  -12.511 1.00 52.17  ? 87   ARG A NH1 1 
ATOM   693  N NH2 . ARG A 1 92  ? 2.481   15.009  -10.413 1.00 51.64  ? 87   ARG A NH2 1 
ATOM   694  N N   . ILE A 1 93  ? 6.869   9.959   -8.232  1.00 45.75  ? 88   ILE A N   1 
ATOM   695  C CA  . ILE A 1 93  ? 7.145   9.480   -6.897  1.00 44.81  ? 88   ILE A CA  1 
ATOM   696  C C   . ILE A 1 93  ? 8.202   8.385   -6.935  1.00 45.05  ? 88   ILE A C   1 
ATOM   697  O O   . ILE A 1 93  ? 9.150   8.392   -6.150  1.00 45.02  ? 88   ILE A O   1 
ATOM   698  C CB  . ILE A 1 93  ? 5.842   9.001   -6.263  1.00 43.58  ? 88   ILE A CB  1 
ATOM   699  C CG1 . ILE A 1 93  ? 4.874   10.195  -6.231  1.00 43.21  ? 88   ILE A CG1 1 
ATOM   700  C CG2 . ILE A 1 93  ? 6.076   8.451   -4.849  1.00 40.74  ? 88   ILE A CG2 1 
ATOM   701  C CD1 . ILE A 1 93  ? 3.442   9.820   -6.005  1.00 41.89  ? 88   ILE A CD1 1 
ATOM   702  N N   . MET A 1 94  ? 8.049   7.448   -7.859  1.00 46.08  ? 89   MET A N   1 
ATOM   703  C CA  . MET A 1 94  ? 9.017   6.373   -7.985  1.00 47.30  ? 89   MET A CA  1 
ATOM   704  C C   . MET A 1 94  ? 10.412  6.960   -8.210  1.00 48.72  ? 89   MET A C   1 
ATOM   705  O O   . MET A 1 94  ? 11.384  6.507   -7.585  1.00 49.13  ? 89   MET A O   1 
ATOM   706  C CB  . MET A 1 94  ? 8.651   5.448   -9.143  1.00 45.33  ? 89   MET A CB  1 
ATOM   707  C CG  . MET A 1 94  ? 7.337   4.767   -8.937  1.00 43.31  ? 89   MET A CG  1 
ATOM   708  S SD  . MET A 1 94  ? 7.294   3.921   -7.327  1.00 42.02  ? 89   MET A SD  1 
ATOM   709  C CE  . MET A 1 94  ? 5.731   2.951   -7.592  1.00 41.04  ? 89   MET A CE  1 
ATOM   710  N N   . ASN A 1 95  ? 10.511  7.985   -9.058  1.00 49.75  ? 90   ASN A N   1 
ATOM   711  C CA  . ASN A 1 95  ? 11.815  8.590   -9.350  1.00 50.94  ? 90   ASN A CA  1 
ATOM   712  C C   . ASN A 1 95  ? 12.409  9.217   -8.151  1.00 50.75  ? 90   ASN A C   1 
ATOM   713  O O   . ASN A 1 95  ? 13.621  9.218   -7.957  1.00 49.15  ? 90   ASN A O   1 
ATOM   714  C CB  . ASN A 1 95  ? 11.719  9.637   -10.451 1.00 52.46  ? 90   ASN A CB  1 
ATOM   715  C CG  . ASN A 1 95  ? 12.019  9.052   -11.811 1.00 55.48  ? 90   ASN A CG  1 
ATOM   716  O OD1 . ASN A 1 95  ? 11.579  9.579   -12.845 1.00 56.97  ? 90   ASN A OD1 1 
ATOM   717  N ND2 . ASN A 1 95  ? 12.783  7.944   -11.825 1.00 55.58  ? 90   ASN A ND2 1 
ATOM   718  N N   . LEU A 1 96  ? 11.527  9.743   -7.327  1.00 51.85  ? 91   LEU A N   1 
ATOM   719  C CA  . LEU A 1 96  ? 11.960  10.380  -6.111  1.00 53.27  ? 91   LEU A CA  1 
ATOM   720  C C   . LEU A 1 96  ? 12.546  9.319   -5.188  1.00 54.00  ? 91   LEU A C   1 
ATOM   721  O O   . LEU A 1 96  ? 13.593  9.532   -4.589  1.00 55.58  ? 91   LEU A O   1 
ATOM   722  C CB  . LEU A 1 96  ? 10.764  11.044  -5.470  1.00 54.29  ? 91   LEU A CB  1 
ATOM   723  C CG  . LEU A 1 96  ? 10.979  12.299  -4.652  1.00 55.87  ? 91   LEU A CG  1 
ATOM   724  C CD1 . LEU A 1 96  ? 11.733  13.388  -5.477  1.00 56.38  ? 91   LEU A CD1 1 
ATOM   725  C CD2 . LEU A 1 96  ? 9.590   12.777  -4.212  1.00 55.78  ? 91   LEU A CD2 1 
ATOM   726  N N   . LEU A 1 97  ? 11.878  8.174   -5.084  1.00 54.34  ? 92   LEU A N   1 
ATOM   727  C CA  . LEU A 1 97  ? 12.334  7.083   -4.213  1.00 55.03  ? 92   LEU A CA  1 
ATOM   728  C C   . LEU A 1 97  ? 13.712  6.544   -4.647  1.00 56.69  ? 92   LEU A C   1 
ATOM   729  O O   . LEU A 1 97  ? 14.590  6.269   -3.822  1.00 55.48  ? 92   LEU A O   1 
ATOM   730  C CB  . LEU A 1 97  ? 11.319  5.934   -4.238  1.00 53.15  ? 92   LEU A CB  1 
ATOM   731  C CG  . LEU A 1 97  ? 9.904   6.219   -3.743  1.00 52.61  ? 92   LEU A CG  1 
ATOM   732  C CD1 . LEU A 1 97  ? 9.035   5.018   -4.040  1.00 51.57  ? 92   LEU A CD1 1 
ATOM   733  C CD2 . LEU A 1 97  ? 9.908   6.545   -2.250  1.00 50.89  ? 92   LEU A CD2 1 
ATOM   734  N N   . ASN A 1 98  ? 13.861  6.388   -5.962  1.00 59.03  ? 93   ASN A N   1 
ATOM   735  C CA  . ASN A 1 98  ? 15.072  5.897   -6.595  1.00 59.85  ? 93   ASN A CA  1 
ATOM   736  C C   . ASN A 1 98  ? 16.306  6.551   -5.990  1.00 60.18  ? 93   ASN A C   1 
ATOM   737  O O   . ASN A 1 98  ? 17.301  5.889   -5.700  1.00 60.11  ? 93   ASN A O   1 
ATOM   738  C CB  . ASN A 1 98  ? 14.996  6.193   -8.087  1.00 61.77  ? 93   ASN A CB  1 
ATOM   739  C CG  . ASN A 1 98  ? 16.205  5.688   -8.839  1.00 62.62  ? 93   ASN A CG  1 
ATOM   740  O OD1 . ASN A 1 98  ? 16.517  4.493   -8.798  1.00 62.99  ? 93   ASN A OD1 1 
ATOM   741  N ND2 . ASN A 1 98  ? 16.897  6.592   -9.524  1.00 61.86  ? 93   ASN A ND2 1 
ATOM   742  N N   . LYS A 1 99  ? 16.225  7.854   -5.773  1.00 60.76  ? 94   LYS A N   1 
ATOM   743  C CA  . LYS A 1 99  ? 17.331  8.607   -5.190  1.00 61.68  ? 94   LYS A CA  1 
ATOM   744  C C   . LYS A 1 99  ? 17.722  8.259   -3.735  1.00 60.72  ? 94   LYS A C   1 
ATOM   745  O O   . LYS A 1 99  ? 18.747  8.721   -3.239  1.00 61.00  ? 94   LYS A O   1 
ATOM   746  C CB  . LYS A 1 99  ? 17.026  10.104  -5.296  1.00 63.71  ? 94   LYS A CB  1 
ATOM   747  C CG  . LYS A 1 99  ? 16.715  10.549  -6.722  1.00 65.74  ? 94   LYS A CG  1 
ATOM   748  C CD  . LYS A 1 99  ? 17.309  11.929  -7.009  1.00 68.05  ? 94   LYS A CD  1 
ATOM   749  C CE  . LYS A 1 99  ? 17.255  12.271  -8.497  1.00 69.10  ? 94   LYS A CE  1 
ATOM   750  N NZ  . LYS A 1 99  ? 18.066  13.484  -8.810  1.00 69.97  ? 94   LYS A NZ  1 
ATOM   751  N N   . HIS A 1 100 ? 16.925  7.468   -3.032  1.00 59.36  ? 95   HIS A N   1 
ATOM   752  C CA  . HIS A 1 100 ? 17.309  7.110   -1.671  1.00 57.87  ? 95   HIS A CA  1 
ATOM   753  C C   . HIS A 1 100 ? 17.565  5.635   -1.524  1.00 56.55  ? 95   HIS A C   1 
ATOM   754  O O   . HIS A 1 100 ? 17.742  5.163   -0.405  1.00 56.55  ? 95   HIS A O   1 
ATOM   755  C CB  . HIS A 1 100 ? 16.225  7.448   -0.649  1.00 58.52  ? 95   HIS A CB  1 
ATOM   756  C CG  . HIS A 1 100 ? 15.802  8.865   -0.655  1.00 59.00  ? 95   HIS A CG  1 
ATOM   757  N ND1 . HIS A 1 100 ? 14.883  9.366   -1.567  1.00 60.21  ? 95   HIS A ND1 1 
ATOM   758  C CD2 . HIS A 1 100 ? 16.128  9.905   0.144   1.00 59.32  ? 95   HIS A CD2 1 
ATOM   759  C CE1 . HIS A 1 100 ? 14.671  10.636  -1.318  1.00 60.47  ? 95   HIS A CE1 1 
ATOM   760  N NE2 . HIS A 1 100 ? 15.417  10.995  -0.276  1.00 59.60  ? 95   HIS A NE2 1 
ATOM   761  N N   . ALA A 1 101 ? 17.577  4.890   -2.619  1.00 56.30  ? 96   ALA A N   1 
ATOM   762  C CA  . ALA A 1 101 ? 17.752  3.443   -2.493  1.00 56.42  ? 96   ALA A CA  1 
ATOM   763  C C   . ALA A 1 101 ? 19.008  2.810   -3.097  1.00 55.41  ? 96   ALA A C   1 
ATOM   764  O O   . ALA A 1 101 ? 19.488  3.244   -4.152  1.00 54.43  ? 96   ALA A O   1 
ATOM   765  C CB  . ALA A 1 101 ? 16.502  2.737   -3.049  1.00 56.64  ? 96   ALA A CB  1 
ATOM   766  N N   . ASP A 1 102 ? 19.520  1.776   -2.422  1.00 54.11  ? 97   ASP A N   1 
ATOM   767  C CA  . ASP A 1 102 ? 20.687  1.077   -2.926  1.00 53.29  ? 97   ASP A CA  1 
ATOM   768  C C   . ASP A 1 102 ? 20.177  0.362   -4.176  1.00 53.24  ? 97   ASP A C   1 
ATOM   769  O O   . ASP A 1 102 ? 20.866  0.276   -5.186  1.00 53.85  ? 97   ASP A O   1 
ATOM   770  C CB  . ASP A 1 102 ? 21.206  -0.016  -1.972  1.00 52.84  ? 97   ASP A CB  1 
ATOM   771  C CG  . ASP A 1 102 ? 21.367  0.435   -0.513  1.00 54.05  ? 97   ASP A CG  1 
ATOM   772  O OD1 . ASP A 1 102 ? 21.653  1.623   -0.209  1.00 54.29  ? 97   ASP A OD1 1 
ATOM   773  O OD2 . ASP A 1 102 ? 21.234  -0.464  0.357   1.00 55.14  ? 97   ASP A OD2 1 
ATOM   774  N N   . LYS A 1 103 ? 18.938  -0.113  -4.108  1.00 52.67  ? 98   LYS A N   1 
ATOM   775  C CA  . LYS A 1 103 ? 18.325  -0.879  -5.195  1.00 51.78  ? 98   LYS A CA  1 
ATOM   776  C C   . LYS A 1 103 ? 16.790  -0.712  -5.075  1.00 50.35  ? 98   LYS A C   1 
ATOM   777  O O   . LYS A 1 103 ? 16.262  -0.653  -3.966  1.00 50.34  ? 98   LYS A O   1 
ATOM   778  C CB  . LYS A 1 103 ? 18.748  -2.333  -4.975  1.00 52.95  ? 98   LYS A CB  1 
ATOM   779  C CG  . LYS A 1 103 ? 18.427  -3.367  -6.023  1.00 54.36  ? 98   LYS A CG  1 
ATOM   780  C CD  . LYS A 1 103 ? 19.205  -4.639  -5.640  1.00 56.11  ? 98   LYS A CD  1 
ATOM   781  C CE  . LYS A 1 103 ? 18.802  -5.891  -6.440  1.00 57.38  ? 98   LYS A CE  1 
ATOM   782  N NZ  . LYS A 1 103 ? 19.565  -7.105  -5.977  1.00 57.83  ? 98   LYS A NZ  1 
ATOM   783  N N   . ILE A 1 104 ? 16.070  -0.637  -6.191  1.00 48.49  ? 99   ILE A N   1 
ATOM   784  C CA  . ILE A 1 104 ? 14.622  -0.469  -6.081  1.00 47.06  ? 99   ILE A CA  1 
ATOM   785  C C   . ILE A 1 104 ? 13.759  -1.372  -6.929  1.00 45.61  ? 99   ILE A C   1 
ATOM   786  O O   . ILE A 1 104 ? 13.993  -1.536  -8.121  1.00 45.54  ? 99   ILE A O   1 
ATOM   787  C CB  . ILE A 1 104 ? 14.170  0.975   -6.396  1.00 47.11  ? 99   ILE A CB  1 
ATOM   788  C CG1 . ILE A 1 104 ? 12.680  1.131   -6.045  1.00 47.42  ? 99   ILE A CG1 1 
ATOM   789  C CG2 . ILE A 1 104 ? 14.394  1.278   -7.885  1.00 46.58  ? 99   ILE A CG2 1 
ATOM   790  C CD1 . ILE A 1 104 ? 12.056  2.475   -6.402  1.00 47.67  ? 99   ILE A CD1 1 
ATOM   791  N N   . GLU A 1 105 ? 12.763  -1.978  -6.290  1.00 44.36  ? 100  GLU A N   1 
ATOM   792  C CA  . GLU A 1 105 ? 11.818  -2.810  -7.018  1.00 44.65  ? 100  GLU A CA  1 
ATOM   793  C C   . GLU A 1 105 ? 10.473  -2.064  -7.158  1.00 43.46  ? 100  GLU A C   1 
ATOM   794  O O   . GLU A 1 105 ? 9.769   -1.852  -6.180  1.00 42.71  ? 100  GLU A O   1 
ATOM   795  C CB  . GLU A 1 105 ? 11.590  -4.151  -6.311  1.00 45.33  ? 100  GLU A CB  1 
ATOM   796  C CG  . GLU A 1 105 ? 10.644  -5.047  -7.125  1.00 48.85  ? 100  GLU A CG  1 
ATOM   797  C CD  . GLU A 1 105 ? 10.188  -6.325  -6.431  1.00 49.72  ? 100  GLU A CD  1 
ATOM   798  O OE1 . GLU A 1 105 ? 9.354   -7.046  -7.011  1.00 50.81  ? 100  GLU A OE1 1 
ATOM   799  O OE2 . GLU A 1 105 ? 10.645  -6.623  -5.314  1.00 52.31  ? 100  GLU A OE2 1 
ATOM   800  N N   . VAL A 1 106 ? 10.138  -1.628  -8.368  1.00 43.92  ? 101  VAL A N   1 
ATOM   801  C CA  . VAL A 1 106 ? 8.863   -0.958  -8.575  1.00 43.24  ? 101  VAL A CA  1 
ATOM   802  C C   . VAL A 1 106 ? 7.906   -2.099  -8.831  1.00 44.46  ? 101  VAL A C   1 
ATOM   803  O O   . VAL A 1 106 ? 7.794   -2.581  -9.972  1.00 45.66  ? 101  VAL A O   1 
ATOM   804  C CB  . VAL A 1 106 ? 8.863   -0.052  -9.817  1.00 43.76  ? 101  VAL A CB  1 
ATOM   805  C CG1 . VAL A 1 106 ? 7.433   0.446   -10.097 1.00 43.21  ? 101  VAL A CG1 1 
ATOM   806  C CG2 . VAL A 1 106 ? 9.779   1.152   -9.593  1.00 43.65  ? 101  VAL A CG2 1 
ATOM   807  N N   . ALA A 1 107 ? 7.220   -2.559  -7.788  1.00 43.29  ? 102  ALA A N   1 
ATOM   808  C CA  . ALA A 1 107 ? 6.286   -3.667  -7.959  1.00 41.97  ? 102  ALA A CA  1 
ATOM   809  C C   . ALA A 1 107 ? 4.990   -3.343  -8.752  1.00 41.20  ? 102  ALA A C   1 
ATOM   810  O O   . ALA A 1 107 ? 4.383   -4.250  -9.348  1.00 41.53  ? 102  ALA A O   1 
ATOM   811  C CB  . ALA A 1 107 ? 5.914   -4.265  -6.564  1.00 41.64  ? 102  ALA A CB  1 
ATOM   812  N N   . SER A 1 108 ? 4.555   -2.084  -8.735  1.00 39.00  ? 103  SER A N   1 
ATOM   813  C CA  . SER A 1 108 ? 3.320   -1.685  -9.439  1.00 37.65  ? 103  SER A CA  1 
ATOM   814  C C   . SER A 1 108 ? 3.215   -0.172  -9.405  1.00 37.09  ? 103  SER A C   1 
ATOM   815  O O   . SER A 1 108 ? 4.117   0.509   -8.895  1.00 37.41  ? 103  SER A O   1 
ATOM   816  C CB  . SER A 1 108 ? 2.091   -2.291  -8.767  1.00 36.03  ? 103  SER A CB  1 
ATOM   817  O OG  . SER A 1 108 ? 1.890   -1.732  -7.467  1.00 38.58  ? 103  SER A OG  1 
ATOM   818  N N   . ILE A 1 109 ? 2.121   0.366   -9.940  1.00 37.28  ? 104  ILE A N   1 
ATOM   819  C CA  . ILE A 1 109 ? 1.948   1.810   -9.991  1.00 36.29  ? 104  ILE A CA  1 
ATOM   820  C C   . ILE A 1 109 ? 1.934   2.444   -8.604  1.00 36.76  ? 104  ILE A C   1 
ATOM   821  O O   . ILE A 1 109 ? 2.258   3.625   -8.448  1.00 37.09  ? 104  ILE A O   1 
ATOM   822  C CB  . ILE A 1 109 ? 0.640   2.172   -10.784 1.00 37.75  ? 104  ILE A CB  1 
ATOM   823  C CG1 . ILE A 1 109 ? 0.556   3.683   -11.026 1.00 37.64  ? 104  ILE A CG1 1 
ATOM   824  C CG2 . ILE A 1 109 ? -0.616  1.685   -10.031 1.00 37.48  ? 104  ILE A CG2 1 
ATOM   825  C CD1 . ILE A 1 109 ? -0.553  4.065   -11.969 1.00 37.55  ? 104  ILE A CD1 1 
ATOM   826  N N   . ASP A 1 110 ? 1.595   1.682   -7.572  1.00 35.98  ? 105  ASP A N   1 
ATOM   827  C CA  . ASP A 1 110 ? 1.552   2.309   -6.254  1.00 36.87  ? 105  ASP A CA  1 
ATOM   828  C C   . ASP A 1 110 ? 2.332   1.568   -5.168  1.00 37.28  ? 105  ASP A C   1 
ATOM   829  O O   . ASP A 1 110 ? 2.156   1.858   -3.968  1.00 35.38  ? 105  ASP A O   1 
ATOM   830  C CB  . ASP A 1 110 ? 0.084   2.530   -5.790  1.00 37.21  ? 105  ASP A CB  1 
ATOM   831  C CG  . ASP A 1 110 ? -0.719  1.230   -5.716  1.00 39.41  ? 105  ASP A CG  1 
ATOM   832  O OD1 . ASP A 1 110 ? -1.891  1.259   -5.273  1.00 41.51  ? 105  ASP A OD1 1 
ATOM   833  O OD2 . ASP A 1 110 ? -0.195  0.162   -6.107  1.00 40.67  ? 105  ASP A OD2 1 
ATOM   834  N N   . GLU A 1 111 ? 3.213   0.659   -5.595  1.00 38.35  ? 106  GLU A N   1 
ATOM   835  C CA  . GLU A 1 111 ? 4.030   -0.147  -4.677  1.00 38.61  ? 106  GLU A CA  1 
ATOM   836  C C   . GLU A 1 111 ? 5.495   -0.176  -5.055  1.00 39.85  ? 106  GLU A C   1 
ATOM   837  O O   . GLU A 1 111 ? 5.855   -0.443  -6.214  1.00 40.60  ? 106  GLU A O   1 
ATOM   838  C CB  . GLU A 1 111 ? 3.536   -1.582  -4.658  1.00 40.08  ? 106  GLU A CB  1 
ATOM   839  C CG  . GLU A 1 111 ? 2.137   -1.784  -4.163  1.00 42.21  ? 106  GLU A CG  1 
ATOM   840  C CD  . GLU A 1 111 ? 1.723   -3.231  -4.286  1.00 44.39  ? 106  GLU A CD  1 
ATOM   841  O OE1 . GLU A 1 111 ? 1.490   -3.678  -5.432  1.00 46.83  ? 106  GLU A OE1 1 
ATOM   842  O OE2 . GLU A 1 111 ? 1.653   -3.934  -3.255  1.00 43.69  ? 106  GLU A OE2 1 
ATOM   843  N N   . ALA A 1 112 ? 6.363   0.083   -4.083  1.00 40.17  ? 107  ALA A N   1 
ATOM   844  C CA  . ALA A 1 112 ? 7.794   0.079   -4.365  1.00 39.68  ? 107  ALA A CA  1 
ATOM   845  C C   . ALA A 1 112 ? 8.630   -0.333  -3.148  1.00 39.89  ? 107  ALA A C   1 
ATOM   846  O O   . ALA A 1 112 ? 8.360   0.116   -2.039  1.00 40.62  ? 107  ALA A O   1 
ATOM   847  C CB  . ALA A 1 112 ? 8.218   1.436   -4.846  1.00 37.70  ? 107  ALA A CB  1 
ATOM   848  N N   . TYR A 1 113 ? 9.652   -1.171  -3.388  1.00 40.41  ? 108  TYR A N   1 
ATOM   849  C CA  . TYR A 1 113 ? 10.557  -1.668  -2.353  1.00 40.06  ? 108  TYR A CA  1 
ATOM   850  C C   . TYR A 1 113 ? 11.935  -1.085  -2.455  1.00 41.18  ? 108  TYR A C   1 
ATOM   851  O O   . TYR A 1 113 ? 12.616  -1.226  -3.481  1.00 40.77  ? 108  TYR A O   1 
ATOM   852  C CB  . TYR A 1 113 ? 10.718  -3.172  -2.436  1.00 39.35  ? 108  TYR A CB  1 
ATOM   853  C CG  . TYR A 1 113 ? 9.460   -3.938  -2.203  1.00 38.92  ? 108  TYR A CG  1 
ATOM   854  C CD1 . TYR A 1 113 ? 8.602   -4.245  -3.262  1.00 39.75  ? 108  TYR A CD1 1 
ATOM   855  C CD2 . TYR A 1 113 ? 9.148   -4.397  -0.940  1.00 37.66  ? 108  TYR A CD2 1 
ATOM   856  C CE1 . TYR A 1 113 ? 7.452   -4.988  -3.048  1.00 40.45  ? 108  TYR A CE1 1 
ATOM   857  C CE2 . TYR A 1 113 ? 8.009   -5.132  -0.708  1.00 38.24  ? 108  TYR A CE2 1 
ATOM   858  C CZ  . TYR A 1 113 ? 7.167   -5.426  -1.756  1.00 39.95  ? 108  TYR A CZ  1 
ATOM   859  O OH  . TYR A 1 113 ? 5.986   -6.058  -1.499  1.00 39.94  ? 108  TYR A OH  1 
ATOM   860  N N   . LEU A 1 114 ? 12.377  -0.472  -1.365  1.00 42.18  ? 109  LEU A N   1 
ATOM   861  C CA  . LEU A 1 114 ? 13.696  0.134   -1.354  1.00 43.32  ? 109  LEU A CA  1 
ATOM   862  C C   . LEU A 1 114 ? 14.682  -0.637  -0.481  1.00 42.83  ? 109  LEU A C   1 
ATOM   863  O O   . LEU A 1 114 ? 14.407  -0.885  0.682   1.00 42.41  ? 109  LEU A O   1 
ATOM   864  C CB  . LEU A 1 114 ? 13.611  1.585   -0.866  1.00 43.25  ? 109  LEU A CB  1 
ATOM   865  C CG  . LEU A 1 114 ? 13.080  2.650   -1.829  1.00 44.71  ? 109  LEU A CG  1 
ATOM   866  C CD1 . LEU A 1 114 ? 11.615  2.455   -2.087  1.00 44.33  ? 109  LEU A CD1 1 
ATOM   867  C CD2 . LEU A 1 114 ? 13.288  4.012   -1.218  1.00 44.82  ? 109  LEU A CD2 1 
ATOM   868  N N   . ASP A 1 115 ? 15.810  -1.036  -1.069  1.00 43.15  ? 110  ASP A N   1 
ATOM   869  C CA  . ASP A 1 115 ? 16.866  -1.708  -0.304  1.00 44.26  ? 110  ASP A CA  1 
ATOM   870  C C   . ASP A 1 115 ? 17.710  -0.519  0.167   1.00 42.84  ? 110  ASP A C   1 
ATOM   871  O O   . ASP A 1 115 ? 18.198  0.241   -0.660  1.00 40.24  ? 110  ASP A O   1 
ATOM   872  C CB  . ASP A 1 115 ? 17.739  -2.598  -1.212  1.00 46.90  ? 110  ASP A CB  1 
ATOM   873  C CG  . ASP A 1 115 ? 17.231  -4.037  -1.318  1.00 50.07  ? 110  ASP A CG  1 
ATOM   874  O OD1 . ASP A 1 115 ? 16.001  -4.276  -1.181  1.00 51.35  ? 110  ASP A OD1 1 
ATOM   875  O OD2 . ASP A 1 115 ? 18.079  -4.939  -1.544  1.00 52.92  ? 110  ASP A OD2 1 
ATOM   876  N N   . VAL A 1 116 ? 17.862  -0.331  1.473   1.00 43.41  ? 111  VAL A N   1 
ATOM   877  C CA  . VAL A 1 116 ? 18.663  0.806   1.935   1.00 44.88  ? 111  VAL A CA  1 
ATOM   878  C C   . VAL A 1 116 ? 19.751  0.414   2.967   1.00 46.57  ? 111  VAL A C   1 
ATOM   879  O O   . VAL A 1 116 ? 20.190  1.243   3.775   1.00 47.21  ? 111  VAL A O   1 
ATOM   880  C CB  . VAL A 1 116 ? 17.738  1.913   2.537   1.00 43.41  ? 111  VAL A CB  1 
ATOM   881  C CG1 . VAL A 1 116 ? 16.634  2.307   1.509   1.00 41.81  ? 111  VAL A CG1 1 
ATOM   882  C CG2 . VAL A 1 116 ? 17.098  1.420   3.844   1.00 41.66  ? 111  VAL A CG2 1 
ATOM   883  N N   . THR A 1 117 ? 20.177  -0.850  2.949   1.00 47.92  ? 112  THR A N   1 
ATOM   884  C CA  . THR A 1 117 ? 21.203  -1.294  3.887   1.00 48.68  ? 112  THR A CA  1 
ATOM   885  C C   . THR A 1 117 ? 22.482  -0.490  3.682   1.00 48.70  ? 112  THR A C   1 
ATOM   886  O O   . THR A 1 117 ? 23.074  -0.035  4.642   1.00 46.78  ? 112  THR A O   1 
ATOM   887  C CB  . THR A 1 117 ? 21.533  -2.776  3.717   1.00 49.16  ? 112  THR A CB  1 
ATOM   888  O OG1 . THR A 1 117 ? 20.358  -3.557  3.975   1.00 51.42  ? 112  THR A OG1 1 
ATOM   889  C CG2 . THR A 1 117 ? 22.634  -3.181  4.687   1.00 48.59  ? 112  THR A CG2 1 
ATOM   890  N N   . ASN A 1 118 ? 22.905  -0.326  2.432   1.00 50.28  ? 113  ASN A N   1 
ATOM   891  C CA  . ASN A 1 118 ? 24.113  0.442   2.171   1.00 52.82  ? 113  ASN A CA  1 
ATOM   892  C C   . ASN A 1 118 ? 23.821  1.880   2.602   1.00 54.87  ? 113  ASN A C   1 
ATOM   893  O O   . ASN A 1 118 ? 24.430  2.381   3.550   1.00 55.24  ? 113  ASN A O   1 
ATOM   894  C CB  . ASN A 1 118 ? 24.498  0.367   0.691   1.00 51.97  ? 113  ASN A CB  1 
ATOM   895  C CG  . ASN A 1 118 ? 24.858  -1.061  0.260   1.00 51.91  ? 113  ASN A CG  1 
ATOM   896  O OD1 . ASN A 1 118 ? 24.972  -1.966  1.100   1.00 52.26  ? 113  ASN A OD1 1 
ATOM   897  N ND2 . ASN A 1 118 ? 25.047  -1.263  -1.044  1.00 50.80  ? 113  ASN A ND2 1 
ATOM   898  N N   . LYS A 1 119 ? 22.863  2.517   1.925   1.00 55.89  ? 114  LYS A N   1 
ATOM   899  C CA  . LYS A 1 119 ? 22.442  3.886   2.239   1.00 56.76  ? 114  LYS A CA  1 
ATOM   900  C C   . LYS A 1 119 ? 22.539  4.320   3.719   1.00 56.47  ? 114  LYS A C   1 
ATOM   901  O O   . LYS A 1 119 ? 22.928  5.461   4.010   1.00 56.23  ? 114  LYS A O   1 
ATOM   902  C CB  . LYS A 1 119 ? 20.999  4.100   1.768   1.00 58.72  ? 114  LYS A CB  1 
ATOM   903  C CG  . LYS A 1 119 ? 20.469  5.509   1.992   1.00 59.97  ? 114  LYS A CG  1 
ATOM   904  C CD  . LYS A 1 119 ? 21.204  6.522   1.121   1.00 60.86  ? 114  LYS A CD  1 
ATOM   905  C CE  . LYS A 1 119 ? 20.549  7.893   1.193   1.00 62.66  ? 114  LYS A CE  1 
ATOM   906  N NZ  . LYS A 1 119 ? 21.210  8.876   0.262   1.00 63.80  ? 114  LYS A NZ  1 
ATOM   907  N N   . VAL A 1 120 ? 22.162  3.449   4.649   1.00 55.53  ? 115  VAL A N   1 
ATOM   908  C CA  . VAL A 1 120 ? 22.264  3.816   6.060   1.00 55.58  ? 115  VAL A CA  1 
ATOM   909  C C   . VAL A 1 120 ? 23.277  2.932   6.781   1.00 56.06  ? 115  VAL A C   1 
ATOM   910  O O   . VAL A 1 120 ? 23.238  2.773   8.013   1.00 55.02  ? 115  VAL A O   1 
ATOM   911  C CB  . VAL A 1 120 ? 20.922  3.712   6.776   1.00 54.89  ? 115  VAL A CB  1 
ATOM   912  C CG1 . VAL A 1 120 ? 19.903  4.583   6.081   1.00 54.11  ? 115  VAL A CG1 1 
ATOM   913  C CG2 . VAL A 1 120 ? 20.466  2.271   6.807   1.00 56.14  ? 115  VAL A CG2 1 
ATOM   914  N N   . GLU A 1 121 ? 24.194  2.369   5.996   1.00 56.94  ? 116  GLU A N   1 
ATOM   915  C CA  . GLU A 1 121 ? 25.234  1.500   6.524   1.00 58.37  ? 116  GLU A CA  1 
ATOM   916  C C   . GLU A 1 121 ? 24.689  0.569   7.606   1.00 58.89  ? 116  GLU A C   1 
ATOM   917  O O   . GLU A 1 121 ? 25.130  0.584   8.765   1.00 59.02  ? 116  GLU A O   1 
ATOM   918  C CB  . GLU A 1 121 ? 26.383  2.343   7.085   1.00 59.27  ? 116  GLU A CB  1 
ATOM   919  C CG  . GLU A 1 121 ? 27.174  3.130   6.025   1.00 60.37  ? 116  GLU A CG  1 
ATOM   920  C CD  . GLU A 1 121 ? 28.165  4.088   6.655   1.00 61.86  ? 116  GLU A CD  1 
ATOM   921  O OE1 . GLU A 1 121 ? 28.756  3.725   7.705   1.00 62.88  ? 116  GLU A OE1 1 
ATOM   922  O OE2 . GLU A 1 121 ? 28.359  5.194   6.097   1.00 62.27  ? 116  GLU A OE2 1 
ATOM   923  N N   . GLY A 1 122 ? 23.697  -0.224  7.223   1.00 58.87  ? 117  GLY A N   1 
ATOM   924  C CA  . GLY A 1 122 ? 23.126  -1.178  8.148   1.00 58.61  ? 117  GLY A CA  1 
ATOM   925  C C   . GLY A 1 122 ? 22.597  -0.679  9.465   1.00 58.90  ? 117  GLY A C   1 
ATOM   926  O O   . GLY A 1 122 ? 22.309  -1.505  10.339  1.00 59.47  ? 117  GLY A O   1 
ATOM   927  N N   . ASN A 1 123 ? 22.462  0.631   9.654   1.00 59.19  ? 118  ASN A N   1 
ATOM   928  C CA  . ASN A 1 123 ? 21.894  1.068   10.927  1.00 60.54  ? 118  ASN A CA  1 
ATOM   929  C C   . ASN A 1 123 ? 20.368  1.050   10.814  1.00 61.25  ? 118  ASN A C   1 
ATOM   930  O O   . ASN A 1 123 ? 19.801  1.873   10.092  1.00 61.72  ? 118  ASN A O   1 
ATOM   931  C CB  . ASN A 1 123 ? 22.359  2.470   11.324  1.00 60.15  ? 118  ASN A CB  1 
ATOM   932  C CG  . ASN A 1 123 ? 21.818  2.883   12.699  1.00 60.09  ? 118  ASN A CG  1 
ATOM   933  O OD1 . ASN A 1 123 ? 20.685  3.372   12.828  1.00 59.46  ? 118  ASN A OD1 1 
ATOM   934  N ND2 . ASN A 1 123 ? 22.619  2.654   13.735  1.00 60.15  ? 118  ASN A ND2 1 
ATOM   935  N N   . PHE A 1 124 ? 19.714  0.132   11.534  1.00 61.51  ? 119  PHE A N   1 
ATOM   936  C CA  . PHE A 1 124 ? 18.259  -0.013  11.482  1.00 62.26  ? 119  PHE A CA  1 
ATOM   937  C C   . PHE A 1 124 ? 17.481  1.244   11.866  1.00 62.63  ? 119  PHE A C   1 
ATOM   938  O O   . PHE A 1 124 ? 16.661  1.731   11.081  1.00 63.42  ? 119  PHE A O   1 
ATOM   939  C CB  . PHE A 1 124 ? 17.794  -1.170  12.370  1.00 62.72  ? 119  PHE A CB  1 
ATOM   940  C CG  . PHE A 1 124 ? 16.399  -1.639  12.058  1.00 62.52  ? 119  PHE A CG  1 
ATOM   941  C CD1 . PHE A 1 124 ? 16.176  -2.547  11.019  1.00 62.80  ? 119  PHE A CD1 1 
ATOM   942  C CD2 . PHE A 1 124 ? 15.308  -1.137  12.753  1.00 62.54  ? 119  PHE A CD2 1 
ATOM   943  C CE1 . PHE A 1 124 ? 14.885  -2.956  10.668  1.00 62.26  ? 119  PHE A CE1 1 
ATOM   944  C CE2 . PHE A 1 124 ? 14.016  -1.533  12.420  1.00 63.06  ? 119  PHE A CE2 1 
ATOM   945  C CZ  . PHE A 1 124 ? 13.805  -2.447  11.368  1.00 62.69  ? 119  PHE A CZ  1 
ATOM   946  N N   . GLU A 1 125 ? 17.704  1.741   13.083  1.00 62.26  ? 120  GLU A N   1 
ATOM   947  C CA  . GLU A 1 125 ? 17.050  2.959   13.567  1.00 61.88  ? 120  GLU A CA  1 
ATOM   948  C C   . GLU A 1 125 ? 17.146  4.060   12.512  1.00 60.41  ? 120  GLU A C   1 
ATOM   949  O O   . GLU A 1 125 ? 16.201  4.803   12.271  1.00 59.61  ? 120  GLU A O   1 
ATOM   950  C CB  . GLU A 1 125 ? 17.739  3.432   14.848  1.00 63.01  ? 120  GLU A CB  1 
ATOM   951  C CG  . GLU A 1 125 ? 16.816  3.638   16.018  1.00 63.75  ? 120  GLU A CG  1 
ATOM   952  C CD  . GLU A 1 125 ? 15.738  2.589   16.080  1.00 65.23  ? 120  GLU A CD  1 
ATOM   953  O OE1 . GLU A 1 125 ? 16.043  1.399   15.811  1.00 64.34  ? 120  GLU A OE1 1 
ATOM   954  O OE2 . GLU A 1 125 ? 14.586  2.969   16.406  1.00 65.86  ? 120  GLU A OE2 1 
ATOM   955  N N   . ASN A 1 126 ? 18.314  4.174   11.897  1.00 59.30  ? 121  ASN A N   1 
ATOM   956  C CA  . ASN A 1 126 ? 18.502  5.180   10.868  1.00 58.94  ? 121  ASN A CA  1 
ATOM   957  C C   . ASN A 1 126 ? 17.586  4.886   9.665   1.00 57.62  ? 121  ASN A C   1 
ATOM   958  O O   . ASN A 1 126 ? 17.143  5.799   8.965   1.00 57.38  ? 121  ASN A O   1 
ATOM   959  C CB  . ASN A 1 126 ? 19.981  5.238   10.442  1.00 60.15  ? 121  ASN A CB  1 
ATOM   960  C CG  . ASN A 1 126 ? 20.869  6.044   11.428  1.00 62.08  ? 121  ASN A CG  1 
ATOM   961  O OD1 . ASN A 1 126 ? 22.107  6.082   11.268  1.00 62.27  ? 121  ASN A OD1 1 
ATOM   962  N ND2 . ASN A 1 126 ? 20.244  6.687   12.441  1.00 61.41  ? 121  ASN A ND2 1 
ATOM   963  N N   . GLY A 1 127 ? 17.309  3.612   9.419   1.00 56.21  ? 122  GLY A N   1 
ATOM   964  C CA  . GLY A 1 127 ? 16.414  3.263   8.325   1.00 54.77  ? 122  GLY A CA  1 
ATOM   965  C C   . GLY A 1 127 ? 14.998  3.763   8.612   1.00 53.28  ? 122  GLY A C   1 
ATOM   966  O O   . GLY A 1 127 ? 14.299  4.270   7.722   1.00 52.98  ? 122  GLY A O   1 
ATOM   967  N N   . ILE A 1 128 ? 14.561  3.622   9.856   1.00 51.44  ? 123  ILE A N   1 
ATOM   968  C CA  . ILE A 1 128 ? 13.244  4.100   10.212  1.00 51.14  ? 123  ILE A CA  1 
ATOM   969  C C   . ILE A 1 128 ? 13.134  5.594   9.891   1.00 52.21  ? 123  ILE A C   1 
ATOM   970  O O   . ILE A 1 128 ? 12.215  6.042   9.191   1.00 52.16  ? 123  ILE A O   1 
ATOM   971  C CB  . ILE A 1 128 ? 12.982  3.890   11.694  1.00 50.36  ? 123  ILE A CB  1 
ATOM   972  C CG1 . ILE A 1 128 ? 12.928  2.388   12.002  1.00 50.26  ? 123  ILE A CG1 1 
ATOM   973  C CG2 . ILE A 1 128 ? 11.700  4.607   12.106  1.00 49.49  ? 123  ILE A CG2 1 
ATOM   974  C CD1 . ILE A 1 128 ? 12.750  2.073   13.476  1.00 50.84  ? 123  ILE A CD1 1 
ATOM   975  N N   . GLU A 1 129 ? 14.095  6.364   10.387  1.00 53.38  ? 124  GLU A N   1 
ATOM   976  C CA  . GLU A 1 129 ? 14.111  7.793   10.184  1.00 54.09  ? 124  GLU A CA  1 
ATOM   977  C C   . GLU A 1 129 ? 14.123  8.136   8.717   1.00 53.67  ? 124  GLU A C   1 
ATOM   978  O O   . GLU A 1 129 ? 13.490  9.115   8.287   1.00 54.53  ? 124  GLU A O   1 
ATOM   979  C CB  . GLU A 1 129 ? 15.337  8.393   10.859  1.00 56.45  ? 124  GLU A CB  1 
ATOM   980  C CG  . GLU A 1 129 ? 15.381  9.916   10.837  1.00 59.94  ? 124  GLU A CG  1 
ATOM   981  C CD  . GLU A 1 129 ? 14.284  10.627  11.720  1.00 62.26  ? 124  GLU A CD  1 
ATOM   982  O OE1 . GLU A 1 129 ? 13.586  10.043  12.700  1.00 63.49  ? 124  GLU A OE1 1 
ATOM   983  O OE2 . GLU A 1 129 ? 14.044  11.882  11.423  1.00 64.28  ? 124  GLU A OE2 1 
ATOM   984  N N   . LEU A 1 130 ? 14.849  7.353   7.934   1.00 52.82  ? 125  LEU A N   1 
ATOM   985  C CA  . LEU A 1 130 ? 14.907  7.613   6.503   1.00 52.87  ? 125  LEU A CA  1 
ATOM   986  C C   . LEU A 1 130 ? 13.511  7.438   5.918   1.00 52.75  ? 125  LEU A C   1 
ATOM   987  O O   . LEU A 1 130 ? 13.107  8.172   5.018   1.00 52.13  ? 125  LEU A O   1 
ATOM   988  C CB  . LEU A 1 130 ? 15.864  6.646   5.815   1.00 52.32  ? 125  LEU A CB  1 
ATOM   989  C CG  . LEU A 1 130 ? 15.899  6.672   4.279   1.00 52.42  ? 125  LEU A CG  1 
ATOM   990  C CD1 . LEU A 1 130 ? 16.320  8.050   3.789   1.00 51.45  ? 125  LEU A CD1 1 
ATOM   991  C CD2 . LEU A 1 130 ? 16.881  5.593   3.764   1.00 51.84  ? 125  LEU A CD2 1 
ATOM   992  N N   . ALA A 1 131 ? 12.779  6.465   6.448   1.00 53.20  ? 126  ALA A N   1 
ATOM   993  C CA  . ALA A 1 131 ? 11.433  6.183   5.961   1.00 54.69  ? 126  ALA A CA  1 
ATOM   994  C C   . ALA A 1 131 ? 10.519  7.371   6.258   1.00 55.68  ? 126  ALA A C   1 
ATOM   995  O O   . ALA A 1 131 ? 9.760   7.851   5.398   1.00 55.29  ? 126  ALA A O   1 
ATOM   996  C CB  . ALA A 1 131 ? 10.896  4.922   6.622   1.00 53.77  ? 126  ALA A CB  1 
ATOM   997  N N   . ARG A 1 132 ? 10.598  7.822   7.498   1.00 56.34  ? 127  ARG A N   1 
ATOM   998  C CA  . ARG A 1 132 ? 9.823   8.955   7.958   1.00 57.77  ? 127  ARG A CA  1 
ATOM   999  C C   . ARG A 1 132 ? 10.110  10.175  7.084   1.00 56.89  ? 127  ARG A C   1 
ATOM   1000 O O   . ARG A 1 132 ? 9.206   10.904  6.701   1.00 57.66  ? 127  ARG A O   1 
ATOM   1001 C CB  . ARG A 1 132 ? 10.200  9.253   9.399   1.00 60.28  ? 127  ARG A CB  1 
ATOM   1002 C CG  . ARG A 1 132 ? 9.391   10.344  10.025  1.00 64.45  ? 127  ARG A CG  1 
ATOM   1003 C CD  . ARG A 1 132 ? 9.694   10.413  11.501  1.00 68.20  ? 127  ARG A CD  1 
ATOM   1004 N NE  . ARG A 1 132 ? 9.547   9.091   12.105  1.00 71.15  ? 127  ARG A NE  1 
ATOM   1005 C CZ  . ARG A 1 132 ? 9.912   8.802   13.348  1.00 72.93  ? 127  ARG A CZ  1 
ATOM   1006 N NH1 . ARG A 1 132 ? 10.451  9.758   14.109  1.00 73.42  ? 127  ARG A NH1 1 
ATOM   1007 N NH2 . ARG A 1 132 ? 9.731   7.571   13.833  1.00 72.95  ? 127  ARG A NH2 1 
ATOM   1008 N N   . LYS A 1 133 ? 11.374  10.391  6.757   1.00 56.01  ? 128  LYS A N   1 
ATOM   1009 C CA  . LYS A 1 133 ? 11.718  11.530  5.936   1.00 54.98  ? 128  LYS A CA  1 
ATOM   1010 C C   . LYS A 1 133 ? 11.137  11.358  4.554   1.00 53.36  ? 128  LYS A C   1 
ATOM   1011 O O   . LYS A 1 133 ? 10.771  12.345  3.906   1.00 52.79  ? 128  LYS A O   1 
ATOM   1012 C CB  . LYS A 1 133 ? 13.236  11.700  5.847   1.00 56.27  ? 128  LYS A CB  1 
ATOM   1013 C CG  . LYS A 1 133 ? 13.681  12.820  4.903   1.00 58.53  ? 128  LYS A CG  1 
ATOM   1014 C CD  . LYS A 1 133 ? 15.208  12.966  4.914   1.00 61.16  ? 128  LYS A CD  1 
ATOM   1015 C CE  . LYS A 1 133 ? 15.726  13.777  3.721   1.00 62.32  ? 128  LYS A CE  1 
ATOM   1016 N NZ  . LYS A 1 133 ? 17.223  13.724  3.620   1.00 62.95  ? 128  LYS A NZ  1 
ATOM   1017 N N   . ILE A 1 134 ? 11.054  10.107  4.094   1.00 51.87  ? 129  ILE A N   1 
ATOM   1018 C CA  . ILE A 1 134 ? 10.494  9.830   2.769   1.00 49.22  ? 129  ILE A CA  1 
ATOM   1019 C C   . ILE A 1 134 ? 8.978   10.056  2.774   1.00 47.61  ? 129  ILE A C   1 
ATOM   1020 O O   . ILE A 1 134 ? 8.428   10.512  1.781   1.00 46.30  ? 129  ILE A O   1 
ATOM   1021 C CB  . ILE A 1 134 ? 10.837  8.400   2.313   1.00 49.56  ? 129  ILE A CB  1 
ATOM   1022 C CG1 . ILE A 1 134 ? 12.333  8.321   1.997   1.00 49.66  ? 129  ILE A CG1 1 
ATOM   1023 C CG2 . ILE A 1 134 ? 10.022  8.019   1.107   1.00 49.05  ? 129  ILE A CG2 1 
ATOM   1024 C CD1 . ILE A 1 134 ? 12.824  6.931   1.683   1.00 49.43  ? 129  ILE A CD1 1 
ATOM   1025 N N   . LYS A 1 135 ? 8.307   9.765   3.887   1.00 47.49  ? 130  LYS A N   1 
ATOM   1026 C CA  . LYS A 1 135 ? 6.867   10.002  3.968   1.00 48.03  ? 130  LYS A CA  1 
ATOM   1027 C C   . LYS A 1 135 ? 6.635   11.456  3.732   1.00 48.40  ? 130  LYS A C   1 
ATOM   1028 O O   . LYS A 1 135 ? 5.916   11.835  2.813   1.00 48.91  ? 130  LYS A O   1 
ATOM   1029 C CB  . LYS A 1 135 ? 6.297   9.696   5.337   1.00 47.65  ? 130  LYS A CB  1 
ATOM   1030 C CG  . LYS A 1 135 ? 6.030   8.271   5.556   1.00 47.41  ? 130  LYS A CG  1 
ATOM   1031 C CD  . LYS A 1 135 ? 5.009   8.106   6.623   1.00 47.43  ? 130  LYS A CD  1 
ATOM   1032 C CE  . LYS A 1 135 ? 3.630   8.380   6.103   1.00 48.21  ? 130  LYS A CE  1 
ATOM   1033 N NZ  . LYS A 1 135 ? 2.643   7.814   7.074   1.00 48.20  ? 130  LYS A NZ  1 
ATOM   1034 N N   . GLN A 1 136 ? 7.254   12.271  4.576   1.00 50.19  ? 131  GLN A N   1 
ATOM   1035 C CA  . GLN A 1 136 ? 7.125   13.720  4.452   1.00 51.24  ? 131  GLN A CA  1 
ATOM   1036 C C   . GLN A 1 136 ? 7.517   14.207  3.040   1.00 50.48  ? 131  GLN A C   1 
ATOM   1037 O O   . GLN A 1 136 ? 6.764   14.933  2.405   1.00 51.13  ? 131  GLN A O   1 
ATOM   1038 C CB  . GLN A 1 136 ? 7.973   14.406  5.529   1.00 54.29  ? 131  GLN A CB  1 
ATOM   1039 C CG  . GLN A 1 136 ? 7.650   15.877  5.775   1.00 58.16  ? 131  GLN A CG  1 
ATOM   1040 C CD  . GLN A 1 136 ? 6.141   16.136  5.978   1.00 61.18  ? 131  GLN A CD  1 
ATOM   1041 O OE1 . GLN A 1 136 ? 5.491   15.516  6.837   1.00 63.47  ? 131  GLN A OE1 1 
ATOM   1042 N NE2 . GLN A 1 136 ? 5.581   17.055  5.185   1.00 61.42  ? 131  GLN A NE2 1 
ATOM   1043 N N   . GLU A 1 137 ? 8.651   13.778  2.511   1.00 49.54  ? 132  GLU A N   1 
ATOM   1044 C CA  . GLU A 1 137 ? 9.051   14.270  1.185   1.00 50.31  ? 132  GLU A CA  1 
ATOM   1045 C C   . GLU A 1 137 ? 8.050   13.995  0.059   1.00 50.97  ? 132  GLU A C   1 
ATOM   1046 O O   . GLU A 1 137 ? 7.994   14.740  -0.922  1.00 51.32  ? 132  GLU A O   1 
ATOM   1047 C CB  . GLU A 1 137 ? 10.417  13.711  0.789   1.00 51.78  ? 132  GLU A CB  1 
ATOM   1048 C CG  . GLU A 1 137 ? 10.882  14.120  -0.611  1.00 54.84  ? 132  GLU A CG  1 
ATOM   1049 C CD  . GLU A 1 137 ? 12.146  13.365  -1.054  1.00 57.78  ? 132  GLU A CD  1 
ATOM   1050 O OE1 . GLU A 1 137 ? 12.658  13.600  -2.172  1.00 58.93  ? 132  GLU A OE1 1 
ATOM   1051 O OE2 . GLU A 1 137 ? 12.628  12.520  -0.271  1.00 60.40  ? 132  GLU A OE2 1 
ATOM   1052 N N   . ILE A 1 138 ? 7.271   12.918  0.171   1.00 50.02  ? 133  ILE A N   1 
ATOM   1053 C CA  . ILE A 1 138 ? 6.286   12.648  -0.860  1.00 48.06  ? 133  ILE A CA  1 
ATOM   1054 C C   . ILE A 1 138 ? 5.077   13.559  -0.591  1.00 47.78  ? 133  ILE A C   1 
ATOM   1055 O O   . ILE A 1 138 ? 4.468   14.106  -1.507  1.00 46.56  ? 133  ILE A O   1 
ATOM   1056 C CB  . ILE A 1 138 ? 5.855   11.165  -0.836  1.00 47.59  ? 133  ILE A CB  1 
ATOM   1057 C CG1 . ILE A 1 138 ? 7.105   10.285  -0.965  1.00 47.52  ? 133  ILE A CG1 1 
ATOM   1058 C CG2 . ILE A 1 138 ? 4.858   10.889  -1.951  1.00 44.51  ? 133  ILE A CG2 1 
ATOM   1059 C CD1 . ILE A 1 138 ? 6.861   8.861   -1.386  1.00 47.36  ? 133  ILE A CD1 1 
ATOM   1060 N N   . LEU A 1 139 ? 4.746   13.731  0.676   1.00 48.38  ? 134  LEU A N   1 
ATOM   1061 C CA  . LEU A 1 139 ? 3.620   14.577  1.026   1.00 50.57  ? 134  LEU A CA  1 
ATOM   1062 C C   . LEU A 1 139 ? 3.843   16.009  0.516   1.00 52.64  ? 134  LEU A C   1 
ATOM   1063 O O   . LEU A 1 139 ? 2.927   16.616  -0.019  1.00 53.90  ? 134  LEU A O   1 
ATOM   1064 C CB  . LEU A 1 139 ? 3.390   14.577  2.544   1.00 49.52  ? 134  LEU A CB  1 
ATOM   1065 C CG  . LEU A 1 139 ? 2.167   15.375  3.045   1.00 50.51  ? 134  LEU A CG  1 
ATOM   1066 C CD1 . LEU A 1 139 ? 0.849   14.790  2.476   1.00 49.24  ? 134  LEU A CD1 1 
ATOM   1067 C CD2 . LEU A 1 139 ? 2.152   15.346  4.564   1.00 48.84  ? 134  LEU A CD2 1 
ATOM   1068 N N   . GLU A 1 140 ? 5.055   16.541  0.646   1.00 54.26  ? 135  GLU A N   1 
ATOM   1069 C CA  . GLU A 1 140 ? 5.330   17.902  0.187   1.00 55.90  ? 135  GLU A CA  1 
ATOM   1070 C C   . GLU A 1 140 ? 5.547   18.047  -1.286  1.00 55.92  ? 135  GLU A C   1 
ATOM   1071 O O   . GLU A 1 140 ? 5.019   18.970  -1.898  1.00 55.88  ? 135  GLU A O   1 
ATOM   1072 C CB  . GLU A 1 140 ? 6.556   18.476  0.877   1.00 57.78  ? 135  GLU A CB  1 
ATOM   1073 C CG  . GLU A 1 140 ? 6.469   18.458  2.379   1.00 61.19  ? 135  GLU A CG  1 
ATOM   1074 C CD  . GLU A 1 140 ? 7.729   19.002  3.015   1.00 64.50  ? 135  GLU A CD  1 
ATOM   1075 O OE1 . GLU A 1 140 ? 8.805   18.893  2.353   1.00 65.97  ? 135  GLU A OE1 1 
ATOM   1076 O OE2 . GLU A 1 140 ? 7.639   19.518  4.164   1.00 65.14  ? 135  GLU A OE2 1 
ATOM   1077 N N   . LYS A 1 141 ? 6.351   17.164  -1.861  1.00 56.79  ? 136  LYS A N   1 
ATOM   1078 C CA  . LYS A 1 141 ? 6.610   17.277  -3.284  1.00 57.82  ? 136  LYS A CA  1 
ATOM   1079 C C   . LYS A 1 141 ? 5.425   16.821  -4.143  1.00 58.39  ? 136  LYS A C   1 
ATOM   1080 O O   . LYS A 1 141 ? 5.284   17.276  -5.290  1.00 58.07  ? 136  LYS A O   1 
ATOM   1081 C CB  . LYS A 1 141 ? 7.898   16.522  -3.670  1.00 58.10  ? 136  LYS A CB  1 
ATOM   1082 C CG  . LYS A 1 141 ? 9.169   17.140  -3.062  1.00 59.26  ? 136  LYS A CG  1 
ATOM   1083 C CD  . LYS A 1 141 ? 10.489  16.593  -3.666  1.00 60.21  ? 136  LYS A CD  1 
ATOM   1084 C CE  . LYS A 1 141 ? 11.725  17.174  -2.947  1.00 60.33  ? 136  LYS A CE  1 
ATOM   1085 N NZ  . LYS A 1 141 ? 13.025  16.849  -3.604  1.00 60.77  ? 136  LYS A NZ  1 
ATOM   1086 N N   . GLU A 1 142 ? 4.566   15.946  -3.619  1.00 58.02  ? 137  GLU A N   1 
ATOM   1087 C CA  . GLU A 1 142 ? 3.429   15.523  -4.427  1.00 57.69  ? 137  GLU A CA  1 
ATOM   1088 C C   . GLU A 1 142 ? 2.091   15.580  -3.689  1.00 57.22  ? 137  GLU A C   1 
ATOM   1089 O O   . GLU A 1 142 ? 1.046   15.230  -4.230  1.00 57.74  ? 137  GLU A O   1 
ATOM   1090 C CB  . GLU A 1 142 ? 3.683   14.139  -5.020  1.00 58.74  ? 137  GLU A CB  1 
ATOM   1091 C CG  . GLU A 1 142 ? 4.868   14.076  -6.018  1.00 59.38  ? 137  GLU A CG  1 
ATOM   1092 C CD  . GLU A 1 142 ? 4.624   14.799  -7.366  1.00 60.55  ? 137  GLU A CD  1 
ATOM   1093 O OE1 . GLU A 1 142 ? 3.550   14.613  -7.993  1.00 60.88  ? 137  GLU A OE1 1 
ATOM   1094 O OE2 . GLU A 1 142 ? 5.529   15.535  -7.815  1.00 59.46  ? 137  GLU A OE2 1 
ATOM   1095 N N   . LYS A 1 143 ? 2.112   16.025  -2.448  1.00 56.36  ? 138  LYS A N   1 
ATOM   1096 C CA  . LYS A 1 143 ? 0.861   16.182  -1.710  1.00 56.52  ? 138  LYS A CA  1 
ATOM   1097 C C   . LYS A 1 143 ? 0.089   14.879  -1.545  1.00 54.30  ? 138  LYS A C   1 
ATOM   1098 O O   . LYS A 1 143 ? -1.120  14.867  -1.328  1.00 53.91  ? 138  LYS A O   1 
ATOM   1099 C CB  . LYS A 1 143 ? -0.014  17.238  -2.419  1.00 59.05  ? 138  LYS A CB  1 
ATOM   1100 C CG  . LYS A 1 143 ? 0.814   18.335  -3.137  1.00 61.63  ? 138  LYS A CG  1 
ATOM   1101 C CD  . LYS A 1 143 ? -0.014  19.531  -3.602  1.00 64.54  ? 138  LYS A CD  1 
ATOM   1102 C CE  . LYS A 1 143 ? -0.398  20.456  -2.426  1.00 66.17  ? 138  LYS A CE  1 
ATOM   1103 N NZ  . LYS A 1 143 ? -1.146  21.694  -2.836  1.00 65.88  ? 138  LYS A NZ  1 
ATOM   1104 N N   . ILE A 1 144 ? 0.807   13.773  -1.640  1.00 51.97  ? 139  ILE A N   1 
ATOM   1105 C CA  . ILE A 1 144 ? 0.186   12.475  -1.487  1.00 48.79  ? 139  ILE A CA  1 
ATOM   1106 C C   . ILE A 1 144 ? 0.671   11.793  -0.227  1.00 46.85  ? 139  ILE A C   1 
ATOM   1107 O O   . ILE A 1 144 ? 1.839   11.878  0.119   1.00 46.68  ? 139  ILE A O   1 
ATOM   1108 C CB  . ILE A 1 144 ? 0.430   11.620  -2.757  1.00 48.05  ? 139  ILE A CB  1 
ATOM   1109 C CG1 . ILE A 1 144 ? -0.820  11.761  -3.651  1.00 47.96  ? 139  ILE A CG1 1 
ATOM   1110 C CG2 . ILE A 1 144 ? 0.764   10.188  -2.385  1.00 46.07  ? 139  ILE A CG2 1 
ATOM   1111 C CD1 . ILE A 1 144 ? -0.699  11.207  -5.018  1.00 49.91  ? 139  ILE A CD1 1 
ATOM   1112 N N   . THR A 1 145 ? -0.252  11.184  0.502   1.00 44.91  ? 140  THR A N   1 
ATOM   1113 C CA  . THR A 1 145 ? 0.125   10.479  1.707   1.00 43.48  ? 140  THR A CA  1 
ATOM   1114 C C   . THR A 1 145 ? 0.347   9.003   1.337   1.00 42.50  ? 140  THR A C   1 
ATOM   1115 O O   . THR A 1 145 ? -0.341  8.442   0.478   1.00 40.98  ? 140  THR A O   1 
ATOM   1116 C CB  . THR A 1 145 ? -0.944  10.632  2.886   1.00 43.53  ? 140  THR A CB  1 
ATOM   1117 O OG1 . THR A 1 145 ? -2.189  10.014  2.548   1.00 45.69  ? 140  THR A OG1 1 
ATOM   1118 C CG2 . THR A 1 145 ? -1.236  12.092  3.148   1.00 44.04  ? 140  THR A CG2 1 
ATOM   1119 N N   . VAL A 1 146 ? 1.351   8.393   1.966   1.00 41.79  ? 141  VAL A N   1 
ATOM   1120 C CA  . VAL A 1 146 ? 1.662   6.992   1.717   1.00 41.05  ? 141  VAL A CA  1 
ATOM   1121 C C   . VAL A 1 146 ? 1.824   6.246   3.041   1.00 42.31  ? 141  VAL A C   1 
ATOM   1122 O O   . VAL A 1 146 ? 1.982   6.853   4.111   1.00 42.11  ? 141  VAL A O   1 
ATOM   1123 C CB  . VAL A 1 146 ? 2.981   6.847   0.952   1.00 41.09  ? 141  VAL A CB  1 
ATOM   1124 C CG1 . VAL A 1 146 ? 2.977   7.714   -0.339  1.00 39.54  ? 141  VAL A CG1 1 
ATOM   1125 C CG2 . VAL A 1 146 ? 4.126   7.241   1.866   1.00 40.76  ? 141  VAL A CG2 1 
ATOM   1126 N N   . THR A 1 147 ? 1.771   4.925   2.974   1.00 42.46  ? 142  THR A N   1 
ATOM   1127 C CA  . THR A 1 147 ? 1.989   4.123   4.162   1.00 41.85  ? 142  THR A CA  1 
ATOM   1128 C C   . THR A 1 147 ? 3.303   3.379   3.873   1.00 42.62  ? 142  THR A C   1 
ATOM   1129 O O   . THR A 1 147 ? 3.538   2.946   2.755   1.00 42.24  ? 142  THR A O   1 
ATOM   1130 C CB  . THR A 1 147 ? 0.847   3.118   4.374   1.00 41.61  ? 142  THR A CB  1 
ATOM   1131 O OG1 . THR A 1 147 ? -0.332  3.828   4.765   1.00 41.84  ? 142  THR A OG1 1 
ATOM   1132 C CG2 . THR A 1 147 ? 1.205   2.073   5.430   1.00 39.43  ? 142  THR A CG2 1 
ATOM   1133 N N   . VAL A 1 148 ? 4.176   3.260   4.865   1.00 42.91  ? 143  VAL A N   1 
ATOM   1134 C CA  . VAL A 1 148 ? 5.424   2.536   4.661   1.00 42.44  ? 143  VAL A CA  1 
ATOM   1135 C C   . VAL A 1 148 ? 5.610   1.507   5.726   1.00 41.55  ? 143  VAL A C   1 
ATOM   1136 O O   . VAL A 1 148 ? 5.010   1.570   6.797   1.00 41.31  ? 143  VAL A O   1 
ATOM   1137 C CB  . VAL A 1 148 ? 6.657   3.447   4.713   1.00 44.02  ? 143  VAL A CB  1 
ATOM   1138 C CG1 . VAL A 1 148 ? 6.601   4.470   3.588   1.00 45.50  ? 143  VAL A CG1 1 
ATOM   1139 C CG2 . VAL A 1 148 ? 6.746   4.113   6.078   1.00 45.02  ? 143  VAL A CG2 1 
ATOM   1140 N N   . GLY A 1 149 ? 6.466   0.546   5.407   1.00 41.27  ? 144  GLY A N   1 
ATOM   1141 C CA  . GLY A 1 149 ? 6.807   -0.524  6.333   1.00 40.43  ? 144  GLY A CA  1 
ATOM   1142 C C   . GLY A 1 149 ? 8.316   -0.690  6.264   1.00 40.65  ? 144  GLY A C   1 
ATOM   1143 O O   . GLY A 1 149 ? 8.897   -0.610  5.162   1.00 40.23  ? 144  GLY A O   1 
ATOM   1144 N N   . VAL A 1 150 ? 8.955   -0.900  7.417   1.00 39.18  ? 145  VAL A N   1 
ATOM   1145 C CA  . VAL A 1 150 ? 10.404  -1.058  7.481   1.00 39.91  ? 145  VAL A CA  1 
ATOM   1146 C C   . VAL A 1 150 ? 10.671  -2.391  8.158   1.00 40.20  ? 145  VAL A C   1 
ATOM   1147 O O   . VAL A 1 150 ? 10.152  -2.650  9.240   1.00 39.51  ? 145  VAL A O   1 
ATOM   1148 C CB  . VAL A 1 150 ? 11.046  0.042   8.331   1.00 40.59  ? 145  VAL A CB  1 
ATOM   1149 C CG1 . VAL A 1 150 ? 12.590  -0.064  8.256   1.00 40.37  ? 145  VAL A CG1 1 
ATOM   1150 C CG2 . VAL A 1 150 ? 10.570  1.406   7.839   1.00 39.69  ? 145  VAL A CG2 1 
ATOM   1151 N N   . ALA A 1 151 ? 11.483  -3.222  7.511   1.00 40.17  ? 146  ALA A N   1 
ATOM   1152 C CA  . ALA A 1 151 ? 11.778  -4.553  8.020   1.00 40.49  ? 146  ALA A CA  1 
ATOM   1153 C C   . ALA A 1 151 ? 13.040  -5.144  7.395   1.00 40.21  ? 146  ALA A C   1 
ATOM   1154 O O   . ALA A 1 151 ? 13.637  -4.548  6.483   1.00 40.91  ? 146  ALA A O   1 
ATOM   1155 C CB  . ALA A 1 151 ? 10.555  -5.483  7.756   1.00 40.47  ? 146  ALA A CB  1 
ATOM   1156 N N   . PRO A 1 152 ? 13.454  -6.341  7.863   1.00 39.72  ? 147  PRO A N   1 
ATOM   1157 C CA  . PRO A 1 152 ? 14.676  -6.989  7.330   1.00 39.89  ? 147  PRO A CA  1 
ATOM   1158 C C   . PRO A 1 152 ? 14.590  -7.542  5.940   1.00 41.22  ? 147  PRO A C   1 
ATOM   1159 O O   . PRO A 1 152 ? 15.621  -7.799  5.339   1.00 42.84  ? 147  PRO A O   1 
ATOM   1160 C CB  . PRO A 1 152 ? 14.987  -8.072  8.359   1.00 38.82  ? 147  PRO A CB  1 
ATOM   1161 C CG  . PRO A 1 152 ? 14.491  -7.464  9.627   1.00 38.63  ? 147  PRO A CG  1 
ATOM   1162 C CD  . PRO A 1 152 ? 13.112  -6.898  9.171   1.00 38.00  ? 147  PRO A CD  1 
ATOM   1163 N N   . ASN A 1 153 ? 13.373  -7.777  5.435   1.00 42.00  ? 148  ASN A N   1 
ATOM   1164 C CA  . ASN A 1 153 ? 13.227  -8.276  4.070   1.00 40.34  ? 148  ASN A CA  1 
ATOM   1165 C C   . ASN A 1 153 ? 11.962  -7.742  3.449   1.00 39.40  ? 148  ASN A C   1 
ATOM   1166 O O   . ASN A 1 153 ? 11.093  -7.227  4.156   1.00 38.19  ? 148  ASN A O   1 
ATOM   1167 C CB  . ASN A 1 153 ? 13.225  -9.804  4.013   1.00 40.66  ? 148  ASN A CB  1 
ATOM   1168 C CG  . ASN A 1 153 ? 12.198  -10.438 4.926   1.00 42.81  ? 148  ASN A CG  1 
ATOM   1169 O OD1 . ASN A 1 153 ? 11.000  -10.208 4.796   1.00 45.40  ? 148  ASN A OD1 1 
ATOM   1170 N ND2 . ASN A 1 153 ? 12.665  -11.272 5.845   1.00 42.92  ? 148  ASN A ND2 1 
ATOM   1171 N N   . LYS A 1 154 ? 11.866  -7.856  2.125   1.00 38.69  ? 149  LYS A N   1 
ATOM   1172 C CA  . LYS A 1 154 ? 10.702  -7.368  1.417   1.00 38.04  ? 149  LYS A CA  1 
ATOM   1173 C C   . LYS A 1 154 ? 9.359   -7.888  1.926   1.00 39.16  ? 149  LYS A C   1 
ATOM   1174 O O   . LYS A 1 154 ? 8.411   -7.129  2.127   1.00 38.64  ? 149  LYS A O   1 
ATOM   1175 C CB  . LYS A 1 154 ? 10.853  -7.679  -0.068  1.00 38.11  ? 149  LYS A CB  1 
ATOM   1176 C CG  . LYS A 1 154 ? 11.930  -6.844  -0.766  1.00 35.74  ? 149  LYS A CG  1 
ATOM   1177 C CD  . LYS A 1 154 ? 12.037  -7.219  -2.209  1.00 33.75  ? 149  LYS A CD  1 
ATOM   1178 C CE  . LYS A 1 154 ? 13.213  -6.534  -2.922  1.00 33.95  ? 149  LYS A CE  1 
ATOM   1179 N NZ  . LYS A 1 154 ? 13.221  -7.020  -4.378  1.00 33.15  ? 149  LYS A NZ  1 
ATOM   1180 N N   . ILE A 1 155 ? 9.289   -9.183  2.183   1.00 41.22  ? 150  ILE A N   1 
ATOM   1181 C CA  . ILE A 1 155 ? 8.054   -9.803  2.643   1.00 42.27  ? 150  ILE A CA  1 
ATOM   1182 C C   . ILE A 1 155 ? 7.517   -9.238  3.933   1.00 42.80  ? 150  ILE A C   1 
ATOM   1183 O O   . ILE A 1 155 ? 6.339   -8.845  4.021   1.00 43.46  ? 150  ILE A O   1 
ATOM   1184 C CB  . ILE A 1 155 ? 8.228   -11.327 2.767   1.00 43.26  ? 150  ILE A CB  1 
ATOM   1185 C CG1 . ILE A 1 155 ? 8.353   -11.916 1.356   1.00 43.69  ? 150  ILE A CG1 1 
ATOM   1186 C CG2 . ILE A 1 155 ? 7.040   -11.940 3.506   1.00 43.00  ? 150  ILE A CG2 1 
ATOM   1187 C CD1 . ILE A 1 155 ? 8.740   -13.375 1.348   1.00 47.03  ? 150  ILE A CD1 1 
ATOM   1188 N N   . LEU A 1 156 ? 8.363   -9.194  4.947   1.00 42.93  ? 151  LEU A N   1 
ATOM   1189 C CA  . LEU A 1 156 ? 7.929   -8.633  6.214   1.00 43.09  ? 151  LEU A CA  1 
ATOM   1190 C C   . LEU A 1 156 ? 7.637   -7.125  6.056   1.00 42.14  ? 151  LEU A C   1 
ATOM   1191 O O   . LEU A 1 156 ? 6.725   -6.602  6.674   1.00 42.07  ? 151  LEU A O   1 
ATOM   1192 C CB  . LEU A 1 156 ? 9.006   -8.829  7.283   1.00 44.85  ? 151  LEU A CB  1 
ATOM   1193 C CG  . LEU A 1 156 ? 9.317   -10.262 7.686   1.00 47.05  ? 151  LEU A CG  1 
ATOM   1194 C CD1 . LEU A 1 156 ? 10.412  -10.239 8.748   1.00 48.36  ? 151  LEU A CD1 1 
ATOM   1195 C CD2 . LEU A 1 156 ? 8.062   -10.958 8.203   1.00 46.18  ? 151  LEU A CD2 1 
ATOM   1196 N N   . ALA A 1 157 ? 8.394   -6.435  5.208   1.00 41.68  ? 152  ALA A N   1 
ATOM   1197 C CA  . ALA A 1 157 ? 8.177   -5.007  5.037   1.00 41.22  ? 152  ALA A CA  1 
ATOM   1198 C C   . ALA A 1 157 ? 6.759   -4.723  4.553   1.00 41.60  ? 152  ALA A C   1 
ATOM   1199 O O   . ALA A 1 157 ? 6.128   -3.752  4.982   1.00 42.47  ? 152  ALA A O   1 
ATOM   1200 C CB  . ALA A 1 157 ? 9.174   -4.441  4.073   1.00 39.26  ? 152  ALA A CB  1 
ATOM   1201 N N   . LYS A 1 158 ? 6.227   -5.578  3.680   1.00 42.34  ? 153  LYS A N   1 
ATOM   1202 C CA  . LYS A 1 158 ? 4.885   -5.320  3.200   1.00 42.02  ? 153  LYS A CA  1 
ATOM   1203 C C   . LYS A 1 158 ? 3.808   -5.673  4.240   1.00 41.81  ? 153  LYS A C   1 
ATOM   1204 O O   . LYS A 1 158 ? 2.839   -4.906  4.437   1.00 40.77  ? 153  LYS A O   1 
ATOM   1205 C CB  . LYS A 1 158 ? 4.611   -6.038  1.870   1.00 43.31  ? 153  LYS A CB  1 
ATOM   1206 C CG  . LYS A 1 158 ? 3.105   -5.998  1.529   1.00 44.75  ? 153  LYS A CG  1 
ATOM   1207 C CD  . LYS A 1 158 ? 2.783   -6.251  0.076   1.00 47.11  ? 153  LYS A CD  1 
ATOM   1208 C CE  . LYS A 1 158 ? 1.282   -6.567  -0.137  1.00 48.82  ? 153  LYS A CE  1 
ATOM   1209 N NZ  . LYS A 1 158 ? 0.327   -5.538  0.373   1.00 50.01  ? 153  LYS A NZ  1 
ATOM   1210 N N   . ILE A 1 159 ? 3.978   -6.801  4.926   1.00 42.05  ? 154  ILE A N   1 
ATOM   1211 C CA  . ILE A 1 159 ? 2.997   -7.210  5.936   1.00 41.70  ? 154  ILE A CA  1 
ATOM   1212 C C   . ILE A 1 159 ? 2.803   -6.135  6.994   1.00 43.09  ? 154  ILE A C   1 
ATOM   1213 O O   . ILE A 1 159 ? 1.673   -5.717  7.278   1.00 43.46  ? 154  ILE A O   1 
ATOM   1214 C CB  . ILE A 1 159 ? 3.406   -8.501  6.635   1.00 40.43  ? 154  ILE A CB  1 
ATOM   1215 C CG1 . ILE A 1 159 ? 3.628   -9.587  5.608   1.00 38.35  ? 154  ILE A CG1 1 
ATOM   1216 C CG2 . ILE A 1 159 ? 2.296   -9.003  7.529   1.00 38.02  ? 154  ILE A CG2 1 
ATOM   1217 C CD1 . ILE A 1 159 ? 4.122   -10.857 6.207   1.00 39.04  ? 154  ILE A CD1 1 
ATOM   1218 N N   . ILE A 1 160 ? 3.896   -5.646  7.572   1.00 44.77  ? 155  ILE A N   1 
ATOM   1219 C CA  . ILE A 1 160 ? 3.733   -4.631  8.608   1.00 43.76  ? 155  ILE A CA  1 
ATOM   1220 C C   . ILE A 1 160 ? 3.032   -3.402  8.016   1.00 44.64  ? 155  ILE A C   1 
ATOM   1221 O O   . ILE A 1 160 ? 2.143   -2.796  8.660   1.00 44.73  ? 155  ILE A O   1 
ATOM   1222 C CB  . ILE A 1 160 ? 5.095   -4.303  9.288   1.00 43.30  ? 155  ILE A CB  1 
ATOM   1223 C CG1 . ILE A 1 160 ? 4.840   -3.560  10.599  1.00 42.71  ? 155  ILE A CG1 1 
ATOM   1224 C CG2 . ILE A 1 160 ? 6.010   -3.515  8.373   1.00 42.11  ? 155  ILE A CG2 1 
ATOM   1225 C CD1 . ILE A 1 160 ? 3.933   -4.317  11.579  1.00 43.31  ? 155  ILE A CD1 1 
ATOM   1226 N N   . ALA A 1 161 ? 3.378   -3.083  6.766   1.00 45.01  ? 156  ALA A N   1 
ATOM   1227 C CA  . ALA A 1 161 ? 2.774   -1.957  6.054   1.00 45.00  ? 156  ALA A CA  1 
ATOM   1228 C C   . ALA A 1 161 ? 1.265   -2.185  5.866   1.00 44.67  ? 156  ALA A C   1 
ATOM   1229 O O   . ALA A 1 161 ? 0.492   -1.266  6.105   1.00 44.90  ? 156  ALA A O   1 
ATOM   1230 C CB  . ALA A 1 161 ? 3.460   -1.746  4.695   1.00 44.91  ? 156  ALA A CB  1 
ATOM   1231 N N   . ASP A 1 162 ? 0.830   -3.388  5.456   1.00 44.67  ? 157  ASP A N   1 
ATOM   1232 C CA  . ASP A 1 162 ? -0.613  -3.623  5.303   1.00 45.01  ? 157  ASP A CA  1 
ATOM   1233 C C   . ASP A 1 162 ? -1.346  -3.401  6.622   1.00 46.13  ? 157  ASP A C   1 
ATOM   1234 O O   . ASP A 1 162 ? -2.506  -2.988  6.639   1.00 46.83  ? 157  ASP A O   1 
ATOM   1235 C CB  . ASP A 1 162 ? -0.956  -5.051  4.884   1.00 45.48  ? 157  ASP A CB  1 
ATOM   1236 C CG  . ASP A 1 162 ? -0.452  -5.405  3.529   1.00 44.67  ? 157  ASP A CG  1 
ATOM   1237 O OD1 . ASP A 1 162 ? -0.226  -4.488  2.696   1.00 44.55  ? 157  ASP A OD1 1 
ATOM   1238 O OD2 . ASP A 1 162 ? -0.293  -6.623  3.300   1.00 44.53  ? 157  ASP A OD2 1 
ATOM   1239 N N   . LYS A 1 163 ? -0.682  -3.730  7.717   1.00 46.29  ? 158  LYS A N   1 
ATOM   1240 C CA  . LYS A 1 163 ? -1.267  -3.563  9.038   1.00 48.15  ? 158  LYS A CA  1 
ATOM   1241 C C   . LYS A 1 163 ? -1.255  -2.112  9.529   1.00 48.51  ? 158  LYS A C   1 
ATOM   1242 O O   . LYS A 1 163 ? -1.933  -1.789  10.481  1.00 48.65  ? 158  LYS A O   1 
ATOM   1243 C CB  . LYS A 1 163 ? -0.512  -4.416  10.080  1.00 49.72  ? 158  LYS A CB  1 
ATOM   1244 C CG  . LYS A 1 163 ? -0.652  -5.944  10.011  1.00 50.79  ? 158  LYS A CG  1 
ATOM   1245 C CD  . LYS A 1 163 ? 0.057   -6.531  11.260  1.00 52.94  ? 158  LYS A CD  1 
ATOM   1246 C CE  . LYS A 1 163 ? -0.116  -8.037  11.447  1.00 53.64  ? 158  LYS A CE  1 
ATOM   1247 N NZ  . LYS A 1 163 ? -1.536  -8.422  11.704  1.00 54.46  ? 158  LYS A NZ  1 
ATOM   1248 N N   . SER A 1 164 ? -0.503  -1.230  8.883   1.00 48.81  ? 159  SER A N   1 
ATOM   1249 C CA  . SER A 1 164 ? -0.431  0.158   9.352   1.00 49.64  ? 159  SER A CA  1 
ATOM   1250 C C   . SER A 1 164 ? -1.207  1.206   8.538   1.00 49.45  ? 159  SER A C   1 
ATOM   1251 O O   . SER A 1 164 ? -1.094  2.397   8.785   1.00 47.80  ? 159  SER A O   1 
ATOM   1252 C CB  . SER A 1 164 ? 1.040   0.592   9.404   1.00 49.99  ? 159  SER A CB  1 
ATOM   1253 O OG  . SER A 1 164 ? 1.857   -0.487  9.827   1.00 52.32  ? 159  SER A OG  1 
ATOM   1254 N N   . LYS A 1 165 ? -1.981  0.798   7.556   1.00 50.47  ? 160  LYS A N   1 
ATOM   1255 C CA  . LYS A 1 165 ? -2.660  1.830   6.808   1.00 52.22  ? 160  LYS A CA  1 
ATOM   1256 C C   . LYS A 1 165 ? -3.947  2.293   7.478   1.00 51.43  ? 160  LYS A C   1 
ATOM   1257 O O   . LYS A 1 165 ? -4.529  1.605   8.309   1.00 51.12  ? 160  LYS A O   1 
ATOM   1258 C CB  . LYS A 1 165 ? -2.886  1.384   5.373   1.00 53.98  ? 160  LYS A CB  1 
ATOM   1259 C CG  . LYS A 1 165 ? -3.452  0.014   5.267   1.00 57.03  ? 160  LYS A CG  1 
ATOM   1260 C CD  . LYS A 1 165 ? -3.636  -0.374  3.815   1.00 59.44  ? 160  LYS A CD  1 
ATOM   1261 C CE  . LYS A 1 165 ? -4.536  -1.612  3.680   1.00 60.91  ? 160  LYS A CE  1 
ATOM   1262 N NZ  . LYS A 1 165 ? -4.765  -1.929  2.236   1.00 64.14  ? 160  LYS A NZ  1 
ATOM   1263 N N   . PRO A 1 166 ? -4.420  3.473   7.090   1.00 51.52  ? 161  PRO A N   1 
ATOM   1264 C CA  . PRO A 1 166 ? -3.741  4.321   6.105   1.00 51.20  ? 161  PRO A CA  1 
ATOM   1265 C C   . PRO A 1 166 ? -2.716  5.223   6.756   1.00 50.52  ? 161  PRO A C   1 
ATOM   1266 O O   . PRO A 1 166 ? -2.603  5.251   7.977   1.00 51.23  ? 161  PRO A O   1 
ATOM   1267 C CB  . PRO A 1 166 ? -4.902  5.107   5.496   1.00 52.19  ? 161  PRO A CB  1 
ATOM   1268 C CG  . PRO A 1 166 ? -5.780  5.359   6.692   1.00 51.85  ? 161  PRO A CG  1 
ATOM   1269 C CD  . PRO A 1 166 ? -5.676  4.089   7.560   1.00 52.54  ? 161  PRO A CD  1 
ATOM   1270 N N   . ASN A 1 167 ? -1.972  5.944   5.926   1.00 49.79  ? 162  ASN A N   1 
ATOM   1271 C CA  . ASN A 1 167 ? -0.958  6.885   6.362   1.00 49.88  ? 162  ASN A CA  1 
ATOM   1272 C C   . ASN A 1 167 ? -0.078  6.406   7.514   1.00 50.30  ? 162  ASN A C   1 
ATOM   1273 O O   . ASN A 1 167 ? 0.206   7.173   8.438   1.00 51.24  ? 162  ASN A O   1 
ATOM   1274 C CB  . ASN A 1 167 ? -1.642  8.204   6.743   1.00 51.85  ? 162  ASN A CB  1 
ATOM   1275 C CG  . ASN A 1 167 ? -0.659  9.362   6.928   1.00 53.26  ? 162  ASN A CG  1 
ATOM   1276 O OD1 . ASN A 1 167 ? 0.471   9.353   6.419   1.00 53.85  ? 162  ASN A OD1 1 
ATOM   1277 N ND2 . ASN A 1 167 ? -1.107  10.381  7.638   1.00 53.18  ? 162  ASN A ND2 1 
ATOM   1278 N N   . GLY A 1 168 ? 0.396   5.167   7.464   1.00 48.66  ? 163  GLY A N   1 
ATOM   1279 C CA  . GLY A 1 168 ? 1.223   4.694   8.560   1.00 47.60  ? 163  GLY A CA  1 
ATOM   1280 C C   . GLY A 1 168 ? 2.721   4.539   8.341   1.00 46.80  ? 163  GLY A C   1 
ATOM   1281 O O   . GLY A 1 168 ? 3.255   4.834   7.271   1.00 46.06  ? 163  GLY A O   1 
ATOM   1282 N N   . LEU A 1 169 ? 3.403   4.108   9.394   1.00 46.68  ? 164  LEU A N   1 
ATOM   1283 C CA  . LEU A 1 169 ? 4.846   3.836   9.355   1.00 47.32  ? 164  LEU A CA  1 
ATOM   1284 C C   . LEU A 1 169 ? 4.995   2.595   10.227  1.00 46.63  ? 164  LEU A C   1 
ATOM   1285 O O   . LEU A 1 169 ? 5.131   2.702   11.432  1.00 47.03  ? 164  LEU A O   1 
ATOM   1286 C CB  . LEU A 1 169 ? 5.662   4.976   9.969   1.00 47.97  ? 164  LEU A CB  1 
ATOM   1287 C CG  . LEU A 1 169 ? 7.191   5.022   9.771   1.00 49.95  ? 164  LEU A CG  1 
ATOM   1288 C CD1 . LEU A 1 169 ? 7.817   5.584   11.052  1.00 50.67  ? 164  LEU A CD1 1 
ATOM   1289 C CD2 . LEU A 1 169 ? 7.772   3.644   9.482   1.00 48.73  ? 164  LEU A CD2 1 
ATOM   1290 N N   . GLY A 1 170 ? 4.948   1.425   9.616   1.00 46.16  ? 165  GLY A N   1 
ATOM   1291 C CA  . GLY A 1 170 ? 5.052   0.206   10.394  1.00 46.32  ? 165  GLY A CA  1 
ATOM   1292 C C   . GLY A 1 170 ? 6.480   -0.269  10.453  1.00 46.06  ? 165  GLY A C   1 
ATOM   1293 O O   . GLY A 1 170 ? 7.242   -0.101  9.491   1.00 44.94  ? 165  GLY A O   1 
ATOM   1294 N N   . VAL A 1 171 ? 6.834   -0.880  11.580  1.00 46.56  ? 166  VAL A N   1 
ATOM   1295 C CA  . VAL A 1 171 ? 8.191   -1.366  11.779  1.00 47.51  ? 166  VAL A CA  1 
ATOM   1296 C C   . VAL A 1 171 ? 8.287   -2.734  12.425  1.00 48.21  ? 166  VAL A C   1 
ATOM   1297 O O   . VAL A 1 171 ? 7.519   -3.081  13.327  1.00 48.14  ? 166  VAL A O   1 
ATOM   1298 C CB  . VAL A 1 171 ? 9.011   -0.418  12.685  1.00 46.80  ? 166  VAL A CB  1 
ATOM   1299 C CG1 . VAL A 1 171 ? 10.494  -0.772  12.590  1.00 47.61  ? 166  VAL A CG1 1 
ATOM   1300 C CG2 . VAL A 1 171 ? 8.784   1.014   12.294  1.00 45.82  ? 166  VAL A CG2 1 
ATOM   1301 N N   . ILE A 1 172 ? 9.238   -3.513  11.929  1.00 49.45  ? 167  ILE A N   1 
ATOM   1302 C CA  . ILE A 1 172 ? 9.539   -4.814  12.507  1.00 49.89  ? 167  ILE A CA  1 
ATOM   1303 C C   . ILE A 1 172 ? 11.061  -4.818  12.624  1.00 50.70  ? 167  ILE A C   1 
ATOM   1304 O O   . ILE A 1 172 ? 11.755  -4.991  11.628  1.00 50.49  ? 167  ILE A O   1 
ATOM   1305 C CB  . ILE A 1 172 ? 9.108   -5.980  11.615  1.00 49.81  ? 167  ILE A CB  1 
ATOM   1306 C CG1 . ILE A 1 172 ? 7.602   -5.948  11.398  1.00 48.59  ? 167  ILE A CG1 1 
ATOM   1307 C CG2 . ILE A 1 172 ? 9.495   -7.292  12.275  1.00 49.24  ? 167  ILE A CG2 1 
ATOM   1308 C CD1 . ILE A 1 172 ? 7.107   -7.080  10.556  1.00 48.04  ? 167  ILE A CD1 1 
ATOM   1309 N N   . ARG A 1 173 ? 11.570  -4.576  13.835  1.00 52.74  ? 168  ARG A N   1 
ATOM   1310 C CA  . ARG A 1 173 ? 13.017  -4.550  14.089  1.00 54.20  ? 168  ARG A CA  1 
ATOM   1311 C C   . ARG A 1 173 ? 13.566  -5.972  14.012  1.00 54.19  ? 168  ARG A C   1 
ATOM   1312 O O   . ARG A 1 173 ? 12.845  -6.922  14.300  1.00 53.24  ? 168  ARG A O   1 
ATOM   1313 C CB  . ARG A 1 173 ? 13.304  -3.951  15.469  1.00 55.70  ? 168  ARG A CB  1 
ATOM   1314 C CG  . ARG A 1 173 ? 12.932  -2.479  15.612  1.00 57.37  ? 168  ARG A CG  1 
ATOM   1315 C CD  . ARG A 1 173 ? 13.844  -1.793  16.642  1.00 58.25  ? 168  ARG A CD  1 
ATOM   1316 N NE  . ARG A 1 173 ? 13.721  -0.338  16.613  1.00 59.27  ? 168  ARG A NE  1 
ATOM   1317 C CZ  . ARG A 1 173 ? 12.658  0.315   17.058  1.00 60.79  ? 168  ARG A CZ  1 
ATOM   1318 N NH1 . ARG A 1 173 ? 11.641  -0.370  17.569  1.00 61.02  ? 168  ARG A NH1 1 
ATOM   1319 N NH2 . ARG A 1 173 ? 12.600  1.642   16.981  1.00 61.93  ? 168  ARG A NH2 1 
ATOM   1320 N N   . PRO A 1 174 ? 14.845  -6.133  13.611  1.00 55.72  ? 169  PRO A N   1 
ATOM   1321 C CA  . PRO A 1 174 ? 15.514  -7.440  13.477  1.00 56.50  ? 169  PRO A CA  1 
ATOM   1322 C C   . PRO A 1 174 ? 15.248  -8.386  14.647  1.00 57.66  ? 169  PRO A C   1 
ATOM   1323 O O   . PRO A 1 174 ? 15.065  -9.597  14.467  1.00 57.54  ? 169  PRO A O   1 
ATOM   1324 C CB  . PRO A 1 174 ? 16.991  -7.049  13.354  1.00 56.30  ? 169  PRO A CB  1 
ATOM   1325 C CG  . PRO A 1 174 ? 16.908  -5.770  12.586  1.00 56.26  ? 169  PRO A CG  1 
ATOM   1326 C CD  . PRO A 1 174 ? 15.792  -5.043  13.314  1.00 55.42  ? 169  PRO A CD  1 
ATOM   1327 N N   . THR A 1 175 ? 15.208  -7.794  15.835  1.00 58.74  ? 170  THR A N   1 
ATOM   1328 C CA  . THR A 1 175 ? 14.985  -8.488  17.092  1.00 60.04  ? 170  THR A CA  1 
ATOM   1329 C C   . THR A 1 175 ? 13.564  -8.998  17.394  1.00 60.98  ? 170  THR A C   1 
ATOM   1330 O O   . THR A 1 175 ? 13.397  -9.945  18.172  1.00 60.43  ? 170  THR A O   1 
ATOM   1331 C CB  . THR A 1 175 ? 15.444  -7.584  18.283  1.00 60.32  ? 170  THR A CB  1 
ATOM   1332 O OG1 . THR A 1 175 ? 15.540  -6.211  17.853  1.00 59.70  ? 170  THR A OG1 1 
ATOM   1333 C CG2 . THR A 1 175 ? 16.806  -8.032  18.789  1.00 60.62  ? 170  THR A CG2 1 
ATOM   1334 N N   . GLU A 1 176 ? 12.541  -8.381  16.803  1.00 62.32  ? 171  GLU A N   1 
ATOM   1335 C CA  . GLU A 1 176 ? 11.160  -8.802  17.067  1.00 63.46  ? 171  GLU A CA  1 
ATOM   1336 C C   . GLU A 1 176 ? 10.574  -9.732  15.974  1.00 63.86  ? 171  GLU A C   1 
ATOM   1337 O O   . GLU A 1 176 ? 9.420   -10.187 16.061  1.00 63.38  ? 171  GLU A O   1 
ATOM   1338 C CB  . GLU A 1 176 ? 10.300  -7.542  17.275  1.00 63.87  ? 171  GLU A CB  1 
ATOM   1339 C CG  . GLU A 1 176 ? 10.570  -6.438  16.254  1.00 65.68  ? 171  GLU A CG  1 
ATOM   1340 C CD  . GLU A 1 176 ? 10.043  -5.063  16.676  1.00 66.25  ? 171  GLU A CD  1 
ATOM   1341 O OE1 . GLU A 1 176 ? 10.555  -4.499  17.666  1.00 67.13  ? 171  GLU A OE1 1 
ATOM   1342 O OE2 . GLU A 1 176 ? 9.123   -4.540  16.011  1.00 66.31  ? 171  GLU A OE2 1 
ATOM   1343 N N   . VAL A 1 177 ? 11.420  -10.041 14.987  1.00 64.28  ? 172  VAL A N   1 
ATOM   1344 C CA  . VAL A 1 177 ? 11.092  -10.869 13.827  1.00 64.96  ? 172  VAL A CA  1 
ATOM   1345 C C   . VAL A 1 177 ? 10.680  -12.301 14.097  1.00 66.07  ? 172  VAL A C   1 
ATOM   1346 O O   . VAL A 1 177 ? 9.621   -12.744 13.662  1.00 66.11  ? 172  VAL A O   1 
ATOM   1347 C CB  . VAL A 1 177 ? 12.276  -10.929 12.853  1.00 64.53  ? 172  VAL A CB  1 
ATOM   1348 C CG1 . VAL A 1 177 ? 11.886  -11.688 11.601  1.00 64.26  ? 172  VAL A CG1 1 
ATOM   1349 C CG2 . VAL A 1 177 ? 12.741  -9.542  12.526  1.00 64.05  ? 172  VAL A CG2 1 
ATOM   1350 N N   . GLN A 1 178 ? 11.533  -13.039 14.790  1.00 67.83  ? 173  GLN A N   1 
ATOM   1351 C CA  . GLN A 1 178 ? 11.226  -14.432 15.084  1.00 69.36  ? 173  GLN A CA  1 
ATOM   1352 C C   . GLN A 1 178 ? 9.838   -14.612 15.683  1.00 68.95  ? 173  GLN A C   1 
ATOM   1353 O O   . GLN A 1 178 ? 9.060   -15.461 15.242  1.00 68.90  ? 173  GLN A O   1 
ATOM   1354 C CB  . GLN A 1 178 ? 12.270  -15.032 16.033  1.00 70.65  ? 173  GLN A CB  1 
ATOM   1355 C CG  . GLN A 1 178 ? 11.987  -16.492 16.346  1.00 73.05  ? 173  GLN A CG  1 
ATOM   1356 C CD  . GLN A 1 178 ? 11.662  -17.297 15.086  1.00 75.16  ? 173  GLN A CD  1 
ATOM   1357 O OE1 . GLN A 1 178 ? 12.526  -17.512 14.225  1.00 76.07  ? 173  GLN A OE1 1 
ATOM   1358 N NE2 . GLN A 1 178 ? 10.406  -17.735 14.969  1.00 75.71  ? 173  GLN A NE2 1 
ATOM   1359 N N   . ASP A 1 179 ? 9.514   -13.816 16.685  1.00 68.81  ? 174  ASP A N   1 
ATOM   1360 C CA  . ASP A 1 179 ? 8.209   -13.975 17.277  1.00 68.95  ? 174  ASP A CA  1 
ATOM   1361 C C   . ASP A 1 179 ? 7.096   -13.393 16.420  1.00 67.78  ? 174  ASP A C   1 
ATOM   1362 O O   . ASP A 1 179 ? 5.927   -13.795 16.541  1.00 67.65  ? 174  ASP A O   1 
ATOM   1363 C CB  . ASP A 1 179 ? 8.173   -13.364 18.669  1.00 71.99  ? 174  ASP A CB  1 
ATOM   1364 C CG  . ASP A 1 179 ? 6.933   -13.778 19.427  1.00 74.22  ? 174  ASP A CG  1 
ATOM   1365 O OD1 . ASP A 1 179 ? 5.959   -12.982 19.471  1.00 74.80  ? 174  ASP A OD1 1 
ATOM   1366 O OD2 . ASP A 1 179 ? 6.933   -14.919 19.953  1.00 74.96  ? 174  ASP A OD2 1 
ATOM   1367 N N   . PHE A 1 180 ? 7.435   -12.443 15.555  1.00 66.59  ? 175  PHE A N   1 
ATOM   1368 C CA  . PHE A 1 180 ? 6.406   -11.885 14.689  1.00 65.82  ? 175  PHE A CA  1 
ATOM   1369 C C   . PHE A 1 180 ? 5.852   -13.027 13.802  1.00 65.39  ? 175  PHE A C   1 
ATOM   1370 O O   . PHE A 1 180 ? 4.631   -13.216 13.671  1.00 63.80  ? 175  PHE A O   1 
ATOM   1371 C CB  . PHE A 1 180 ? 6.991   -10.777 13.804  1.00 64.76  ? 175  PHE A CB  1 
ATOM   1372 C CG  . PHE A 1 180 ? 5.979   -10.154 12.884  1.00 64.12  ? 175  PHE A CG  1 
ATOM   1373 C CD1 . PHE A 1 180 ? 4.995   -9.307  13.386  1.00 63.61  ? 175  PHE A CD1 1 
ATOM   1374 C CD2 . PHE A 1 180 ? 5.961   -10.466 11.525  1.00 63.35  ? 175  PHE A CD2 1 
ATOM   1375 C CE1 . PHE A 1 180 ? 4.005   -8.786  12.551  1.00 62.99  ? 175  PHE A CE1 1 
ATOM   1376 C CE2 . PHE A 1 180 ? 4.975   -9.950  10.687  1.00 62.66  ? 175  PHE A CE2 1 
ATOM   1377 C CZ  . PHE A 1 180 ? 3.998   -9.109  11.197  1.00 62.22  ? 175  PHE A CZ  1 
ATOM   1378 N N   . LEU A 1 181 ? 6.784   -13.781 13.214  1.00 65.55  ? 176  LEU A N   1 
ATOM   1379 C CA  . LEU A 1 181 ? 6.485   -14.910 12.343  1.00 66.12  ? 176  LEU A CA  1 
ATOM   1380 C C   . LEU A 1 181 ? 5.653   -15.959 13.065  1.00 67.09  ? 176  LEU A C   1 
ATOM   1381 O O   . LEU A 1 181 ? 4.779   -16.611 12.480  1.00 67.19  ? 176  LEU A O   1 
ATOM   1382 C CB  . LEU A 1 181 ? 7.786   -15.555 11.867  1.00 65.30  ? 176  LEU A CB  1 
ATOM   1383 C CG  . LEU A 1 181 ? 8.507   -14.814 10.750  1.00 65.32  ? 176  LEU A CG  1 
ATOM   1384 C CD1 . LEU A 1 181 ? 9.806   -15.534 10.395  1.00 65.15  ? 176  LEU A CD1 1 
ATOM   1385 C CD2 . LEU A 1 181 ? 7.580   -14.717 9.542   1.00 64.84  ? 176  LEU A CD2 1 
ATOM   1386 N N   . ASN A 1 182 ? 5.947   -16.116 14.346  1.00 67.75  ? 177  ASN A N   1 
ATOM   1387 C CA  . ASN A 1 182 ? 5.254   -17.083 15.168  1.00 68.29  ? 177  ASN A CA  1 
ATOM   1388 C C   . ASN A 1 182 ? 3.749   -16.936 15.163  1.00 67.71  ? 177  ASN A C   1 
ATOM   1389 O O   . ASN A 1 182 ? 3.043   -17.932 15.165  1.00 67.86  ? 177  ASN A O   1 
ATOM   1390 C CB  . ASN A 1 182 ? 5.770   -17.009 16.597  1.00 70.02  ? 177  ASN A CB  1 
ATOM   1391 C CG  . ASN A 1 182 ? 6.536   -18.239 16.982  1.00 71.71  ? 177  ASN A CG  1 
ATOM   1392 O OD1 . ASN A 1 182 ? 5.939   -19.288 17.243  1.00 71.92  ? 177  ASN A OD1 1 
ATOM   1393 N ND2 . ASN A 1 182 ? 7.872   -18.136 16.997  1.00 72.06  ? 177  ASN A ND2 1 
ATOM   1394 N N   . GLU A 1 183 ? 3.250   -15.708 15.152  1.00 67.08  ? 178  GLU A N   1 
ATOM   1395 C CA  . GLU A 1 183 ? 1.808   -15.513 15.168  1.00 66.91  ? 178  GLU A CA  1 
ATOM   1396 C C   . GLU A 1 183 ? 1.225   -15.041 13.854  1.00 64.97  ? 178  GLU A C   1 
ATOM   1397 O O   . GLU A 1 183 ? 0.124   -14.493 13.796  1.00 63.77  ? 178  GLU A O   1 
ATOM   1398 C CB  . GLU A 1 183 ? 1.450   -14.558 16.300  1.00 69.59  ? 178  GLU A CB  1 
ATOM   1399 C CG  . GLU A 1 183 ? 1.684   -15.218 17.662  1.00 72.90  ? 178  GLU A CG  1 
ATOM   1400 C CD  . GLU A 1 183 ? 1.472   -14.272 18.822  1.00 75.99  ? 178  GLU A CD  1 
ATOM   1401 O OE1 . GLU A 1 183 ? 0.383   -13.641 18.873  1.00 76.97  ? 178  GLU A OE1 1 
ATOM   1402 O OE2 . GLU A 1 183 ? 2.391   -14.164 19.682  1.00 77.39  ? 178  GLU A OE2 1 
ATOM   1403 N N   . LEU A 1 184 ? 1.969   -15.297 12.788  1.00 64.28  ? 179  LEU A N   1 
ATOM   1404 C CA  . LEU A 1 184 ? 1.563   -14.899 11.453  1.00 63.55  ? 179  LEU A CA  1 
ATOM   1405 C C   . LEU A 1 184 ? 0.561   -15.871 10.824  1.00 63.37  ? 179  LEU A C   1 
ATOM   1406 O O   . LEU A 1 184 ? 0.773   -17.092 10.858  1.00 63.40  ? 179  LEU A O   1 
ATOM   1407 C CB  . LEU A 1 184 ? 2.808   -14.800 10.572  1.00 63.74  ? 179  LEU A CB  1 
ATOM   1408 C CG  . LEU A 1 184 ? 2.636   -14.225 9.166   1.00 63.62  ? 179  LEU A CG  1 
ATOM   1409 C CD1 . LEU A 1 184 ? 2.188   -12.781 9.272   1.00 63.12  ? 179  LEU A CD1 1 
ATOM   1410 C CD2 . LEU A 1 184 ? 3.947   -14.332 8.406   1.00 63.29  ? 179  LEU A CD2 1 
ATOM   1411 N N   . ASP A 1 185 ? -0.541  -15.338 10.294  1.00 63.25  ? 180  ASP A N   1 
ATOM   1412 C CA  . ASP A 1 185 ? -1.537  -16.160 9.593   1.00 63.92  ? 180  ASP A CA  1 
ATOM   1413 C C   . ASP A 1 185 ? -1.053  -16.260 8.136   1.00 62.98  ? 180  ASP A C   1 
ATOM   1414 O O   . ASP A 1 185 ? -0.709  -15.246 7.542   1.00 61.77  ? 180  ASP A O   1 
ATOM   1415 C CB  . ASP A 1 185 ? -2.924  -15.498 9.581   1.00 65.20  ? 180  ASP A CB  1 
ATOM   1416 C CG  . ASP A 1 185 ? -3.634  -15.565 10.933  1.00 67.16  ? 180  ASP A CG  1 
ATOM   1417 O OD1 . ASP A 1 185 ? -3.532  -16.609 11.618  1.00 67.28  ? 180  ASP A OD1 1 
ATOM   1418 O OD2 . ASP A 1 185 ? -4.313  -14.573 11.301  1.00 68.00  ? 180  ASP A OD2 1 
ATOM   1419 N N   . ILE A 1 186 ? -1.006  -17.474 7.582   1.00 62.97  ? 181  ILE A N   1 
ATOM   1420 C CA  . ILE A 1 186 ? -0.571  -17.703 6.191   1.00 62.47  ? 181  ILE A CA  1 
ATOM   1421 C C   . ILE A 1 186 ? -1.383  -16.783 5.303   1.00 61.55  ? 181  ILE A C   1 
ATOM   1422 O O   . ILE A 1 186 ? -0.938  -16.320 4.244   1.00 62.52  ? 181  ILE A O   1 
ATOM   1423 C CB  . ILE A 1 186 ? -0.819  -19.159 5.805   1.00 63.13  ? 181  ILE A CB  1 
ATOM   1424 C CG1 . ILE A 1 186 ? 0.362   -19.993 6.278   1.00 63.51  ? 181  ILE A CG1 1 
ATOM   1425 C CG2 . ILE A 1 186 ? -1.060  -19.296 4.306   1.00 63.29  ? 181  ILE A CG2 1 
ATOM   1426 C CD1 . ILE A 1 186 ? 0.108   -21.462 6.239   1.00 64.97  ? 181  ILE A CD1 1 
ATOM   1427 N N   . ASP A 1 187 ? -2.577  -16.537 5.797   1.00 60.43  ? 182  ASP A N   1 
ATOM   1428 C CA  . ASP A 1 187 ? -3.550  -15.651 5.221   1.00 60.08  ? 182  ASP A CA  1 
ATOM   1429 C C   . ASP A 1 187 ? -2.947  -14.259 4.888   1.00 58.10  ? 182  ASP A C   1 
ATOM   1430 O O   . ASP A 1 187 ? -3.258  -13.633 3.867   1.00 57.24  ? 182  ASP A O   1 
ATOM   1431 C CB  . ASP A 1 187 ? -4.609  -15.519 6.297   1.00 62.57  ? 182  ASP A CB  1 
ATOM   1432 C CG  . ASP A 1 187 ? -5.775  -14.686 5.887   1.00 66.77  ? 182  ASP A CG  1 
ATOM   1433 O OD1 . ASP A 1 187 ? -5.555  -13.551 5.400   1.00 68.44  ? 182  ASP A OD1 1 
ATOM   1434 O OD2 . ASP A 1 187 ? -6.926  -15.151 6.092   1.00 68.75  ? 182  ASP A OD2 1 
ATOM   1435 N N   . GLU A 1 188 ? -2.080  -13.787 5.774   1.00 56.19  ? 183  GLU A N   1 
ATOM   1436 C CA  . GLU A 1 188 ? -1.469  -12.473 5.673   1.00 53.79  ? 183  GLU A CA  1 
ATOM   1437 C C   . GLU A 1 188 ? -0.253  -12.343 4.756   1.00 51.37  ? 183  GLU A C   1 
ATOM   1438 O O   . GLU A 1 188 ? 0.207   -11.231 4.498   1.00 49.73  ? 183  GLU A O   1 
ATOM   1439 C CB  . GLU A 1 188 ? -1.097  -12.008 7.083   1.00 55.16  ? 183  GLU A CB  1 
ATOM   1440 C CG  . GLU A 1 188 ? -2.071  -12.493 8.156   1.00 59.16  ? 183  GLU A CG  1 
ATOM   1441 C CD  . GLU A 1 188 ? -1.848  -11.836 9.521   1.00 61.49  ? 183  GLU A CD  1 
ATOM   1442 O OE1 . GLU A 1 188 ? -2.289  -10.677 9.699   1.00 62.42  ? 183  GLU A OE1 1 
ATOM   1443 O OE2 . GLU A 1 188 ? -1.224  -12.471 10.406  1.00 63.09  ? 183  GLU A OE2 1 
ATOM   1444 N N   . ILE A 1 189 ? 0.280   -13.463 4.290   1.00 50.30  ? 184  ILE A N   1 
ATOM   1445 C CA  . ILE A 1 189 ? 1.438   -13.414 3.413   1.00 50.57  ? 184  ILE A CA  1 
ATOM   1446 C C   . ILE A 1 189 ? 1.075   -12.956 2.004   1.00 50.09  ? 184  ILE A C   1 
ATOM   1447 O O   . ILE A 1 189 ? 0.185   -13.498 1.361   1.00 49.23  ? 184  ILE A O   1 
ATOM   1448 C CB  . ILE A 1 189 ? 2.137   -14.792 3.349   1.00 51.53  ? 184  ILE A CB  1 
ATOM   1449 C CG1 . ILE A 1 189 ? 2.600   -15.182 4.755   1.00 52.35  ? 184  ILE A CG1 1 
ATOM   1450 C CG2 . ILE A 1 189 ? 3.340   -14.746 2.408   1.00 50.52  ? 184  ILE A CG2 1 
ATOM   1451 C CD1 . ILE A 1 189 ? 3.175   -16.553 4.839   1.00 54.14  ? 184  ILE A CD1 1 
ATOM   1452 N N   . PRO A 1 190 ? 1.770   -11.926 1.512   1.00 51.04  ? 185  PRO A N   1 
ATOM   1453 C CA  . PRO A 1 190 ? 1.537   -11.373 0.171   1.00 51.01  ? 185  PRO A CA  1 
ATOM   1454 C C   . PRO A 1 190 ? 1.815   -12.443 -0.874  1.00 51.42  ? 185  PRO A C   1 
ATOM   1455 O O   . PRO A 1 190 ? 2.842   -13.150 -0.809  1.00 51.69  ? 185  PRO A O   1 
ATOM   1456 C CB  . PRO A 1 190 ? 2.545   -10.227 0.082   1.00 51.84  ? 185  PRO A CB  1 
ATOM   1457 C CG  . PRO A 1 190 ? 2.870   -9.910  1.584   1.00 52.30  ? 185  PRO A CG  1 
ATOM   1458 C CD  . PRO A 1 190 ? 2.932   -11.285 2.154   1.00 51.04  ? 185  PRO A CD  1 
ATOM   1459 N N   . GLY A 1 191 ? 0.912   -12.559 -1.837  1.00 51.32  ? 186  GLY A N   1 
ATOM   1460 C CA  . GLY A 1 191 ? 1.097   -13.549 -2.878  1.00 51.34  ? 186  GLY A CA  1 
ATOM   1461 C C   . GLY A 1 191 ? 0.335   -14.816 -2.562  1.00 51.28  ? 186  GLY A C   1 
ATOM   1462 O O   . GLY A 1 191 ? 0.123   -15.643 -3.442  1.00 52.61  ? 186  GLY A O   1 
ATOM   1463 N N   . ILE A 1 192 ? -0.067  -14.992 -1.309  1.00 50.29  ? 187  ILE A N   1 
ATOM   1464 C CA  . ILE A 1 192 ? -0.839  -16.171 -0.981  1.00 49.61  ? 187  ILE A CA  1 
ATOM   1465 C C   . ILE A 1 192 ? -2.276  -15.770 -1.145  1.00 49.26  ? 187  ILE A C   1 
ATOM   1466 O O   . ILE A 1 192 ? -2.895  -15.156 -0.265  1.00 48.58  ? 187  ILE A O   1 
ATOM   1467 C CB  . ILE A 1 192 ? -0.581  -16.669 0.427   1.00 49.38  ? 187  ILE A CB  1 
ATOM   1468 C CG1 . ILE A 1 192 ? 0.886   -17.070 0.526   1.00 50.66  ? 187  ILE A CG1 1 
ATOM   1469 C CG2 . ILE A 1 192 ? -1.492  -17.876 0.726   1.00 48.41  ? 187  ILE A CG2 1 
ATOM   1470 C CD1 . ILE A 1 192 ? 1.241   -17.793 1.783   1.00 53.52  ? 187  ILE A CD1 1 
ATOM   1471 N N   . GLY A 1 193 ? -2.787  -16.131 -2.313  1.00 49.84  ? 188  GLY A N   1 
ATOM   1472 C CA  . GLY A 1 193 ? -4.147  -15.809 -2.700  1.00 49.51  ? 188  GLY A CA  1 
ATOM   1473 C C   . GLY A 1 193 ? -5.193  -16.532 -1.900  1.00 48.75  ? 188  GLY A C   1 
ATOM   1474 O O   . GLY A 1 193 ? -4.931  -17.554 -1.269  1.00 47.70  ? 188  GLY A O   1 
ATOM   1475 N N   . SER A 1 194 ? -6.398  -15.991 -1.968  1.00 48.83  ? 189  SER A N   1 
ATOM   1476 C CA  . SER A 1 194 ? -7.521  -16.541 -1.234  1.00 49.95  ? 189  SER A CA  1 
ATOM   1477 C C   . SER A 1 194 ? -7.749  -18.001 -1.585  1.00 49.65  ? 189  SER A C   1 
ATOM   1478 O O   . SER A 1 194 ? -8.093  -18.797 -0.724  1.00 50.11  ? 189  SER A O   1 
ATOM   1479 C CB  . SER A 1 194 ? -8.793  -15.703 -1.490  1.00 51.11  ? 189  SER A CB  1 
ATOM   1480 O OG  . SER A 1 194 ? -9.113  -15.623 -2.872  1.00 53.10  ? 189  SER A OG  1 
ATOM   1481 N N   . VAL A 1 195 ? -7.537  -18.355 -2.844  1.00 48.87  ? 190  VAL A N   1 
ATOM   1482 C CA  . VAL A 1 195 ? -7.717  -19.727 -3.258  1.00 47.85  ? 190  VAL A CA  1 
ATOM   1483 C C   . VAL A 1 195 ? -6.717  -20.663 -2.543  1.00 47.87  ? 190  VAL A C   1 
ATOM   1484 O O   . VAL A 1 195 ? -7.136  -21.643 -1.911  1.00 47.65  ? 190  VAL A O   1 
ATOM   1485 C CB  . VAL A 1 195 ? -7.647  -19.808 -4.795  1.00 47.66  ? 190  VAL A CB  1 
ATOM   1486 C CG1 . VAL A 1 195 ? -7.302  -21.220 -5.281  1.00 47.58  ? 190  VAL A CG1 1 
ATOM   1487 C CG2 . VAL A 1 195 ? -9.009  -19.406 -5.338  1.00 47.48  ? 190  VAL A CG2 1 
ATOM   1488 N N   . LEU A 1 196 ? -5.417  -20.378 -2.607  1.00 47.23  ? 191  LEU A N   1 
ATOM   1489 C CA  . LEU A 1 196 ? -4.477  -21.229 -1.888  1.00 47.01  ? 191  LEU A CA  1 
ATOM   1490 C C   . LEU A 1 196 ? -4.855  -21.222 -0.364  1.00 48.28  ? 191  LEU A C   1 
ATOM   1491 O O   . LEU A 1 196 ? -4.973  -22.294 0.265   1.00 47.68  ? 191  LEU A O   1 
ATOM   1492 C CB  . LEU A 1 196 ? -3.039  -20.743 -2.103  1.00 45.31  ? 191  LEU A CB  1 
ATOM   1493 C CG  . LEU A 1 196 ? -1.939  -21.544 -1.387  1.00 43.79  ? 191  LEU A CG  1 
ATOM   1494 C CD1 . LEU A 1 196 ? -2.165  -23.025 -1.646  1.00 43.14  ? 191  LEU A CD1 1 
ATOM   1495 C CD2 . LEU A 1 196 ? -0.555  -21.103 -1.879  1.00 42.39  ? 191  LEU A CD2 1 
ATOM   1496 N N   . ALA A 1 197 ? -5.074  -20.031 0.200   1.00 49.73  ? 192  ALA A N   1 
ATOM   1497 C CA  . ALA A 1 197 ? -5.444  -19.882 1.619   1.00 51.84  ? 192  ALA A CA  1 
ATOM   1498 C C   . ALA A 1 197 ? -6.662  -20.733 1.992   1.00 53.30  ? 192  ALA A C   1 
ATOM   1499 O O   . ALA A 1 197 ? -6.629  -21.478 2.979   1.00 54.01  ? 192  ALA A O   1 
ATOM   1500 C CB  . ALA A 1 197 ? -5.721  -18.428 1.950   1.00 49.92  ? 192  ALA A CB  1 
ATOM   1501 N N   . ARG A 1 198 ? -7.731  -20.629 1.211   1.00 54.29  ? 193  ARG A N   1 
ATOM   1502 C CA  . ARG A 1 198 ? -8.915  -21.426 1.473   1.00 56.08  ? 193  ARG A CA  1 
ATOM   1503 C C   . ARG A 1 198 ? -8.572  -22.918 1.454   1.00 55.84  ? 193  ARG A C   1 
ATOM   1504 O O   . ARG A 1 198 ? -9.075  -23.687 2.272   1.00 56.60  ? 193  ARG A O   1 
ATOM   1505 C CB  . ARG A 1 198 ? -10.007 -21.133 0.437   1.00 58.72  ? 193  ARG A CB  1 
ATOM   1506 C CG  . ARG A 1 198 ? -11.121 -22.186 0.394   1.00 62.49  ? 193  ARG A CG  1 
ATOM   1507 C CD  . ARG A 1 198 ? -12.165 -21.857 -0.681  1.00 65.59  ? 193  ARG A CD  1 
ATOM   1508 N NE  . ARG A 1 198 ? -12.955 -20.688 -0.301  1.00 68.53  ? 193  ARG A NE  1 
ATOM   1509 C CZ  . ARG A 1 198 ? -13.975 -20.724 0.558   1.00 70.59  ? 193  ARG A CZ  1 
ATOM   1510 N NH1 . ARG A 1 198 ? -14.335 -21.880 1.123   1.00 71.35  ? 193  ARG A NH1 1 
ATOM   1511 N NH2 . ARG A 1 198 ? -14.629 -19.605 0.866   1.00 70.70  ? 193  ARG A NH2 1 
ATOM   1512 N N   . ARG A 1 199 ? -7.711  -23.337 0.533   1.00 54.74  ? 194  ARG A N   1 
ATOM   1513 C CA  . ARG A 1 199 ? -7.365  -24.750 0.483   1.00 53.31  ? 194  ARG A CA  1 
ATOM   1514 C C   . ARG A 1 199 ? -6.530  -25.189 1.663   1.00 52.40  ? 194  ARG A C   1 
ATOM   1515 O O   . ARG A 1 199 ? -6.675  -26.310 2.102   1.00 52.13  ? 194  ARG A O   1 
ATOM   1516 C CB  . ARG A 1 199 ? -6.648  -25.115 -0.830  1.00 52.26  ? 194  ARG A CB  1 
ATOM   1517 C CG  . ARG A 1 199 ? -7.586  -25.271 -2.007  1.00 52.42  ? 194  ARG A CG  1 
ATOM   1518 C CD  . ARG A 1 199 ? -6.880  -25.587 -3.335  1.00 53.79  ? 194  ARG A CD  1 
ATOM   1519 N NE  . ARG A 1 199 ? -7.803  -25.327 -4.447  1.00 55.29  ? 194  ARG A NE  1 
ATOM   1520 C CZ  . ARG A 1 199 ? -7.449  -24.953 -5.680  1.00 56.21  ? 194  ARG A CZ  1 
ATOM   1521 N NH1 . ARG A 1 199 ? -6.171  -24.801 -5.998  1.00 56.08  ? 194  ARG A NH1 1 
ATOM   1522 N NH2 . ARG A 1 199 ? -8.385  -24.662 -6.587  1.00 56.68  ? 194  ARG A NH2 1 
ATOM   1523 N N   . LEU A 1 200 ? -5.657  -24.333 2.177   1.00 52.48  ? 195  LEU A N   1 
ATOM   1524 C CA  . LEU A 1 200 ? -4.854  -24.742 3.314   1.00 53.33  ? 195  LEU A CA  1 
ATOM   1525 C C   . LEU A 1 200 ? -5.769  -24.830 4.521   1.00 54.51  ? 195  LEU A C   1 
ATOM   1526 O O   . LEU A 1 200 ? -5.599  -25.689 5.391   1.00 54.69  ? 195  LEU A O   1 
ATOM   1527 C CB  . LEU A 1 200 ? -3.746  -23.740 3.612   1.00 54.16  ? 195  LEU A CB  1 
ATOM   1528 C CG  . LEU A 1 200 ? -2.393  -23.714 2.879   1.00 55.65  ? 195  LEU A CG  1 
ATOM   1529 C CD1 . LEU A 1 200 ? -1.904  -25.126 2.635   1.00 54.65  ? 195  LEU A CD1 1 
ATOM   1530 C CD2 . LEU A 1 200 ? -2.512  -22.943 1.576   1.00 55.96  ? 195  LEU A CD2 1 
ATOM   1531 N N   . ASN A 1 201 ? -6.738  -23.921 4.566   1.00 55.55  ? 196  ASN A N   1 
ATOM   1532 C CA  . ASN A 1 201 ? -7.689  -23.871 5.659   1.00 57.00  ? 196  ASN A CA  1 
ATOM   1533 C C   . ASN A 1 201 ? -8.547  -25.149 5.732   1.00 57.35  ? 196  ASN A C   1 
ATOM   1534 O O   . ASN A 1 201 ? -8.681  -25.736 6.812   1.00 56.75  ? 196  ASN A O   1 
ATOM   1535 C CB  . ASN A 1 201 ? -8.575  -22.633 5.531   1.00 58.12  ? 196  ASN A CB  1 
ATOM   1536 C CG  . ASN A 1 201 ? -9.424  -22.421 6.770   1.00 61.32  ? 196  ASN A CG  1 
ATOM   1537 O OD1 . ASN A 1 201 ? -8.900  -22.424 7.898   1.00 61.77  ? 196  ASN A OD1 1 
ATOM   1538 N ND2 . ASN A 1 201 ? -10.743 -22.256 6.580   1.00 61.60  ? 196  ASN A ND2 1 
ATOM   1539 N N   . GLU A 1 202 ? -9.115  -25.580 4.599   1.00 57.77  ? 197  GLU A N   1 
ATOM   1540 C CA  . GLU A 1 202 ? -9.907  -26.820 4.550   1.00 57.90  ? 197  GLU A CA  1 
ATOM   1541 C C   . GLU A 1 202 ? -9.038  -27.953 5.168   1.00 58.20  ? 197  GLU A C   1 
ATOM   1542 O O   . GLU A 1 202 ? -9.553  -28.962 5.636   1.00 57.74  ? 197  GLU A O   1 
ATOM   1543 C CB  . GLU A 1 202 ? -10.296 -27.185 3.080   1.00 56.85  ? 197  GLU A CB  1 
ATOM   1544 C CG  . GLU A 1 202 ? -10.921 -26.039 2.238   1.00 55.31  ? 197  GLU A CG  1 
ATOM   1545 C CD  . GLU A 1 202 ? -11.272 -26.395 0.755   1.00 54.63  ? 197  GLU A CD  1 
ATOM   1546 O OE1 . GLU A 1 202 ? -10.601 -27.234 0.096   1.00 50.60  ? 197  GLU A OE1 1 
ATOM   1547 O OE2 . GLU A 1 202 ? -12.239 -25.783 0.243   1.00 54.99  ? 197  GLU A OE2 1 
ATOM   1548 N N   . LEU A 1 203 ? -7.718  -27.776 5.156   1.00 58.90  ? 198  LEU A N   1 
ATOM   1549 C CA  . LEU A 1 203 ? -6.796  -28.761 5.724   1.00 60.19  ? 198  LEU A CA  1 
ATOM   1550 C C   . LEU A 1 203 ? -6.363  -28.400 7.138   1.00 61.50  ? 198  LEU A C   1 
ATOM   1551 O O   . LEU A 1 203 ? -5.433  -29.009 7.682   1.00 61.42  ? 198  LEU A O   1 
ATOM   1552 C CB  . LEU A 1 203 ? -5.526  -28.887 4.877   1.00 59.96  ? 198  LEU A CB  1 
ATOM   1553 C CG  . LEU A 1 203 ? -5.528  -29.733 3.598   1.00 60.56  ? 198  LEU A CG  1 
ATOM   1554 C CD1 . LEU A 1 203 ? -6.511  -29.170 2.605   1.00 60.77  ? 198  LEU A CD1 1 
ATOM   1555 C CD2 . LEU A 1 203 ? -4.128  -29.745 2.992   1.00 60.07  ? 198  LEU A CD2 1 
ATOM   1556 N N   . GLY A 1 204 ? -7.009  -27.391 7.717   1.00 62.93  ? 199  GLY A N   1 
ATOM   1557 C CA  . GLY A 1 204 ? -6.674  -26.965 9.069   1.00 64.57  ? 199  GLY A CA  1 
ATOM   1558 C C   . GLY A 1 204 ? -5.338  -26.247 9.214   1.00 65.34  ? 199  GLY A C   1 
ATOM   1559 O O   . GLY A 1 204 ? -4.784  -26.159 10.312  1.00 65.24  ? 199  GLY A O   1 
ATOM   1560 N N   . ILE A 1 205 ? -4.800  -25.748 8.107   1.00 66.16  ? 200  ILE A N   1 
ATOM   1561 C CA  . ILE A 1 205 ? -3.541  -25.024 8.177   1.00 67.34  ? 200  ILE A CA  1 
ATOM   1562 C C   . ILE A 1 205 ? -3.889  -23.542 8.100   1.00 68.05  ? 200  ILE A C   1 
ATOM   1563 O O   . ILE A 1 205 ? -4.353  -23.048 7.061   1.00 67.59  ? 200  ILE A O   1 
ATOM   1564 C CB  . ILE A 1 205 ? -2.597  -25.425 7.034   1.00 66.98  ? 200  ILE A CB  1 
ATOM   1565 C CG1 . ILE A 1 205 ? -2.343  -26.937 7.090   1.00 66.76  ? 200  ILE A CG1 1 
ATOM   1566 C CG2 . ILE A 1 205 ? -1.264  -24.693 7.182   1.00 66.53  ? 200  ILE A CG2 1 
ATOM   1567 C CD1 . ILE A 1 205 ? -1.513  -27.459 5.947   1.00 66.26  ? 200  ILE A CD1 1 
ATOM   1568 N N   . GLN A 1 206 ? -3.682  -22.843 9.219   1.00 68.98  ? 201  GLN A N   1 
ATOM   1569 C CA  . GLN A 1 206 ? -4.007  -21.426 9.301   1.00 70.01  ? 201  GLN A CA  1 
ATOM   1570 C C   . GLN A 1 206 ? -2.871  -20.495 9.645   1.00 69.80  ? 201  GLN A C   1 
ATOM   1571 O O   . GLN A 1 206 ? -2.931  -19.300 9.340   1.00 69.78  ? 201  GLN A O   1 
ATOM   1572 C CB  . GLN A 1 206 ? -5.143  -21.221 10.293  1.00 70.72  ? 201  GLN A CB  1 
ATOM   1573 C CG  . GLN A 1 206 ? -6.437  -21.757 9.757   1.00 72.85  ? 201  GLN A CG  1 
ATOM   1574 C CD  . GLN A 1 206 ? -7.552  -21.682 10.757  1.00 74.03  ? 201  GLN A CD  1 
ATOM   1575 O OE1 . GLN A 1 206 ? -7.549  -22.394 11.764  1.00 74.44  ? 201  GLN A OE1 1 
ATOM   1576 N NE2 . GLN A 1 206 ? -8.525  -20.812 10.492  1.00 75.16  ? 201  GLN A NE2 1 
ATOM   1577 N N   . LYS A 1 207 ? -1.829  -21.032 10.259  1.00 69.98  ? 202  LYS A N   1 
ATOM   1578 C CA  . LYS A 1 207 ? -0.714  -20.192 10.636  1.00 70.83  ? 202  LYS A CA  1 
ATOM   1579 C C   . LYS A 1 207 ? 0.628   -20.716 10.137  1.00 71.48  ? 202  LYS A C   1 
ATOM   1580 O O   . LYS A 1 207 ? 0.792   -21.889 9.821   1.00 71.05  ? 202  LYS A O   1 
ATOM   1581 C CB  . LYS A 1 207 ? -0.719  -19.999 12.159  1.00 70.97  ? 202  LYS A CB  1 
ATOM   1582 C CG  . LYS A 1 207 ? -2.137  -19.774 12.702  1.00 70.72  ? 202  LYS A CG  1 
ATOM   1583 C CD  . LYS A 1 207 ? -2.187  -18.947 13.973  1.00 70.75  ? 202  LYS A CD  1 
ATOM   1584 C CE  . LYS A 1 207 ? -1.827  -17.495 13.698  1.00 70.69  ? 202  LYS A CE  1 
ATOM   1585 N NZ  . LYS A 1 207 ? -2.337  -16.582 14.761  1.00 70.49  ? 202  LYS A NZ  1 
ATOM   1586 N N   . LEU A 1 208 ? 1.588   -19.812 10.057  1.00 72.67  ? 203  LEU A N   1 
ATOM   1587 C CA  . LEU A 1 208 ? 2.900   -20.150 9.563   1.00 73.94  ? 203  LEU A CA  1 
ATOM   1588 C C   . LEU A 1 208 ? 3.514   -21.364 10.240  1.00 75.31  ? 203  LEU A C   1 
ATOM   1589 O O   . LEU A 1 208 ? 4.337   -22.067 9.642   1.00 75.87  ? 203  LEU A O   1 
ATOM   1590 C CB  . LEU A 1 208 ? 3.829   -18.954 9.713   1.00 73.10  ? 203  LEU A CB  1 
ATOM   1591 C CG  . LEU A 1 208 ? 5.001   -19.079 8.752   1.00 72.84  ? 203  LEU A CG  1 
ATOM   1592 C CD1 . LEU A 1 208 ? 4.456   -19.180 7.333   1.00 71.59  ? 203  LEU A CD1 1 
ATOM   1593 C CD2 . LEU A 1 208 ? 5.930   -17.881 8.902   1.00 72.92  ? 203  LEU A CD2 1 
ATOM   1594 N N   . ARG A 1 209 ? 3.112   -21.620 11.481  1.00 76.30  ? 204  ARG A N   1 
ATOM   1595 C CA  . ARG A 1 209 ? 3.656   -22.756 12.230  1.00 77.24  ? 204  ARG A CA  1 
ATOM   1596 C C   . ARG A 1 209 ? 2.953   -24.112 12.002  1.00 77.34  ? 204  ARG A C   1 
ATOM   1597 O O   . ARG A 1 209 ? 3.315   -25.122 12.607  1.00 77.43  ? 204  ARG A O   1 
ATOM   1598 C CB  . ARG A 1 209 ? 3.698   -22.414 13.734  1.00 77.30  ? 204  ARG A CB  1 
ATOM   1599 C CG  . ARG A 1 209 ? 2.370   -21.988 14.339  1.00 77.45  ? 204  ARG A CG  1 
ATOM   1600 C CD  . ARG A 1 209 ? 2.548   -21.359 15.721  1.00 77.97  ? 204  ARG A CD  1 
ATOM   1601 N NE  . ARG A 1 209 ? 1.285   -20.794 16.198  1.00 79.25  ? 204  ARG A NE  1 
ATOM   1602 C CZ  . ARG A 1 209 ? 1.180   -19.800 17.081  1.00 80.47  ? 204  ARG A CZ  1 
ATOM   1603 N NH1 . ARG A 1 209 ? 2.274   -19.250 17.604  1.00 80.91  ? 204  ARG A NH1 1 
ATOM   1604 N NH2 . ARG A 1 209 ? -0.021  -19.333 17.425  1.00 80.38  ? 204  ARG A NH2 1 
ATOM   1605 N N   . ASP A 1 210 ? 1.964   -24.147 11.119  1.00 77.38  ? 205  ASP A N   1 
ATOM   1606 C CA  . ASP A 1 210 ? 1.269   -25.397 10.840  1.00 77.24  ? 205  ASP A CA  1 
ATOM   1607 C C   . ASP A 1 210 ? 1.912   -26.197 9.699   1.00 77.23  ? 205  ASP A C   1 
ATOM   1608 O O   . ASP A 1 210 ? 3.107   -26.532 9.845   1.00 52.07  ? 205  ASP A O   1 
ATOM   1609 C CB  . ASP A 1 210 ? -0.206  -25.110 10.528  1.00 77.86  ? 205  ASP A CB  1 
ATOM   1610 C CG  . ASP A 1 210 ? -0.902  -24.339 11.650  1.00 78.51  ? 205  ASP A CG  1 
ATOM   1611 O OD1 . ASP A 1 210 ? -0.737  -24.727 12.824  1.00 78.82  ? 205  ASP A OD1 1 
ATOM   1612 O OD2 . ASP A 1 210 ? -1.618  -23.352 11.364  1.00 79.09  ? 205  ASP A OD2 1 
HETATM 1613 S S   . SO4 B 2 .   ? -5.183  0.989   -0.070  1.00 46.14  ? 2001 SO4 A S   1 
HETATM 1614 O O1  . SO4 B 2 .   ? -5.941  1.228   -1.305  1.00 46.50  ? 2001 SO4 A O1  1 
HETATM 1615 O O2  . SO4 B 2 .   ? -4.542  2.205   0.444   1.00 45.72  ? 2001 SO4 A O2  1 
HETATM 1616 O O3  . SO4 B 2 .   ? -6.058  0.433   0.963   1.00 47.62  ? 2001 SO4 A O3  1 
HETATM 1617 O O4  . SO4 B 2 .   ? -4.148  0.004   -0.439  1.00 49.34  ? 2001 SO4 A O4  1 
HETATM 1618 S S   . SO4 C 2 .   ? 26.472  -11.394 4.300   1.00 95.59  ? 2002 SO4 A S   1 
HETATM 1619 O O1  . SO4 C 2 .   ? 25.506  -10.339 4.692   1.00 94.54  ? 2002 SO4 A O1  1 
HETATM 1620 O O2  . SO4 C 2 .   ? 27.860  -10.910 4.429   1.00 94.53  ? 2002 SO4 A O2  1 
HETATM 1621 O O3  . SO4 C 2 .   ? 26.281  -12.566 5.179   1.00 95.16  ? 2002 SO4 A O3  1 
HETATM 1622 O O4  . SO4 C 2 .   ? 26.243  -11.791 2.897   1.00 95.40  ? 2002 SO4 A O4  1 
HETATM 1623 S S   . SO4 D 2 .   ? -6.610  -13.614 -5.001  1.00 102.54 ? 2003 SO4 A S   1 
HETATM 1624 O O1  . SO4 D 2 .   ? -7.841  -13.772 -5.806  1.00 101.64 ? 2003 SO4 A O1  1 
HETATM 1625 O O2  . SO4 D 2 .   ? -6.158  -12.206 -5.031  1.00 101.49 ? 2003 SO4 A O2  1 
HETATM 1626 O O3  . SO4 D 2 .   ? -6.904  -13.989 -3.603  1.00 101.85 ? 2003 SO4 A O3  1 
HETATM 1627 O O4  . SO4 D 2 .   ? -5.542  -14.481 -5.556  1.00 101.26 ? 2003 SO4 A O4  1 
HETATM 1628 O O   . HOH E 3 .   ? -10.026 9.038   2.155   1.00 41.48  ? 2004 HOH A O   1 
HETATM 1629 O O   . HOH E 3 .   ? -2.116  -17.130 -4.481  1.00 44.05  ? 2005 HOH A O   1 
HETATM 1630 O O   . HOH E 3 .   ? -4.531  -18.630 -4.621  1.00 48.83  ? 2006 HOH A O   1 
HETATM 1631 O O   . HOH E 3 .   ? -3.360  2.646   -3.334  1.00 37.53  ? 2007 HOH A O   1 
HETATM 1632 O O   . HOH E 3 .   ? -4.051  -0.327  -5.339  1.00 48.83  ? 2008 HOH A O   1 
HETATM 1633 O O   . HOH E 3 .   ? -11.852 11.503  -13.063 1.00 36.30  ? 2009 HOH A O   1 
HETATM 1634 O O   . HOH E 3 .   ? -2.765  -1.802  0.148   1.00 51.76  ? 2010 HOH A O   1 
HETATM 1635 O O   . HOH E 3 .   ? 14.065  -9.087  1.102   1.00 38.71  ? 2011 HOH A O   1 
HETATM 1636 O O   . HOH E 3 .   ? -11.430 -2.735  -9.596  1.00 56.93  ? 2012 HOH A O   1 
HETATM 1637 O O   . HOH E 3 .   ? -6.274  14.354  -0.523  1.00 46.46  ? 2013 HOH A O   1 
HETATM 1638 O O   . HOH E 3 .   ? -5.784  3.460   -6.532  1.00 34.30  ? 2014 HOH A O   1 
HETATM 1639 O O   . HOH E 3 .   ? -15.661 -1.171  2.553   1.00 49.72  ? 2015 HOH A O   1 
HETATM 1640 O O   . HOH E 3 .   ? -11.495 -1.360  -1.372  1.00 43.13  ? 2016 HOH A O   1 
HETATM 1641 O O   . HOH E 3 .   ? -24.457 9.923   -7.086  1.00 51.26  ? 2017 HOH A O   1 
HETATM 1642 O O   . HOH E 3 .   ? -10.571 1.198   -3.005  1.00 40.43  ? 2018 HOH A O   1 
HETATM 1643 O O   . HOH E 3 .   ? 11.881  -2.028  -10.567 1.00 46.67  ? 2019 HOH A O   1 
HETATM 1644 O O   . HOH E 3 .   ? -1.502  -1.791  -7.461  1.00 59.69  ? 2020 HOH A O   1 
HETATM 1645 O O   . HOH E 3 .   ? 3.875   -5.776  -3.417  1.00 46.31  ? 2021 HOH A O   1 
HETATM 1646 O O   . HOH E 3 .   ? -25.073 8.498   -9.460  1.00 51.40  ? 2022 HOH A O   1 
HETATM 1647 O O   . HOH E 3 .   ? -1.698  -2.264  -3.530  1.00 81.02  ? 2023 HOH A O   1 
HETATM 1648 O O   . HOH E 3 .   ? 5.027   -0.616  13.902  1.00 51.50  ? 2024 HOH A O   1 
HETATM 1649 O O   . HOH E 3 .   ? 13.110  -10.263 -0.846  1.00 45.68  ? 2025 HOH A O   1 
HETATM 1650 O O   . HOH E 3 .   ? 6.195   -8.539  -0.333  1.00 50.32  ? 2026 HOH A O   1 
HETATM 1651 O O   . HOH E 3 .   ? -7.945  6.026   -18.359 1.00 58.06  ? 2027 HOH A O   1 
HETATM 1652 O O   . HOH E 3 .   ? -10.065 -0.934  3.012   1.00 50.20  ? 2028 HOH A O   1 
HETATM 1653 O O   . HOH E 3 .   ? 4.353   5.632   -17.542 1.00 55.37  ? 2029 HOH A O   1 
HETATM 1654 O O   . HOH E 3 .   ? -0.900  -8.917  5.063   1.00 39.63  ? 2030 HOH A O   1 
HETATM 1655 O O   . HOH E 3 .   ? -2.982  -15.180 -6.291  1.00 58.02  ? 2031 HOH A O   1 
HETATM 1656 O O   . HOH E 3 .   ? 2.446   10.818  4.447   1.00 59.10  ? 2032 HOH A O   1 
HETATM 1657 O O   . HOH E 3 .   ? 2.090   -0.292  12.624  1.00 54.74  ? 2033 HOH A O   1 
HETATM 1658 O O   . HOH E 3 .   ? -12.163 2.450   -17.466 1.00 56.65  ? 2034 HOH A O   1 
HETATM 1659 O O   . HOH E 3 .   ? -1.875  2.131   1.376   1.00 37.58  ? 2035 HOH A O   1 
HETATM 1660 O O   . HOH E 3 .   ? -17.095 9.807   6.342   1.00 44.32  ? 2036 HOH A O   1 
HETATM 1661 O O   . HOH E 3 .   ? -4.093  8.190   3.790   1.00 46.69  ? 2037 HOH A O   1 
HETATM 1662 O O   . HOH E 3 .   ? 0.093   -3.369  -1.238  1.00 56.37  ? 2038 HOH A O   1 
HETATM 1663 O O   . HOH E 3 .   ? -8.156  10.806  3.963   1.00 61.39  ? 2039 HOH A O   1 
HETATM 1664 O O   . HOH E 3 .   ? -3.276  13.947  0.693   1.00 62.66  ? 2040 HOH A O   1 
HETATM 1665 O O   . HOH E 3 .   ? 14.633  -3.432  -3.298  1.00 47.79  ? 2041 HOH A O   1 
HETATM 1666 O O   . HOH E 3 .   ? -15.963 17.562  2.425   1.00 60.89  ? 2042 HOH A O   1 
HETATM 1667 O O   . HOH E 3 .   ? 0.281   -1.240  -11.527 1.00 52.39  ? 2043 HOH A O   1 
HETATM 1668 O O   . HOH E 3 .   ? 5.116   4.161   -12.199 1.00 53.90  ? 2044 HOH A O   1 
HETATM 1669 O O   . HOH E 3 .   ? 15.127  -5.356  -5.231  1.00 53.31  ? 2045 HOH A O   1 
HETATM 1670 O O   . HOH E 3 .   ? -0.143  -9.419  1.954   1.00 63.97  ? 2046 HOH A O   1 
HETATM 1671 O O   . HOH E 3 .   ? -3.542  1.969   -7.451  1.00 46.44  ? 2047 HOH A O   1 
HETATM 1672 O O   . HOH E 3 .   ? -15.420 14.259  6.008   1.00 43.66  ? 2048 HOH A O   1 
HETATM 1673 O O   . HOH E 3 .   ? -0.296  -6.160  -3.490  1.00 57.35  ? 2049 HOH A O   1 
HETATM 1674 O O   . HOH E 3 .   ? 15.897  -6.988  -0.303  1.00 51.00  ? 2050 HOH A O   1 
HETATM 1675 O O   . HOH E 3 .   ? 20.621  -4.341  -1.874  1.00 54.55  ? 2051 HOH A O   1 
HETATM 1676 O O   . HOH E 3 .   ? 4.102   -2.180  15.634  1.00 55.07  ? 2052 HOH A O   1 
HETATM 1677 O O   . HOH E 3 .   ? -14.763 9.948   6.916   1.00 71.64  ? 2053 HOH A O   1 
HETATM 1678 O O   . HOH E 3 .   ? -13.508 12.392  6.684   1.00 55.00  ? 2054 HOH A O   1 
HETATM 1679 O O   . HOH E 3 .   ? 19.499  0.738   15.180  1.00 48.93  ? 2055 HOH A O   1 
HETATM 1680 O O   . HOH E 3 .   ? -24.731 7.274   0.434   1.00 56.30  ? 2056 HOH A O   1 
HETATM 1681 O O   . HOH E 3 .   ? -5.430  -0.052  -13.755 1.00 64.59  ? 2057 HOH A O   1 
HETATM 1682 O O   . HOH E 3 .   ? 1.547   2.606   -19.678 1.00 68.81  ? 2058 HOH A O   1 
HETATM 1683 O O   . HOH E 3 .   ? 15.200  -4.435  -8.064  1.00 52.14  ? 2059 HOH A O   1 
HETATM 1684 O O   . HOH E 3 .   ? -3.734  -0.169  -9.242  1.00 45.26  ? 2060 HOH A O   1 
HETATM 1685 O O   . HOH E 3 .   ? 17.499  -1.053  -8.823  1.00 71.09  ? 2061 HOH A O   1 
HETATM 1686 O O   . HOH E 3 .   ? -12.389 14.383  -11.720 1.00 51.19  ? 2062 HOH A O   1 
HETATM 1687 O O   . HOH E 3 .   ? 24.050  -5.049  0.946   1.00 50.39  ? 2063 HOH A O   1 
HETATM 1688 O O   . HOH E 3 .   ? -21.192 16.763  -3.615  1.00 53.68  ? 2064 HOH A O   1 
HETATM 1689 O O   . HOH E 3 .   ? -4.020  -24.533 -4.586  1.00 52.97  ? 2065 HOH A O   1 
HETATM 1690 O O   . HOH E 3 .   ? 17.486  -9.337  6.384   1.00 51.58  ? 2066 HOH A O   1 
HETATM 1691 O O   . HOH E 3 .   ? 0.677   15.521  -13.595 1.00 50.42  ? 2067 HOH A O   1 
HETATM 1692 O O   . HOH E 3 .   ? -5.897  1.462   -4.101  1.00 47.40  ? 2068 HOH A O   1 
HETATM 1693 O O   . HOH E 3 .   ? -1.864  0.046   -2.451  1.00 40.98  ? 2069 HOH A O   1 
HETATM 1694 O O   . HOH E 3 .   ? 3.534   10.846  2.050   1.00 53.88  ? 2070 HOH A O   1 
HETATM 1695 O O   . HOH E 3 .   ? 21.485  -3.767  0.318   1.00 45.70  ? 2071 HOH A O   1 
HETATM 1696 O O   . HOH E 3 .   ? 6.397   3.760   13.830  1.00 65.87  ? 2072 HOH A O   1 
HETATM 1697 O O   . HOH E 3 .   ? 4.852   -7.102  -9.119  1.00 57.18  ? 2073 HOH A O   1 
HETATM 1698 O O   . HOH E 3 .   ? -6.561  -16.975 -5.488  1.00 65.30  ? 2074 HOH A O   1 
HETATM 1699 O O   . HOH E 3 .   ? 14.074  -11.821 15.686  1.00 58.49  ? 2075 HOH A O   1 
HETATM 1700 O O   . HOH E 3 .   ? -18.892 8.588   4.247   1.00 49.06  ? 2076 HOH A O   1 
HETATM 1701 O O   . HOH E 3 .   ? -4.223  -18.106 16.987  1.00 65.46  ? 2077 HOH A O   1 
HETATM 1702 O O   . HOH E 3 .   ? 12.357  7.742   12.404  1.00 86.69  ? 2078 HOH A O   1 
HETATM 1703 O O   . HOH E 3 .   ? -8.322  0.107   -4.777  1.00 64.49  ? 2079 HOH A O   1 
HETATM 1704 O O   . HOH E 3 .   ? -4.917  -21.308 5.295   1.00 62.55  ? 2080 HOH A O   1 
HETATM 1705 O O   . HOH E 3 .   ? -10.913 12.029  1.592   1.00 44.15  ? 2081 HOH A O   1 
HETATM 1706 O O   . HOH E 3 .   ? -13.277 3.582   5.796   1.00 47.38  ? 2082 HOH A O   1 
HETATM 1707 O O   . HOH E 3 .   ? 29.922  7.442   7.643   1.00 53.05  ? 2083 HOH A O   1 
HETATM 1708 O O   . HOH E 3 .   ? 3.627   -7.729  -6.547  1.00 58.09  ? 2084 HOH A O   1 
HETATM 1709 O O   . HOH E 3 .   ? 3.143   -24.194 6.973   1.00 67.08  ? 2085 HOH A O   1 
HETATM 1710 O O   . HOH E 3 .   ? -5.005  -1.482  -2.690  1.00 62.41  ? 2086 HOH A O   1 
HETATM 1711 O O   . HOH E 3 .   ? -22.152 -3.794  -20.260 1.00 69.02  ? 2087 HOH A O   1 
HETATM 1712 O O   . HOH E 3 .   ? 1.727   3.752   11.512  1.00 61.96  ? 2088 HOH A O   1 
HETATM 1713 O O   . HOH E 3 .   ? 19.219  -12.203 1.696   1.00 60.18  ? 2089 HOH A O   1 
HETATM 1714 O O   . HOH E 3 .   ? -13.146 8.262   6.593   1.00 43.92  ? 2090 HOH A O   1 
HETATM 1715 O O   . HOH E 3 .   ? -31.435 -0.272  -3.938  1.00 58.24  ? 2091 HOH A O   1 
HETATM 1716 O O   . HOH E 3 .   ? 6.239   -5.056  14.871  1.00 64.19  ? 2092 HOH A O   1 
HETATM 1717 O O   . HOH E 3 .   ? -21.933 -1.534  -16.287 1.00 67.02  ? 2093 HOH A O   1 
HETATM 1718 O O   . HOH E 3 .   ? 4.050   -8.538  -11.264 1.00 59.96  ? 2094 HOH A O   1 
HETATM 1719 O O   . HOH E 3 .   ? -12.186 -29.599 6.941   1.00 67.36  ? 2095 HOH A O   1 
HETATM 1720 O O   . HOH E 3 .   ? 21.364  4.207   15.961  1.00 57.81  ? 2096 HOH A O   1 
HETATM 1721 O O   . HOH E 3 .   ? -2.248  -12.380 1.111   1.00 65.17  ? 2097 HOH A O   1 
HETATM 1722 O O   . HOH E 3 .   ? -4.615  -23.728 -8.075  1.00 64.29  ? 2098 HOH A O   1 
HETATM 1723 O O   . HOH E 3 .   ? -10.679 -5.081  -8.164  1.00 57.38  ? 2099 HOH A O   1 
HETATM 1724 O O   . HOH E 3 .   ? 3.500   18.337  6.324   1.00 62.07  ? 2100 HOH A O   1 
HETATM 1725 O O   . HOH E 3 .   ? 7.028   11.800  7.693   1.00 63.91  ? 2101 HOH A O   1 
HETATM 1726 O O   . HOH E 3 .   ? -14.710 18.646  4.644   1.00 71.15  ? 2102 HOH A O   1 
HETATM 1727 O O   . HOH E 3 .   ? 11.226  12.713  13.918  1.00 71.39  ? 2103 HOH A O   1 
HETATM 1728 O O   . HOH E 3 .   ? -3.375  12.458  6.699   1.00 61.40  ? 2104 HOH A O   1 
HETATM 1729 O O   . HOH E 3 .   ? 6.933   -9.420  17.257  1.00 59.90  ? 2105 HOH A O   1 
HETATM 1730 O O   . HOH E 3 .   ? 7.061   -2.223  -12.865 1.00 65.28  ? 2106 HOH A O   1 
HETATM 1731 O O   . HOH E 3 .   ? 5.534   -24.512 9.830   1.00 69.63  ? 2107 HOH A O   1 
HETATM 1732 O O   . HOH E 3 .   ? -30.879 1.035   -1.743  1.00 58.67  ? 2108 HOH A O   1 
HETATM 1733 O O   . HOH E 3 .   ? -2.740  16.559  0.732   1.00 59.35  ? 2109 HOH A O   1 
HETATM 1734 O O   . HOH E 3 .   ? 3.546   4.854   -14.369 1.00 68.99  ? 2110 HOH A O   1 
HETATM 1735 O O   . HOH E 3 .   ? 4.651   12.462  6.464   1.00 67.96  ? 2111 HOH A O   1 
HETATM 1736 O O   . HOH E 3 .   ? -2.608  4.826   -19.770 1.00 67.32  ? 2112 HOH A O   1 
HETATM 1737 O O   . HOH E 3 .   ? -12.157 11.418  8.728   1.00 69.30  ? 2113 HOH A O   1 
# 
